data_2H1C
# 
_entry.id   2H1C 
# 
_audit_conform.dict_name       mmcif_pdbx.dic 
_audit_conform.dict_version    5.387 
_audit_conform.dict_location   http://mmcif.pdb.org/dictionaries/ascii/mmcif_pdbx.dic 
# 
loop_
_database_2.database_id 
_database_2.database_code 
_database_2.pdbx_database_accession 
_database_2.pdbx_DOI 
PDB   2H1C         pdb_00002h1c 10.2210/pdb2h1c/pdb 
RCSB  RCSB037806   ?            ?                   
WWPDB D_1000037806 ?            ?                   
# 
loop_
_pdbx_audit_revision_history.ordinal 
_pdbx_audit_revision_history.data_content_type 
_pdbx_audit_revision_history.major_revision 
_pdbx_audit_revision_history.minor_revision 
_pdbx_audit_revision_history.revision_date 
1 'Structure model' 1 0 2006-09-26 
2 'Structure model' 1 1 2008-02-06 
3 'Structure model' 1 2 2011-07-13 
4 'Structure model' 1 3 2024-02-14 
# 
_pdbx_audit_revision_details.ordinal             1 
_pdbx_audit_revision_details.revision_ordinal    1 
_pdbx_audit_revision_details.data_content_type   'Structure model' 
_pdbx_audit_revision_details.provider            repository 
_pdbx_audit_revision_details.type                'Initial release' 
_pdbx_audit_revision_details.description         ? 
_pdbx_audit_revision_details.details             ? 
# 
loop_
_pdbx_audit_revision_group.ordinal 
_pdbx_audit_revision_group.revision_ordinal 
_pdbx_audit_revision_group.data_content_type 
_pdbx_audit_revision_group.group 
1 2 'Structure model' 'Version format compliance' 
2 3 'Structure model' 'Derived calculations'      
3 3 'Structure model' 'Version format compliance' 
4 4 'Structure model' 'Data collection'           
5 4 'Structure model' 'Database references'       
6 4 'Structure model' 'Derived calculations'      
# 
loop_
_pdbx_audit_revision_category.ordinal 
_pdbx_audit_revision_category.revision_ordinal 
_pdbx_audit_revision_category.data_content_type 
_pdbx_audit_revision_category.category 
1 4 'Structure model' chem_comp_atom         
2 4 'Structure model' chem_comp_bond         
3 4 'Structure model' database_2             
4 4 'Structure model' pdbx_struct_conn_angle 
5 4 'Structure model' struct_conn            
6 4 'Structure model' struct_ref_seq_dif     
7 4 'Structure model' struct_site            
# 
loop_
_pdbx_audit_revision_item.ordinal 
_pdbx_audit_revision_item.revision_ordinal 
_pdbx_audit_revision_item.data_content_type 
_pdbx_audit_revision_item.item 
1  4 'Structure model' '_database_2.pdbx_DOI'                        
2  4 'Structure model' '_database_2.pdbx_database_accession'         
3  4 'Structure model' '_pdbx_struct_conn_angle.ptnr1_auth_comp_id'  
4  4 'Structure model' '_pdbx_struct_conn_angle.ptnr1_auth_seq_id'   
5  4 'Structure model' '_pdbx_struct_conn_angle.ptnr1_label_asym_id' 
6  4 'Structure model' '_pdbx_struct_conn_angle.ptnr1_label_atom_id' 
7  4 'Structure model' '_pdbx_struct_conn_angle.ptnr1_label_comp_id' 
8  4 'Structure model' '_pdbx_struct_conn_angle.ptnr1_label_seq_id'  
9  4 'Structure model' '_pdbx_struct_conn_angle.ptnr2_auth_seq_id'   
10 4 'Structure model' '_pdbx_struct_conn_angle.ptnr2_label_asym_id' 
11 4 'Structure model' '_pdbx_struct_conn_angle.ptnr3_auth_comp_id'  
12 4 'Structure model' '_pdbx_struct_conn_angle.ptnr3_auth_seq_id'   
13 4 'Structure model' '_pdbx_struct_conn_angle.ptnr3_label_asym_id' 
14 4 'Structure model' '_pdbx_struct_conn_angle.ptnr3_label_atom_id' 
15 4 'Structure model' '_pdbx_struct_conn_angle.ptnr3_label_comp_id' 
16 4 'Structure model' '_pdbx_struct_conn_angle.ptnr3_label_seq_id'  
17 4 'Structure model' '_pdbx_struct_conn_angle.value'               
18 4 'Structure model' '_struct_conn.pdbx_dist_value'                
19 4 'Structure model' '_struct_conn.ptnr1_auth_comp_id'             
20 4 'Structure model' '_struct_conn.ptnr1_auth_seq_id'              
21 4 'Structure model' '_struct_conn.ptnr1_label_asym_id'            
22 4 'Structure model' '_struct_conn.ptnr1_label_atom_id'            
23 4 'Structure model' '_struct_conn.ptnr1_label_comp_id'            
24 4 'Structure model' '_struct_conn.ptnr1_label_seq_id'             
25 4 'Structure model' '_struct_conn.ptnr2_auth_comp_id'             
26 4 'Structure model' '_struct_conn.ptnr2_auth_seq_id'              
27 4 'Structure model' '_struct_conn.ptnr2_label_asym_id'            
28 4 'Structure model' '_struct_conn.ptnr2_label_atom_id'            
29 4 'Structure model' '_struct_conn.ptnr2_label_comp_id'            
30 4 'Structure model' '_struct_conn.ptnr2_label_seq_id'             
31 4 'Structure model' '_struct_ref_seq_dif.details'                 
32 4 'Structure model' '_struct_site.pdbx_auth_asym_id'              
33 4 'Structure model' '_struct_site.pdbx_auth_comp_id'              
34 4 'Structure model' '_struct_site.pdbx_auth_seq_id'               
# 
_pdbx_database_status.entry_id                        2H1C 
_pdbx_database_status.deposit_site                    RCSB 
_pdbx_database_status.process_site                    RCSB 
_pdbx_database_status.recvd_initial_deposition_date   2006-05-16 
_pdbx_database_status.status_code                     REL 
_pdbx_database_status.status_code_sf                  REL 
_pdbx_database_status.status_code_mr                  ? 
_pdbx_database_status.SG_entry                        ? 
_pdbx_database_status.pdb_format_compatible           Y 
_pdbx_database_status.status_code_cs                  ? 
_pdbx_database_status.status_code_nmr_data            ? 
_pdbx_database_status.methods_development_category    ? 
# 
loop_
_audit_author.name 
_audit_author.pdbx_ordinal 
'Mattison, K.'  1 
'Wilbur, J.S.'  2 
'So, M.'        3 
'Brennan, R.G.' 4 
# 
_citation.id                        primary 
_citation.title                     
;Structure of FitAB from Neisseria gonorrhoeae bound to DNA reveals a tetramer of toxin-antitoxin heterodimers containing pin domains and ribbon-helix-helix motifs.
;
_citation.journal_abbrev            J.Biol.Chem. 
_citation.journal_volume            281 
_citation.page_first                37942 
_citation.page_last                 37951 
_citation.year                      2006 
_citation.journal_id_ASTM           JBCHA3 
_citation.country                   US 
_citation.journal_id_ISSN           0021-9258 
_citation.journal_id_CSD            0071 
_citation.book_publisher            ? 
_citation.pdbx_database_id_PubMed   16982615 
_citation.pdbx_database_id_DOI      10.1074/jbc.M605198200 
# 
loop_
_citation_author.citation_id 
_citation_author.name 
_citation_author.ordinal 
_citation_author.identifier_ORCID 
primary 'Mattison, K.'  1 ? 
primary 'Wilbur, J.S.'  2 ? 
primary 'So, M.'        3 ? 
primary 'Brennan, R.G.' 4 ? 
# 
loop_
_entity.id 
_entity.type 
_entity.src_method 
_entity.pdbx_description 
_entity.formula_weight 
_entity.pdbx_number_of_molecules 
_entity.pdbx_ec 
_entity.pdbx_mutation 
_entity.pdbx_fragment 
_entity.details 
1 polymer     man 'Trafficking protein B' 15321.650 1  ? ? ?                 ? 
2 polymer     man 'Trafficking protein A' 1930.253  1  ? ? 'Residues: 46-64' ? 
3 non-polymer syn 'ACETATE ION'           59.044    1  ? ? ?                 ? 
4 non-polymer syn 'SULFATE ION'           96.063    2  ? ? ?                 ? 
5 non-polymer syn 'MAGNESIUM ION'         24.305    3  ? ? ?                 ? 
6 water       nat water                   18.015    89 ? ? ?                 ? 
# 
loop_
_entity_poly.entity_id 
_entity_poly.type 
_entity_poly.nstd_linkage 
_entity_poly.nstd_monomer 
_entity_poly.pdbx_seq_one_letter_code 
_entity_poly.pdbx_seq_one_letter_code_can 
_entity_poly.pdbx_strand_id 
_entity_poly.pdbx_target_identifier 
1 'polypeptide(L)' no no 
;MILLDTNVISEPLRPQPNERVVAWLDSLILEDVYLSAITVAELRLGVALLLNGKKKNVLHERLEQSILPLFAGRILPFDE
PVAAIYAQIRSYAKTHGKEIAAADGYIAATAKQHSLTVATRDTGSFFAADVAVFNPWHL
;
;MILLDTNVISEPLRPQPNERVVAWLDSLILEDVYLSAITVAELRLGVALLLNGKKKNVLHERLEQSILPLFAGRILPFDE
PVAAIYAQIRSYAKTHGKEIAAADGYIAATAKQHSLTVATRDTGSFFAADVAVFNPWHL
;
A ? 
2 'polypeptide(L)' no no VRLGSMLASIGQEIGGVEL VRLGSMLASIGQEIGGVEL B ? 
# 
loop_
_pdbx_entity_nonpoly.entity_id 
_pdbx_entity_nonpoly.name 
_pdbx_entity_nonpoly.comp_id 
3 'ACETATE ION'   ACT 
4 'SULFATE ION'   SO4 
5 'MAGNESIUM ION' MG  
6 water           HOH 
# 
loop_
_entity_poly_seq.entity_id 
_entity_poly_seq.num 
_entity_poly_seq.mon_id 
_entity_poly_seq.hetero 
1 1   MET n 
1 2   ILE n 
1 3   LEU n 
1 4   LEU n 
1 5   ASP n 
1 6   THR n 
1 7   ASN n 
1 8   VAL n 
1 9   ILE n 
1 10  SER n 
1 11  GLU n 
1 12  PRO n 
1 13  LEU n 
1 14  ARG n 
1 15  PRO n 
1 16  GLN n 
1 17  PRO n 
1 18  ASN n 
1 19  GLU n 
1 20  ARG n 
1 21  VAL n 
1 22  VAL n 
1 23  ALA n 
1 24  TRP n 
1 25  LEU n 
1 26  ASP n 
1 27  SER n 
1 28  LEU n 
1 29  ILE n 
1 30  LEU n 
1 31  GLU n 
1 32  ASP n 
1 33  VAL n 
1 34  TYR n 
1 35  LEU n 
1 36  SER n 
1 37  ALA n 
1 38  ILE n 
1 39  THR n 
1 40  VAL n 
1 41  ALA n 
1 42  GLU n 
1 43  LEU n 
1 44  ARG n 
1 45  LEU n 
1 46  GLY n 
1 47  VAL n 
1 48  ALA n 
1 49  LEU n 
1 50  LEU n 
1 51  LEU n 
1 52  ASN n 
1 53  GLY n 
1 54  LYS n 
1 55  LYS n 
1 56  LYS n 
1 57  ASN n 
1 58  VAL n 
1 59  LEU n 
1 60  HIS n 
1 61  GLU n 
1 62  ARG n 
1 63  LEU n 
1 64  GLU n 
1 65  GLN n 
1 66  SER n 
1 67  ILE n 
1 68  LEU n 
1 69  PRO n 
1 70  LEU n 
1 71  PHE n 
1 72  ALA n 
1 73  GLY n 
1 74  ARG n 
1 75  ILE n 
1 76  LEU n 
1 77  PRO n 
1 78  PHE n 
1 79  ASP n 
1 80  GLU n 
1 81  PRO n 
1 82  VAL n 
1 83  ALA n 
1 84  ALA n 
1 85  ILE n 
1 86  TYR n 
1 87  ALA n 
1 88  GLN n 
1 89  ILE n 
1 90  ARG n 
1 91  SER n 
1 92  TYR n 
1 93  ALA n 
1 94  LYS n 
1 95  THR n 
1 96  HIS n 
1 97  GLY n 
1 98  LYS n 
1 99  GLU n 
1 100 ILE n 
1 101 ALA n 
1 102 ALA n 
1 103 ALA n 
1 104 ASP n 
1 105 GLY n 
1 106 TYR n 
1 107 ILE n 
1 108 ALA n 
1 109 ALA n 
1 110 THR n 
1 111 ALA n 
1 112 LYS n 
1 113 GLN n 
1 114 HIS n 
1 115 SER n 
1 116 LEU n 
1 117 THR n 
1 118 VAL n 
1 119 ALA n 
1 120 THR n 
1 121 ARG n 
1 122 ASP n 
1 123 THR n 
1 124 GLY n 
1 125 SER n 
1 126 PHE n 
1 127 PHE n 
1 128 ALA n 
1 129 ALA n 
1 130 ASP n 
1 131 VAL n 
1 132 ALA n 
1 133 VAL n 
1 134 PHE n 
1 135 ASN n 
1 136 PRO n 
1 137 TRP n 
1 138 HIS n 
1 139 LEU n 
2 1   VAL n 
2 2   ARG n 
2 3   LEU n 
2 4   GLY n 
2 5   SER n 
2 6   MET n 
2 7   LEU n 
2 8   ALA n 
2 9   SER n 
2 10  ILE n 
2 11  GLY n 
2 12  GLN n 
2 13  GLU n 
2 14  ILE n 
2 15  GLY n 
2 16  GLY n 
2 17  VAL n 
2 18  GLU n 
2 19  LEU n 
# 
loop_
_entity_src_gen.entity_id 
_entity_src_gen.pdbx_src_id 
_entity_src_gen.pdbx_alt_source_flag 
_entity_src_gen.pdbx_seq_type 
_entity_src_gen.pdbx_beg_seq_num 
_entity_src_gen.pdbx_end_seq_num 
_entity_src_gen.gene_src_common_name 
_entity_src_gen.gene_src_genus 
_entity_src_gen.pdbx_gene_src_gene 
_entity_src_gen.gene_src_species 
_entity_src_gen.gene_src_strain 
_entity_src_gen.gene_src_tissue 
_entity_src_gen.gene_src_tissue_fraction 
_entity_src_gen.gene_src_details 
_entity_src_gen.pdbx_gene_src_fragment 
_entity_src_gen.pdbx_gene_src_scientific_name 
_entity_src_gen.pdbx_gene_src_ncbi_taxonomy_id 
_entity_src_gen.pdbx_gene_src_variant 
_entity_src_gen.pdbx_gene_src_cell_line 
_entity_src_gen.pdbx_gene_src_atcc 
_entity_src_gen.pdbx_gene_src_organ 
_entity_src_gen.pdbx_gene_src_organelle 
_entity_src_gen.pdbx_gene_src_cell 
_entity_src_gen.pdbx_gene_src_cellular_location 
_entity_src_gen.host_org_common_name 
_entity_src_gen.pdbx_host_org_scientific_name 
_entity_src_gen.pdbx_host_org_ncbi_taxonomy_id 
_entity_src_gen.host_org_genus 
_entity_src_gen.pdbx_host_org_gene 
_entity_src_gen.pdbx_host_org_organ 
_entity_src_gen.host_org_species 
_entity_src_gen.pdbx_host_org_tissue 
_entity_src_gen.pdbx_host_org_tissue_fraction 
_entity_src_gen.pdbx_host_org_strain 
_entity_src_gen.pdbx_host_org_variant 
_entity_src_gen.pdbx_host_org_cell_line 
_entity_src_gen.pdbx_host_org_atcc 
_entity_src_gen.pdbx_host_org_culture_collection 
_entity_src_gen.pdbx_host_org_cell 
_entity_src_gen.pdbx_host_org_organelle 
_entity_src_gen.pdbx_host_org_cellular_location 
_entity_src_gen.pdbx_host_org_vector_type 
_entity_src_gen.pdbx_host_org_vector 
_entity_src_gen.host_org_details 
_entity_src_gen.expression_system_id 
_entity_src_gen.plasmid_name 
_entity_src_gen.plasmid_details 
_entity_src_gen.pdbx_description 
1 1 sample ? ? ? ? Neisseria fitB ? ? ? ? ? ? 'Neisseria gonorrhoeae' 485 ? ? ? ? ? ? ? ? 'Escherichia coli BL21' 511693 
Escherichia ? ? 'Escherichia coli' ? ? BL21 ? ? ? ? ? ? ? pET ? ? ? ? ? ? 
2 1 sample ? ? ? ? Neisseria fitA ? ? ? ? ? ? 'Neisseria gonorrhoeae' 485 ? ? ? ? ? ? ? ? 'Escherichia coli'      562    
Escherichia ? ? ?                  ? ? ?    ? ? ? ? ? ? ? ?   ? ? ? ? ? ? 
# 
loop_
_chem_comp.id 
_chem_comp.type 
_chem_comp.mon_nstd_flag 
_chem_comp.name 
_chem_comp.pdbx_synonyms 
_chem_comp.formula 
_chem_comp.formula_weight 
ACT non-polymer         . 'ACETATE ION'   ? 'C2 H3 O2 -1'    59.044  
ALA 'L-peptide linking' y ALANINE         ? 'C3 H7 N O2'     89.093  
ARG 'L-peptide linking' y ARGININE        ? 'C6 H15 N4 O2 1' 175.209 
ASN 'L-peptide linking' y ASPARAGINE      ? 'C4 H8 N2 O3'    132.118 
ASP 'L-peptide linking' y 'ASPARTIC ACID' ? 'C4 H7 N O4'     133.103 
GLN 'L-peptide linking' y GLUTAMINE       ? 'C5 H10 N2 O3'   146.144 
GLU 'L-peptide linking' y 'GLUTAMIC ACID' ? 'C5 H9 N O4'     147.129 
GLY 'peptide linking'   y GLYCINE         ? 'C2 H5 N O2'     75.067  
HIS 'L-peptide linking' y HISTIDINE       ? 'C6 H10 N3 O2 1' 156.162 
HOH non-polymer         . WATER           ? 'H2 O'           18.015  
ILE 'L-peptide linking' y ISOLEUCINE      ? 'C6 H13 N O2'    131.173 
LEU 'L-peptide linking' y LEUCINE         ? 'C6 H13 N O2'    131.173 
LYS 'L-peptide linking' y LYSINE          ? 'C6 H15 N2 O2 1' 147.195 
MET 'L-peptide linking' y METHIONINE      ? 'C5 H11 N O2 S'  149.211 
MG  non-polymer         . 'MAGNESIUM ION' ? 'Mg 2'           24.305  
PHE 'L-peptide linking' y PHENYLALANINE   ? 'C9 H11 N O2'    165.189 
PRO 'L-peptide linking' y PROLINE         ? 'C5 H9 N O2'     115.130 
SER 'L-peptide linking' y SERINE          ? 'C3 H7 N O3'     105.093 
SO4 non-polymer         . 'SULFATE ION'   ? 'O4 S -2'        96.063  
THR 'L-peptide linking' y THREONINE       ? 'C4 H9 N O3'     119.119 
TRP 'L-peptide linking' y TRYPTOPHAN      ? 'C11 H12 N2 O2'  204.225 
TYR 'L-peptide linking' y TYROSINE        ? 'C9 H11 N O3'    181.189 
VAL 'L-peptide linking' y VALINE          ? 'C5 H11 N O2'    117.146 
# 
loop_
_pdbx_poly_seq_scheme.asym_id 
_pdbx_poly_seq_scheme.entity_id 
_pdbx_poly_seq_scheme.seq_id 
_pdbx_poly_seq_scheme.mon_id 
_pdbx_poly_seq_scheme.ndb_seq_num 
_pdbx_poly_seq_scheme.pdb_seq_num 
_pdbx_poly_seq_scheme.auth_seq_num 
_pdbx_poly_seq_scheme.pdb_mon_id 
_pdbx_poly_seq_scheme.auth_mon_id 
_pdbx_poly_seq_scheme.pdb_strand_id 
_pdbx_poly_seq_scheme.pdb_ins_code 
_pdbx_poly_seq_scheme.hetero 
A 1 1   MET 1   1   1   MET MET A . n 
A 1 2   ILE 2   2   2   ILE ILE A . n 
A 1 3   LEU 3   3   3   LEU LEU A . n 
A 1 4   LEU 4   4   4   LEU LEU A . n 
A 1 5   ASP 5   5   5   ASP ASP A . n 
A 1 6   THR 6   6   6   THR THR A . n 
A 1 7   ASN 7   7   7   ASN ASN A . n 
A 1 8   VAL 8   8   8   VAL VAL A . n 
A 1 9   ILE 9   9   9   ILE ILE A . n 
A 1 10  SER 10  10  10  SER SER A . n 
A 1 11  GLU 11  11  11  GLU GLU A . n 
A 1 12  PRO 12  12  12  PRO PRO A . n 
A 1 13  LEU 13  13  13  LEU LEU A . n 
A 1 14  ARG 14  14  14  ARG ARG A . n 
A 1 15  PRO 15  15  15  PRO PRO A . n 
A 1 16  GLN 16  16  16  GLN GLN A . n 
A 1 17  PRO 17  17  17  PRO PRO A . n 
A 1 18  ASN 18  18  18  ASN ASN A . n 
A 1 19  GLU 19  19  19  GLU GLU A . n 
A 1 20  ARG 20  20  20  ARG ARG A . n 
A 1 21  VAL 21  21  21  VAL VAL A . n 
A 1 22  VAL 22  22  22  VAL VAL A . n 
A 1 23  ALA 23  23  23  ALA ALA A . n 
A 1 24  TRP 24  24  24  TRP TRP A . n 
A 1 25  LEU 25  25  25  LEU LEU A . n 
A 1 26  ASP 26  26  26  ASP ASP A . n 
A 1 27  SER 27  27  27  SER SER A . n 
A 1 28  LEU 28  28  28  LEU LEU A . n 
A 1 29  ILE 29  29  29  ILE ILE A . n 
A 1 30  LEU 30  30  30  LEU LEU A . n 
A 1 31  GLU 31  31  31  GLU GLU A . n 
A 1 32  ASP 32  32  32  ASP ASP A . n 
A 1 33  VAL 33  33  33  VAL VAL A . n 
A 1 34  TYR 34  34  34  TYR TYR A . n 
A 1 35  LEU 35  35  35  LEU LEU A . n 
A 1 36  SER 36  36  36  SER SER A . n 
A 1 37  ALA 37  37  37  ALA ALA A . n 
A 1 38  ILE 38  38  38  ILE ILE A . n 
A 1 39  THR 39  39  39  THR THR A . n 
A 1 40  VAL 40  40  40  VAL VAL A . n 
A 1 41  ALA 41  41  41  ALA ALA A . n 
A 1 42  GLU 42  42  42  GLU GLU A . n 
A 1 43  LEU 43  43  43  LEU LEU A . n 
A 1 44  ARG 44  44  44  ARG ARG A . n 
A 1 45  LEU 45  45  45  LEU LEU A . n 
A 1 46  GLY 46  46  46  GLY GLY A . n 
A 1 47  VAL 47  47  47  VAL VAL A . n 
A 1 48  ALA 48  48  48  ALA ALA A . n 
A 1 49  LEU 49  49  49  LEU LEU A . n 
A 1 50  LEU 50  50  50  LEU LEU A . n 
A 1 51  LEU 51  51  51  LEU LEU A . n 
A 1 52  ASN 52  52  52  ASN ASN A . n 
A 1 53  GLY 53  53  53  GLY GLY A . n 
A 1 54  LYS 54  54  54  LYS LYS A . n 
A 1 55  LYS 55  55  55  LYS LYS A . n 
A 1 56  LYS 56  56  56  LYS LYS A . n 
A 1 57  ASN 57  57  57  ASN ASN A . n 
A 1 58  VAL 58  58  58  VAL VAL A . n 
A 1 59  LEU 59  59  59  LEU LEU A . n 
A 1 60  HIS 60  60  60  HIS HIS A . n 
A 1 61  GLU 61  61  61  GLU GLU A . n 
A 1 62  ARG 62  62  62  ARG ARG A . n 
A 1 63  LEU 63  63  63  LEU LEU A . n 
A 1 64  GLU 64  64  64  GLU GLU A . n 
A 1 65  GLN 65  65  65  GLN GLN A . n 
A 1 66  SER 66  66  66  SER SER A . n 
A 1 67  ILE 67  67  67  ILE ILE A . n 
A 1 68  LEU 68  68  68  LEU LEU A . n 
A 1 69  PRO 69  69  69  PRO PRO A . n 
A 1 70  LEU 70  70  70  LEU LEU A . n 
A 1 71  PHE 71  71  71  PHE PHE A . n 
A 1 72  ALA 72  72  72  ALA ALA A . n 
A 1 73  GLY 73  73  73  GLY GLY A . n 
A 1 74  ARG 74  74  74  ARG ARG A . n 
A 1 75  ILE 75  75  75  ILE ILE A . n 
A 1 76  LEU 76  76  76  LEU LEU A . n 
A 1 77  PRO 77  77  77  PRO PRO A . n 
A 1 78  PHE 78  78  78  PHE PHE A . n 
A 1 79  ASP 79  79  79  ASP ASP A . n 
A 1 80  GLU 80  80  80  GLU GLU A . n 
A 1 81  PRO 81  81  81  PRO PRO A . n 
A 1 82  VAL 82  82  82  VAL VAL A . n 
A 1 83  ALA 83  83  83  ALA ALA A . n 
A 1 84  ALA 84  84  84  ALA ALA A . n 
A 1 85  ILE 85  85  85  ILE ILE A . n 
A 1 86  TYR 86  86  86  TYR TYR A . n 
A 1 87  ALA 87  87  87  ALA ALA A . n 
A 1 88  GLN 88  88  88  GLN GLN A . n 
A 1 89  ILE 89  89  89  ILE ILE A . n 
A 1 90  ARG 90  90  90  ARG ARG A . n 
A 1 91  SER 91  91  91  SER SER A . n 
A 1 92  TYR 92  92  92  TYR TYR A . n 
A 1 93  ALA 93  93  93  ALA ALA A . n 
A 1 94  LYS 94  94  94  LYS LYS A . n 
A 1 95  THR 95  95  95  THR THR A . n 
A 1 96  HIS 96  96  96  HIS HIS A . n 
A 1 97  GLY 97  97  97  GLY GLY A . n 
A 1 98  LYS 98  98  98  LYS LYS A . n 
A 1 99  GLU 99  99  99  GLU GLU A . n 
A 1 100 ILE 100 100 100 ILE ILE A . n 
A 1 101 ALA 101 101 101 ALA ALA A . n 
A 1 102 ALA 102 102 102 ALA ALA A . n 
A 1 103 ALA 103 103 103 ALA ALA A . n 
A 1 104 ASP 104 104 104 ASP ASP A . n 
A 1 105 GLY 105 105 105 GLY GLY A . n 
A 1 106 TYR 106 106 106 TYR TYR A . n 
A 1 107 ILE 107 107 107 ILE ILE A . n 
A 1 108 ALA 108 108 108 ALA ALA A . n 
A 1 109 ALA 109 109 109 ALA ALA A . n 
A 1 110 THR 110 110 110 THR THR A . n 
A 1 111 ALA 111 111 111 ALA ALA A . n 
A 1 112 LYS 112 112 112 LYS LYS A . n 
A 1 113 GLN 113 113 113 GLN GLN A . n 
A 1 114 HIS 114 114 114 HIS HIS A . n 
A 1 115 SER 115 115 115 SER SER A . n 
A 1 116 LEU 116 116 116 LEU LEU A . n 
A 1 117 THR 117 117 117 THR THR A . n 
A 1 118 VAL 118 118 118 VAL VAL A . n 
A 1 119 ALA 119 119 119 ALA ALA A . n 
A 1 120 THR 120 120 120 THR THR A . n 
A 1 121 ARG 121 121 121 ARG ARG A . n 
A 1 122 ASP 122 122 122 ASP ASP A . n 
A 1 123 THR 123 123 123 THR THR A . n 
A 1 124 GLY 124 124 124 GLY GLY A . n 
A 1 125 SER 125 125 125 SER SER A . n 
A 1 126 PHE 126 126 126 PHE PHE A . n 
A 1 127 PHE 127 127 127 PHE PHE A . n 
A 1 128 ALA 128 128 128 ALA ALA A . n 
A 1 129 ALA 129 129 129 ALA ALA A . n 
A 1 130 ASP 130 130 130 ASP ASP A . n 
A 1 131 VAL 131 131 131 VAL VAL A . n 
A 1 132 ALA 132 132 132 ALA ALA A . n 
A 1 133 VAL 133 133 133 VAL VAL A . n 
A 1 134 PHE 134 134 134 PHE PHE A . n 
A 1 135 ASN 135 135 135 ASN ASN A . n 
A 1 136 PRO 136 136 136 PRO PRO A . n 
A 1 137 TRP 137 137 137 TRP TRP A . n 
A 1 138 HIS 138 138 138 HIS HIS A . n 
A 1 139 LEU 139 139 139 LEU LEU A . n 
B 2 1   VAL 1   46  46  VAL VAL B . n 
B 2 2   ARG 2   47  47  ARG ARG B . n 
B 2 3   LEU 3   48  48  LEU LEU B . n 
B 2 4   GLY 4   49  49  GLY GLY B . n 
B 2 5   SER 5   50  50  SER SER B . n 
B 2 6   MET 6   51  51  MET MET B . n 
B 2 7   LEU 7   52  52  LEU LEU B . n 
B 2 8   ALA 8   53  53  ALA ALA B . n 
B 2 9   SER 9   54  54  SER SER B . n 
B 2 10  ILE 10  55  55  ILE ILE B . n 
B 2 11  GLY 11  56  56  GLY GLY B . n 
B 2 12  GLN 12  57  57  GLN GLN B . n 
B 2 13  GLU 13  58  58  GLU GLU B . n 
B 2 14  ILE 14  59  59  ILE ILE B . n 
B 2 15  GLY 15  60  60  GLY GLY B . n 
B 2 16  GLY 16  61  61  GLY GLY B . n 
B 2 17  VAL 17  62  62  VAL VAL B . n 
B 2 18  GLU 18  63  63  GLU GLU B . n 
B 2 19  LEU 19  64  64  LEU LEU B . n 
# 
loop_
_pdbx_nonpoly_scheme.asym_id 
_pdbx_nonpoly_scheme.entity_id 
_pdbx_nonpoly_scheme.mon_id 
_pdbx_nonpoly_scheme.ndb_seq_num 
_pdbx_nonpoly_scheme.pdb_seq_num 
_pdbx_nonpoly_scheme.auth_seq_num 
_pdbx_nonpoly_scheme.pdb_mon_id 
_pdbx_nonpoly_scheme.auth_mon_id 
_pdbx_nonpoly_scheme.pdb_strand_id 
_pdbx_nonpoly_scheme.pdb_ins_code 
C 3 ACT 1  140 101 ACT ACT A . 
D 4 SO4 1  201 201 SO4 SO4 A . 
E 4 SO4 1  202 202 SO4 SO4 A . 
F 5 MG  1  203 1   MG  MG  A . 
G 5 MG  1  204 2   MG  MG  A . 
H 5 MG  1  205 3   MG  MG  A . 
I 6 HOH 1  206 4   HOH HOH A . 
I 6 HOH 2  207 6   HOH HOH A . 
I 6 HOH 3  208 7   HOH HOH A . 
I 6 HOH 4  209 8   HOH HOH A . 
I 6 HOH 5  210 9   HOH HOH A . 
I 6 HOH 6  211 10  HOH HOH A . 
I 6 HOH 7  212 11  HOH HOH A . 
I 6 HOH 8  213 13  HOH HOH A . 
I 6 HOH 9  214 14  HOH HOH A . 
I 6 HOH 10 215 15  HOH HOH A . 
I 6 HOH 11 216 16  HOH HOH A . 
I 6 HOH 12 217 17  HOH HOH A . 
I 6 HOH 13 218 18  HOH HOH A . 
I 6 HOH 14 219 19  HOH HOH A . 
I 6 HOH 15 220 20  HOH HOH A . 
I 6 HOH 16 221 21  HOH HOH A . 
I 6 HOH 17 222 22  HOH HOH A . 
I 6 HOH 18 223 23  HOH HOH A . 
I 6 HOH 19 224 24  HOH HOH A . 
I 6 HOH 20 225 25  HOH HOH A . 
I 6 HOH 21 226 26  HOH HOH A . 
I 6 HOH 22 227 27  HOH HOH A . 
I 6 HOH 23 228 28  HOH HOH A . 
I 6 HOH 24 229 29  HOH HOH A . 
I 6 HOH 25 230 30  HOH HOH A . 
I 6 HOH 26 231 31  HOH HOH A . 
I 6 HOH 27 232 32  HOH HOH A . 
I 6 HOH 28 233 33  HOH HOH A . 
I 6 HOH 29 234 34  HOH HOH A . 
I 6 HOH 30 235 35  HOH HOH A . 
I 6 HOH 31 236 36  HOH HOH A . 
I 6 HOH 32 237 37  HOH HOH A . 
I 6 HOH 33 238 38  HOH HOH A . 
I 6 HOH 34 239 39  HOH HOH A . 
I 6 HOH 35 240 40  HOH HOH A . 
I 6 HOH 36 241 41  HOH HOH A . 
I 6 HOH 37 242 42  HOH HOH A . 
I 6 HOH 38 243 44  HOH HOH A . 
I 6 HOH 39 244 45  HOH HOH A . 
I 6 HOH 40 245 46  HOH HOH A . 
I 6 HOH 41 246 47  HOH HOH A . 
I 6 HOH 42 247 48  HOH HOH A . 
I 6 HOH 43 248 49  HOH HOH A . 
I 6 HOH 44 249 50  HOH HOH A . 
I 6 HOH 45 250 51  HOH HOH A . 
I 6 HOH 46 251 52  HOH HOH A . 
I 6 HOH 47 252 53  HOH HOH A . 
I 6 HOH 48 253 54  HOH HOH A . 
I 6 HOH 49 254 55  HOH HOH A . 
I 6 HOH 50 255 57  HOH HOH A . 
I 6 HOH 51 256 58  HOH HOH A . 
I 6 HOH 52 257 59  HOH HOH A . 
I 6 HOH 53 258 60  HOH HOH A . 
I 6 HOH 54 259 61  HOH HOH A . 
I 6 HOH 55 260 62  HOH HOH A . 
I 6 HOH 56 261 63  HOH HOH A . 
I 6 HOH 57 262 64  HOH HOH A . 
I 6 HOH 58 263 65  HOH HOH A . 
I 6 HOH 59 264 66  HOH HOH A . 
I 6 HOH 60 265 67  HOH HOH A . 
I 6 HOH 61 266 68  HOH HOH A . 
I 6 HOH 62 267 69  HOH HOH A . 
I 6 HOH 63 268 70  HOH HOH A . 
I 6 HOH 64 269 71  HOH HOH A . 
I 6 HOH 65 270 72  HOH HOH A . 
I 6 HOH 66 271 73  HOH HOH A . 
I 6 HOH 67 272 75  HOH HOH A . 
I 6 HOH 68 273 76  HOH HOH A . 
I 6 HOH 69 274 77  HOH HOH A . 
I 6 HOH 70 275 78  HOH HOH A . 
I 6 HOH 71 276 79  HOH HOH A . 
I 6 HOH 72 277 82  HOH HOH A . 
I 6 HOH 73 278 83  HOH HOH A . 
I 6 HOH 74 279 84  HOH HOH A . 
I 6 HOH 75 280 85  HOH HOH A . 
I 6 HOH 76 281 86  HOH HOH A . 
I 6 HOH 77 282 87  HOH HOH A . 
I 6 HOH 78 283 88  HOH HOH A . 
I 6 HOH 79 284 89  HOH HOH A . 
I 6 HOH 80 285 90  HOH HOH A . 
I 6 HOH 81 286 91  HOH HOH A . 
I 6 HOH 82 287 92  HOH HOH A . 
J 6 HOH 1  65  5   HOH HOH B . 
J 6 HOH 2  66  12  HOH HOH B . 
J 6 HOH 3  67  43  HOH HOH B . 
J 6 HOH 4  68  56  HOH HOH B . 
J 6 HOH 5  69  74  HOH HOH B . 
J 6 HOH 6  70  80  HOH HOH B . 
J 6 HOH 7  71  81  HOH HOH B . 
# 
loop_
_software.name 
_software.version 
_software.date 
_software.type 
_software.contact_author 
_software.contact_author_email 
_software.classification 
_software.location 
_software.language 
_software.citation_id 
_software.pdbx_ordinal 
CNS         1.1   1998             package 'Axel T. Brunger' axel.brunger@yale.edu    refinement        
http://cns.csb.yale.edu/v1.1/    Fortran_77 ? 1 
PDB_EXTRACT 2.000 'April. 3, 2006' package PDB               sw-help@rcsb.rutgers.edu 'data extraction' 
http://pdb.rutgers.edu/software/ C++        ? 2 
ADSC        .     ?                ?       ?                 ?                        'data collection' ? ?          ? 3 
MOSFLM      .     ?                ?       ?                 ?                        'data reduction'  ? ?          ? 4 
SOLVE       .     ?                ?       ?                 ?                        phasing           ? ?          ? 5 
# 
_cell.entry_id           2H1C 
_cell.length_a           69.970 
_cell.length_b           50.700 
_cell.length_c           48.280 
_cell.angle_alpha        90.00 
_cell.angle_beta         118.55 
_cell.angle_gamma        90.00 
_cell.Z_PDB              4 
_cell.pdbx_unique_axis   ? 
_cell.length_a_esd       ? 
_cell.length_b_esd       ? 
_cell.length_c_esd       ? 
_cell.angle_alpha_esd    ? 
_cell.angle_beta_esd     ? 
_cell.angle_gamma_esd    ? 
# 
_symmetry.entry_id                         2H1C 
_symmetry.space_group_name_H-M             'C 1 2 1' 
_symmetry.pdbx_full_space_group_name_H-M   ? 
_symmetry.cell_setting                     ? 
_symmetry.Int_Tables_number                5 
_symmetry.space_group_name_Hall            ? 
# 
_exptl.crystals_number   1 
_exptl.entry_id          2H1C 
_exptl.method            'X-RAY DIFFRACTION' 
# 
_exptl_crystal.id                    1 
_exptl_crystal.density_Matthews      2.18 
_exptl_crystal.density_meas          ? 
_exptl_crystal.density_percent_sol   43.56 
_exptl_crystal.description           ? 
_exptl_crystal.F_000                 ? 
_exptl_crystal.preparation           ? 
# 
_exptl_crystal_grow.crystal_id      1 
_exptl_crystal_grow.method          'VAPOR DIFFUSION, HANGING DROP' 
_exptl_crystal_grow.pH              4.7 
_exptl_crystal_grow.temp            298 
_exptl_crystal_grow.temp_details    ? 
_exptl_crystal_grow.pdbx_details    
'0.26 M sodium phosphate/citrate pH 4.7 and 2.0 M ammonium sulphate, VAPOR DIFFUSION, HANGING DROP, temperature 298K' 
_exptl_crystal_grow.pdbx_pH_range   . 
# 
loop_
_diffrn.id 
_diffrn.ambient_temp 
_diffrn.ambient_temp_details 
_diffrn.crystal_id 
1   100 ? 1 
2   100 ? 1 
1,2 ?   ? 1 
# 
loop_
_diffrn_detector.diffrn_id 
_diffrn_detector.detector 
_diffrn_detector.type 
_diffrn_detector.pdbx_collection_date 
_diffrn_detector.details 
1 CCD 'ADSC QUANTUM 210' 2005-03-08 ? 
2 CCD 'ADSC QUANTUM 210' 2005-03-08 ? 
# 
loop_
_diffrn_radiation.diffrn_id 
_diffrn_radiation.wavelength_id 
_diffrn_radiation.pdbx_diffrn_protocol 
_diffrn_radiation.monochromator 
_diffrn_radiation.pdbx_monochromatic_or_laue_m_l 
_diffrn_radiation.pdbx_scattering_type 
1 1 'SINGLE WAVELENGTH' 'Double crystal, Si(111)' M x-ray 
2 1 MAD                 'Double crystal, Si(111)' M x-ray 
# 
loop_
_diffrn_radiation_wavelength.id 
_diffrn_radiation_wavelength.wavelength 
_diffrn_radiation_wavelength.wt 
1 1.0000 1.0 
2 0.9796 1.0 
3 0.9686 1.0 
4 0.9794 1.0 
# 
loop_
_diffrn_source.diffrn_id 
_diffrn_source.source 
_diffrn_source.type 
_diffrn_source.pdbx_wavelength 
_diffrn_source.pdbx_wavelength_list 
_diffrn_source.pdbx_synchrotron_site 
_diffrn_source.pdbx_synchrotron_beamline 
1 SYNCHROTRON 'ALS BEAMLINE 8.2.1' ? 1.0000                   ALS 8.2.1 
2 SYNCHROTRON 'ALS BEAMLINE 8.2.1' ? '0.9796, 0.9686, 0.9794' ALS 8.2.1 
# 
_reflns.entry_id                     2H1C 
_reflns.d_resolution_high            1.80 
_reflns.d_resolution_low             39.11 
_reflns.limit_h_max                  34 
_reflns.limit_h_min                  -38 
_reflns.limit_k_max                  28 
_reflns.limit_k_min                  -38 
_reflns.limit_l_max                  26 
_reflns.limit_l_min                  0 
_reflns.number_all                   31002 
_reflns.observed_criterion_sigma_F   0.0 
_reflns.observed_criterion_F_max     855178.06 
_reflns.observed_criterion_F_min     6.800000 
_reflns.B_iso_Wilson_estimate        18.8 
_reflns.observed_criterion_sigma_I   9.7 
_reflns.number_obs                   13340 
_reflns.percent_possible_obs         96.5 
_reflns.pdbx_Rmerge_I_obs            ? 
_reflns.pdbx_Rsym_value              0.055 
_reflns.pdbx_netI_over_sigmaI        ? 
_reflns.pdbx_redundancy              ? 
_reflns.R_free_details               ? 
_reflns.pdbx_chi_squared             ? 
_reflns.pdbx_scaling_rejects         ? 
_reflns.pdbx_ordinal                 1 
_reflns.pdbx_diffrn_id               1,2 
# 
_reflns_shell.d_res_high             1.80 
_reflns_shell.d_res_low              1.90 
_reflns_shell.percent_possible_obs   ? 
_reflns_shell.percent_possible_all   95.3 
_reflns_shell.Rmerge_I_obs           ? 
_reflns_shell.meanI_over_sigI_obs    3.1 
_reflns_shell.pdbx_Rsym_value        0.222 
_reflns_shell.pdbx_redundancy        ? 
_reflns_shell.number_unique_all      13340 
_reflns_shell.number_measured_all    ? 
_reflns_shell.number_measured_obs    ? 
_reflns_shell.number_unique_obs      ? 
_reflns_shell.pdbx_chi_squared       ? 
_reflns_shell.pdbx_ordinal           1 
_reflns_shell.pdbx_diffrn_id         1,2 
# 
_refine.entry_id                                 2H1C 
_refine.ls_number_reflns_all                     13858 
_refine.ls_number_reflns_obs                     13340 
_refine.ls_percent_reflns_obs                    96.3 
_refine.ls_d_res_high                            1.80 
_refine.ls_d_res_low                             39.11 
_refine.B_iso_min                                6.91 
_refine.B_iso_max                                64.77 
_refine.B_iso_mean                               21.76 
_refine.occupancy_min                            1.00 
_refine.occupancy_max                            1.00 
_refine.aniso_B[1][1]                            -3.16 
_refine.aniso_B[2][2]                            1.11 
_refine.aniso_B[3][3]                            2.05 
_refine.aniso_B[1][2]                            0.00 
_refine.aniso_B[1][3]                            -1.88 
_refine.aniso_B[2][3]                            0.00 
_refine.solvent_model_param_bsol                 56.4884 
_refine.solvent_model_param_ksol                 0.409027 
_refine.solvent_model_details                    'CNS bulk solvent model used' 
_refine.ls_R_factor_R_work                       0.191 
_refine.ls_R_factor_R_free                       0.223 
_refine.ls_R_factor_R_free_error                 0.006 
_refine.ls_number_reflns_R_free                  1369 
_refine.ls_percent_reflns_R_free                 10.3 
_refine.details                                  ? 
_refine.pdbx_ls_sigma_F                          0.0 
_refine.pdbx_ls_sigma_I                          ? 
_refine.ls_R_factor_all                          0.223 
_refine.ls_R_factor_obs                          0.223 
_refine.ls_redundancy_reflns_obs                 ? 
_refine.pdbx_data_cutoff_high_absF               ? 
_refine.pdbx_data_cutoff_low_absF                ? 
_refine.ls_number_parameters                     ? 
_refine.ls_number_restraints                     ? 
_refine.ls_R_factor_R_free_error_details         ? 
_refine.pdbx_method_to_determine_struct          MAD 
_refine.pdbx_starting_model                      ? 
_refine.pdbx_ls_cross_valid_method               THROUGHOUT 
_refine.pdbx_R_Free_selection_details            RANDOM 
_refine.pdbx_stereochem_target_val_spec_case     ? 
_refine.pdbx_stereochemistry_target_values       'Engh & Huber' 
_refine.pdbx_isotropic_thermal_model             ? 
_refine.correlation_coeff_Fo_to_Fc               ? 
_refine.correlation_coeff_Fo_to_Fc_free          ? 
_refine.pdbx_solvent_vdw_probe_radii             ? 
_refine.pdbx_solvent_ion_probe_radii             ? 
_refine.pdbx_solvent_shrinkage_radii             ? 
_refine.overall_SU_R_Cruickshank_DPI             ? 
_refine.overall_SU_R_free                        ? 
_refine.overall_SU_ML                            ? 
_refine.overall_SU_B                             ? 
_refine.pdbx_overall_ESU_R_Free                  ? 
_refine.pdbx_data_cutoff_high_rms_absF           ? 
_refine.pdbx_overall_ESU_R                       ? 
_refine.ls_wR_factor_R_free                      ? 
_refine.ls_wR_factor_R_work                      ? 
_refine.overall_FOM_free_R_set                   ? 
_refine.overall_FOM_work_R_set                   ? 
_refine.pdbx_overall_phase_error                 ? 
_refine.pdbx_refine_id                           'X-RAY DIFFRACTION' 
_refine.pdbx_diffrn_id                           1 
_refine.pdbx_TLS_residual_ADP_flag               ? 
_refine.pdbx_overall_SU_R_free_Cruickshank_DPI   ? 
_refine.pdbx_overall_SU_R_Blow_DPI               ? 
_refine.pdbx_overall_SU_R_free_Blow_DPI          ? 
# 
_refine_analyze.entry_id                        2H1C 
_refine_analyze.Luzzati_d_res_low_obs           5.00 
_refine_analyze.pdbx_Luzzati_d_res_high_obs     1.80 
_refine_analyze.Luzzati_coordinate_error_obs    0.18 
_refine_analyze.Luzzati_sigma_a_obs             0.11 
_refine_analyze.Luzzati_coordinate_error_free   0.23 
_refine_analyze.Luzzati_sigma_a_free            0.17 
_refine_analyze.Luzzati_d_res_low_free          ? 
_refine_analyze.number_disordered_residues      ? 
_refine_analyze.occupancy_sum_non_hydrogen      ? 
_refine_analyze.occupancy_sum_hydrogen          ? 
_refine_analyze.pdbx_refine_id                  'X-RAY DIFFRACTION' 
# 
_refine_hist.pdbx_refine_id                   'X-RAY DIFFRACTION' 
_refine_hist.cycle_id                         LAST 
_refine_hist.pdbx_number_atoms_protein        1217 
_refine_hist.pdbx_number_atoms_nucleic_acid   0 
_refine_hist.pdbx_number_atoms_ligand         17 
_refine_hist.number_atoms_solvent             89 
_refine_hist.number_atoms_total               1323 
_refine_hist.d_res_high                       1.80 
_refine_hist.d_res_low                        39.11 
# 
loop_
_refine_ls_restr.type 
_refine_ls_restr.dev_ideal 
_refine_ls_restr.dev_ideal_target 
_refine_ls_restr.number 
_refine_ls_restr.weight 
_refine_ls_restr.pdbx_refine_id 
_refine_ls_restr.pdbx_restraint_function 
x_bond_d           0.007 . ? ? 'X-RAY DIFFRACTION' ? 
x_angle_deg        1.3   . ? ? 'X-RAY DIFFRACTION' ? 
x_torsion_deg      20.5  . ? ? 'X-RAY DIFFRACTION' ? 
x_torsion_impr_deg 0.84  . ? ? 'X-RAY DIFFRACTION' ? 
# 
loop_
_refine_ls_shell.d_res_high 
_refine_ls_shell.d_res_low 
_refine_ls_shell.number_reflns_all 
_refine_ls_shell.number_reflns_obs 
_refine_ls_shell.number_reflns_R_work 
_refine_ls_shell.percent_reflns_obs 
_refine_ls_shell.R_factor_R_work 
_refine_ls_shell.R_factor_R_free 
_refine_ls_shell.R_factor_R_free_error 
_refine_ls_shell.number_reflns_R_free 
_refine_ls_shell.percent_reflns_R_free 
_refine_ls_shell.pdbx_total_number_of_bins_used 
_refine_ls_shell.redundancy_reflns_obs 
_refine_ls_shell.R_factor_all 
_refine_ls_shell.pdbx_refine_id 
1.80 1.88  1716 1630 1473 94.9 0.248 0.268 0.021 157 9.6  . . . 'X-RAY DIFFRACTION' 
1.88 1.98  1705 1659 1483 97.3 0.208 0.263 0.020 176 10.6 . . . 'X-RAY DIFFRACTION' 
1.98 2.11  1740 1697 1514 97.5 0.189 0.24  0.018 183 10.8 . . . 'X-RAY DIFFRACTION' 
2.11 2.27  1722 1677 1523 97.4 0.194 0.255 0.021 154 9.2  . . . 'X-RAY DIFFRACTION' 
2.27 2.50  1731 1684 1510 97.2 0.184 0.234 0.018 174 10.3 . . . 'X-RAY DIFFRACTION' 
2.50 2.86  1746 1692 1509 96.9 0.179 0.219 0.016 183 10.8 . . . 'X-RAY DIFFRACTION' 
2.86 3.60  1731 1656 1480 95.7 0.199 0.23  0.017 176 10.6 . . . 'X-RAY DIFFRACTION' 
3.60 39.11 1783 1645 1479 92.2 0.18  0.187 0.015 166 10.1 . . . 'X-RAY DIFFRACTION' 
# 
_struct.entry_id                  2H1C 
_struct.title                     'Crystal Structure of FitAcB from Neisseria gonorrhoeae' 
_struct.pdbx_model_details        ? 
_struct.pdbx_CASP_flag            ? 
_struct.pdbx_model_type_details   ? 
# 
_struct_keywords.entry_id        2H1C 
_struct_keywords.pdbx_keywords   'GENE REGULATION' 
_struct_keywords.text            'DNA binding, PIN domain, RHH domain, GENE REGULATION' 
# 
loop_
_struct_asym.id 
_struct_asym.pdbx_blank_PDB_chainid_flag 
_struct_asym.pdbx_modified 
_struct_asym.entity_id 
_struct_asym.details 
A N N 1 ? 
B N N 2 ? 
C N N 3 ? 
D N N 4 ? 
E N N 4 ? 
F N N 5 ? 
G N N 5 ? 
H N N 5 ? 
I N N 6 ? 
J N N 6 ? 
# 
loop_
_struct_ref.id 
_struct_ref.db_name 
_struct_ref.db_code 
_struct_ref.pdbx_db_accession 
_struct_ref.entity_id 
_struct_ref.pdbx_align_begin 
_struct_ref.pdbx_seq_one_letter_code 
_struct_ref.pdbx_db_isoform 
1 UNP Q9RF91_NEIGO Q9RF91 1 1  ? ? 
2 UNP Q9RF92_NEIGO Q9RF92 2 46 ? ? 
# 
loop_
_struct_ref_seq.align_id 
_struct_ref_seq.ref_id 
_struct_ref_seq.pdbx_PDB_id_code 
_struct_ref_seq.pdbx_strand_id 
_struct_ref_seq.seq_align_beg 
_struct_ref_seq.pdbx_seq_align_beg_ins_code 
_struct_ref_seq.seq_align_end 
_struct_ref_seq.pdbx_seq_align_end_ins_code 
_struct_ref_seq.pdbx_db_accession 
_struct_ref_seq.db_align_beg 
_struct_ref_seq.pdbx_db_align_beg_ins_code 
_struct_ref_seq.db_align_end 
_struct_ref_seq.pdbx_db_align_end_ins_code 
_struct_ref_seq.pdbx_auth_seq_align_beg 
_struct_ref_seq.pdbx_auth_seq_align_end 
1 1 2H1C A 1 ? 138 ? Q9RF91 1  ? 138 ? 1  138 
2 2 2H1C B 1 ? 19  ? Q9RF92 46 ? 64  ? 46 64  
# 
_struct_ref_seq_dif.align_id                     1 
_struct_ref_seq_dif.pdbx_pdb_id_code             2H1C 
_struct_ref_seq_dif.mon_id                       LEU 
_struct_ref_seq_dif.pdbx_pdb_strand_id           A 
_struct_ref_seq_dif.seq_num                      139 
_struct_ref_seq_dif.pdbx_pdb_ins_code            ? 
_struct_ref_seq_dif.pdbx_seq_db_name             UNP 
_struct_ref_seq_dif.pdbx_seq_db_accession_code   Q9RF91 
_struct_ref_seq_dif.db_mon_id                    ? 
_struct_ref_seq_dif.pdbx_seq_db_seq_num          ? 
_struct_ref_seq_dif.details                      'cloning artifact' 
_struct_ref_seq_dif.pdbx_auth_seq_num            139 
_struct_ref_seq_dif.pdbx_ordinal                 1 
# 
loop_
_pdbx_struct_assembly.id 
_pdbx_struct_assembly.details 
_pdbx_struct_assembly.method_details 
_pdbx_struct_assembly.oligomeric_details 
_pdbx_struct_assembly.oligomeric_count 
1 author_and_software_defined_assembly PISA tetrameric 4 
2 software_defined_assembly            PQS  tetrameric 4 
# 
loop_
_pdbx_struct_assembly_prop.biol_id 
_pdbx_struct_assembly_prop.type 
_pdbx_struct_assembly_prop.value 
_pdbx_struct_assembly_prop.details 
1 'ABSA (A^2)' 7540  ? 
1 MORE         -147  ? 
1 'SSA (A^2)'  14200 ? 
# 
loop_
_pdbx_struct_assembly_gen.assembly_id 
_pdbx_struct_assembly_gen.oper_expression 
_pdbx_struct_assembly_gen.asym_id_list 
1 1,2 A,B,C,D,E,F,G,H,I,J 
2 1,3 A,B,C,D,E,F,G,H,I,J 
# 
loop_
_pdbx_struct_oper_list.id 
_pdbx_struct_oper_list.type 
_pdbx_struct_oper_list.name 
_pdbx_struct_oper_list.symmetry_operation 
_pdbx_struct_oper_list.matrix[1][1] 
_pdbx_struct_oper_list.matrix[1][2] 
_pdbx_struct_oper_list.matrix[1][3] 
_pdbx_struct_oper_list.vector[1] 
_pdbx_struct_oper_list.matrix[2][1] 
_pdbx_struct_oper_list.matrix[2][2] 
_pdbx_struct_oper_list.matrix[2][3] 
_pdbx_struct_oper_list.vector[2] 
_pdbx_struct_oper_list.matrix[3][1] 
_pdbx_struct_oper_list.matrix[3][2] 
_pdbx_struct_oper_list.matrix[3][3] 
_pdbx_struct_oper_list.vector[3] 
1 'identity operation'         1_555 x,y,z       1.0000000000  0.0000000000 0.0000000000  0.0000000000   0.0000000000 1.0000000000  0.0000000000  0.0000000000 0.0000000000  0.0000000000  1.0000000000 0.0000000000  
2 'crystal symmetry operation' 2_555 -x,y,-z     -0.9912077670 0.0641204401 -0.1157399314 -27.3536953912 0.0641204401 -0.5323792191 -0.8440740111 2.8819783546 -0.1157399314 -0.8440740111 0.5235869862 -0.4813061578 
3 'crystal symmetry operation' 2_656 -x+1,y,-z+1 -0.9912077670 0.0641204401 -0.1157399314 35.5521046786  0.0641204401 -0.5323792191 -0.8440740111 5.0638665305 -0.1157399314 -0.8440740111 0.5235869862 5.5061354336 
# 
_struct_biol.id   1 
# 
loop_
_struct_conf.conf_type_id 
_struct_conf.id 
_struct_conf.pdbx_PDB_helix_id 
_struct_conf.beg_label_comp_id 
_struct_conf.beg_label_asym_id 
_struct_conf.beg_label_seq_id 
_struct_conf.pdbx_beg_PDB_ins_code 
_struct_conf.end_label_comp_id 
_struct_conf.end_label_asym_id 
_struct_conf.end_label_seq_id 
_struct_conf.pdbx_end_PDB_ins_code 
_struct_conf.beg_auth_comp_id 
_struct_conf.beg_auth_asym_id 
_struct_conf.beg_auth_seq_id 
_struct_conf.end_auth_comp_id 
_struct_conf.end_auth_asym_id 
_struct_conf.end_auth_seq_id 
_struct_conf.pdbx_PDB_helix_class 
_struct_conf.details 
_struct_conf.pdbx_PDB_helix_length 
HELX_P HELX_P1  1  ASP A 5   ? SER A 10  ? ASP A 5   SER A 10  1 ? 6  
HELX_P HELX_P2  2  GLU A 11  ? ARG A 14  ? GLU A 11  ARG A 14  5 ? 4  
HELX_P HELX_P3  3  ASN A 18  ? LEU A 28  ? ASN A 18  LEU A 28  1 ? 11 
HELX_P HELX_P4  4  ILE A 29  ? GLU A 31  ? ILE A 29  GLU A 31  5 ? 3  
HELX_P HELX_P5  5  ALA A 37  ? LEU A 49  ? ALA A 37  LEU A 49  1 ? 13 
HELX_P HELX_P6  6  ASN A 52  ? SER A 66  ? ASN A 52  SER A 66  1 ? 15 
HELX_P HELX_P7  7  ILE A 67  ? ALA A 72  ? ILE A 67  ALA A 72  5 ? 6  
HELX_P HELX_P8  8  ASP A 79  ? THR A 95  ? ASP A 79  THR A 95  1 ? 17 
HELX_P HELX_P9  9  ALA A 101 ? SER A 115 ? ALA A 101 SER A 115 1 ? 15 
HELX_P HELX_P10 10 THR A 123 ? ALA A 129 ? THR A 123 ALA A 129 1 ? 7  
HELX_P HELX_P11 11 ARG B 2   ? GLY B 15  ? ARG B 47  GLY B 60  1 ? 14 
# 
_struct_conf_type.id          HELX_P 
_struct_conf_type.criteria    ? 
_struct_conf_type.reference   ? 
# 
loop_
_struct_conn.id 
_struct_conn.conn_type_id 
_struct_conn.pdbx_leaving_atom_flag 
_struct_conn.pdbx_PDB_id 
_struct_conn.ptnr1_label_asym_id 
_struct_conn.ptnr1_label_comp_id 
_struct_conn.ptnr1_label_seq_id 
_struct_conn.ptnr1_label_atom_id 
_struct_conn.pdbx_ptnr1_label_alt_id 
_struct_conn.pdbx_ptnr1_PDB_ins_code 
_struct_conn.pdbx_ptnr1_standard_comp_id 
_struct_conn.ptnr1_symmetry 
_struct_conn.ptnr2_label_asym_id 
_struct_conn.ptnr2_label_comp_id 
_struct_conn.ptnr2_label_seq_id 
_struct_conn.ptnr2_label_atom_id 
_struct_conn.pdbx_ptnr2_label_alt_id 
_struct_conn.pdbx_ptnr2_PDB_ins_code 
_struct_conn.ptnr1_auth_asym_id 
_struct_conn.ptnr1_auth_comp_id 
_struct_conn.ptnr1_auth_seq_id 
_struct_conn.ptnr2_auth_asym_id 
_struct_conn.ptnr2_auth_comp_id 
_struct_conn.ptnr2_auth_seq_id 
_struct_conn.ptnr2_symmetry 
_struct_conn.pdbx_ptnr3_label_atom_id 
_struct_conn.pdbx_ptnr3_label_seq_id 
_struct_conn.pdbx_ptnr3_label_comp_id 
_struct_conn.pdbx_ptnr3_label_asym_id 
_struct_conn.pdbx_ptnr3_label_alt_id 
_struct_conn.pdbx_ptnr3_PDB_ins_code 
_struct_conn.details 
_struct_conn.pdbx_dist_value 
_struct_conn.pdbx_value_order 
_struct_conn.pdbx_role 
metalc1  metalc ? ? A LEU 4   O   ? ? ? 1_555 F MG  . MG ? ? A LEU 4   A MG  203 1_555 ? ? ? ? ? ? ? 2.616 ? ? 
metalc2  metalc ? ? A SER 36  N   ? ? ? 1_555 F MG  . MG ? ? A SER 36  A MG  203 1_555 ? ? ? ? ? ? ? 2.868 ? ? 
metalc3  metalc ? ? A SER 36  OG  ? ? ? 1_555 H MG  . MG ? ? A SER 36  A MG  205 1_555 ? ? ? ? ? ? ? 2.595 ? ? 
metalc4  metalc ? ? A THR 39  OG1 ? ? ? 1_555 F MG  . MG ? ? A THR 39  A MG  203 1_555 ? ? ? ? ? ? ? 2.679 ? ? 
metalc5  metalc ? ? A ARG 44  O   ? ? ? 1_555 G MG  . MG ? ? A ARG 44  A MG  204 1_555 ? ? ? ? ? ? ? 2.623 ? ? 
metalc6  metalc ? ? A LEU 76  O   ? ? ? 1_555 H MG  . MG ? ? A LEU 76  A MG  205 1_555 ? ? ? ? ? ? ? 2.948 ? ? 
metalc7  metalc ? ? A THR 110 OG1 ? ? ? 1_555 H MG  . MG ? ? A THR 110 A MG  205 1_555 ? ? ? ? ? ? ? 2.686 ? ? 
metalc8  metalc ? ? G MG  .   MG  ? ? ? 1_555 I HOH . O  ? ? A MG  204 A HOH 210 1_555 ? ? ? ? ? ? ? 2.922 ? ? 
metalc9  metalc ? ? G MG  .   MG  ? ? ? 1_555 I HOH . O  ? ? A MG  204 A HOH 232 1_555 ? ? ? ? ? ? ? 2.868 ? ? 
metalc10 metalc ? ? G MG  .   MG  ? ? ? 1_555 I HOH . O  ? ? A MG  204 A HOH 251 1_555 ? ? ? ? ? ? ? 2.856 ? ? 
# 
_struct_conn_type.id          metalc 
_struct_conn_type.criteria    ? 
_struct_conn_type.reference   ? 
# 
loop_
_pdbx_struct_conn_angle.id 
_pdbx_struct_conn_angle.ptnr1_label_atom_id 
_pdbx_struct_conn_angle.ptnr1_label_alt_id 
_pdbx_struct_conn_angle.ptnr1_label_asym_id 
_pdbx_struct_conn_angle.ptnr1_label_comp_id 
_pdbx_struct_conn_angle.ptnr1_label_seq_id 
_pdbx_struct_conn_angle.ptnr1_auth_atom_id 
_pdbx_struct_conn_angle.ptnr1_auth_asym_id 
_pdbx_struct_conn_angle.ptnr1_auth_comp_id 
_pdbx_struct_conn_angle.ptnr1_auth_seq_id 
_pdbx_struct_conn_angle.ptnr1_PDB_ins_code 
_pdbx_struct_conn_angle.ptnr1_symmetry 
_pdbx_struct_conn_angle.ptnr2_label_atom_id 
_pdbx_struct_conn_angle.ptnr2_label_alt_id 
_pdbx_struct_conn_angle.ptnr2_label_asym_id 
_pdbx_struct_conn_angle.ptnr2_label_comp_id 
_pdbx_struct_conn_angle.ptnr2_label_seq_id 
_pdbx_struct_conn_angle.ptnr2_auth_atom_id 
_pdbx_struct_conn_angle.ptnr2_auth_asym_id 
_pdbx_struct_conn_angle.ptnr2_auth_comp_id 
_pdbx_struct_conn_angle.ptnr2_auth_seq_id 
_pdbx_struct_conn_angle.ptnr2_PDB_ins_code 
_pdbx_struct_conn_angle.ptnr2_symmetry 
_pdbx_struct_conn_angle.ptnr3_label_atom_id 
_pdbx_struct_conn_angle.ptnr3_label_alt_id 
_pdbx_struct_conn_angle.ptnr3_label_asym_id 
_pdbx_struct_conn_angle.ptnr3_label_comp_id 
_pdbx_struct_conn_angle.ptnr3_label_seq_id 
_pdbx_struct_conn_angle.ptnr3_auth_atom_id 
_pdbx_struct_conn_angle.ptnr3_auth_asym_id 
_pdbx_struct_conn_angle.ptnr3_auth_comp_id 
_pdbx_struct_conn_angle.ptnr3_auth_seq_id 
_pdbx_struct_conn_angle.ptnr3_PDB_ins_code 
_pdbx_struct_conn_angle.ptnr3_symmetry 
_pdbx_struct_conn_angle.value 
_pdbx_struct_conn_angle.value_esd 
1  O  ? A LEU 4  ? A LEU 4   ? 1_555 MG ? F MG . ? A MG 203 ? 1_555 N   ? A SER 36  ? A SER 36  ? 1_555 133.7 ? 
2  O  ? A LEU 4  ? A LEU 4   ? 1_555 MG ? F MG . ? A MG 203 ? 1_555 OG1 ? A THR 39  ? A THR 39  ? 1_555 97.2  ? 
3  N  ? A SER 36 ? A SER 36  ? 1_555 MG ? F MG . ? A MG 203 ? 1_555 OG1 ? A THR 39  ? A THR 39  ? 1_555 101.0 ? 
4  OG ? A SER 36 ? A SER 36  ? 1_555 MG ? H MG . ? A MG 205 ? 1_555 O   ? A LEU 76  ? A LEU 76  ? 1_555 93.6  ? 
5  OG ? A SER 36 ? A SER 36  ? 1_555 MG ? H MG . ? A MG 205 ? 1_555 OG1 ? A THR 110 ? A THR 110 ? 1_555 103.0 ? 
6  O  ? A LEU 76 ? A LEU 76  ? 1_555 MG ? H MG . ? A MG 205 ? 1_555 OG1 ? A THR 110 ? A THR 110 ? 1_555 129.9 ? 
7  O  ? A ARG 44 ? A ARG 44  ? 1_555 MG ? G MG . ? A MG 204 ? 1_555 O   ? I HOH .   ? A HOH 210 ? 1_555 127.1 ? 
8  O  ? A ARG 44 ? A ARG 44  ? 1_555 MG ? G MG . ? A MG 204 ? 1_555 O   ? I HOH .   ? A HOH 232 ? 1_555 96.7  ? 
9  O  ? I HOH .  ? A HOH 210 ? 1_555 MG ? G MG . ? A MG 204 ? 1_555 O   ? I HOH .   ? A HOH 232 ? 1_555 120.9 ? 
10 O  ? A ARG 44 ? A ARG 44  ? 1_555 MG ? G MG . ? A MG 204 ? 1_555 O   ? I HOH .   ? A HOH 251 ? 1_555 122.0 ? 
11 O  ? I HOH .  ? A HOH 210 ? 1_555 MG ? G MG . ? A MG 204 ? 1_555 O   ? I HOH .   ? A HOH 251 ? 1_555 96.5  ? 
12 O  ? I HOH .  ? A HOH 232 ? 1_555 MG ? G MG . ? A MG 204 ? 1_555 O   ? I HOH .   ? A HOH 251 ? 1_555 88.8  ? 
# 
_struct_sheet.id               A 
_struct_sheet.type             ? 
_struct_sheet.number_strands   5 
_struct_sheet.details          ? 
# 
loop_
_struct_sheet_order.sheet_id 
_struct_sheet_order.range_id_1 
_struct_sheet_order.range_id_2 
_struct_sheet_order.offset 
_struct_sheet_order.sense 
A 1 2 ? parallel 
A 2 3 ? parallel 
A 3 4 ? parallel 
A 4 5 ? parallel 
# 
loop_
_struct_sheet_range.sheet_id 
_struct_sheet_range.id 
_struct_sheet_range.beg_label_comp_id 
_struct_sheet_range.beg_label_asym_id 
_struct_sheet_range.beg_label_seq_id 
_struct_sheet_range.pdbx_beg_PDB_ins_code 
_struct_sheet_range.end_label_comp_id 
_struct_sheet_range.end_label_asym_id 
_struct_sheet_range.end_label_seq_id 
_struct_sheet_range.pdbx_end_PDB_ins_code 
_struct_sheet_range.beg_auth_comp_id 
_struct_sheet_range.beg_auth_asym_id 
_struct_sheet_range.beg_auth_seq_id 
_struct_sheet_range.end_auth_comp_id 
_struct_sheet_range.end_auth_asym_id 
_struct_sheet_range.end_auth_seq_id 
A 1 ILE A 75  ? LEU A 76  ? ILE A 75  LEU A 76  
A 2 VAL A 33  ? SER A 36  ? VAL A 33  SER A 36  
A 3 ILE A 2   ? LEU A 4   ? ILE A 2   LEU A 4   
A 4 THR A 117 ? ALA A 119 ? THR A 117 ALA A 119 
A 5 VAL A 133 ? PHE A 134 ? VAL A 133 PHE A 134 
# 
loop_
_pdbx_struct_sheet_hbond.sheet_id 
_pdbx_struct_sheet_hbond.range_id_1 
_pdbx_struct_sheet_hbond.range_id_2 
_pdbx_struct_sheet_hbond.range_1_label_atom_id 
_pdbx_struct_sheet_hbond.range_1_label_comp_id 
_pdbx_struct_sheet_hbond.range_1_label_asym_id 
_pdbx_struct_sheet_hbond.range_1_label_seq_id 
_pdbx_struct_sheet_hbond.range_1_PDB_ins_code 
_pdbx_struct_sheet_hbond.range_1_auth_atom_id 
_pdbx_struct_sheet_hbond.range_1_auth_comp_id 
_pdbx_struct_sheet_hbond.range_1_auth_asym_id 
_pdbx_struct_sheet_hbond.range_1_auth_seq_id 
_pdbx_struct_sheet_hbond.range_2_label_atom_id 
_pdbx_struct_sheet_hbond.range_2_label_comp_id 
_pdbx_struct_sheet_hbond.range_2_label_asym_id 
_pdbx_struct_sheet_hbond.range_2_label_seq_id 
_pdbx_struct_sheet_hbond.range_2_PDB_ins_code 
_pdbx_struct_sheet_hbond.range_2_auth_atom_id 
_pdbx_struct_sheet_hbond.range_2_auth_comp_id 
_pdbx_struct_sheet_hbond.range_2_auth_asym_id 
_pdbx_struct_sheet_hbond.range_2_auth_seq_id 
A 1 2 O LEU A 76  ? O LEU A 76  N LEU A 35  ? N LEU A 35  
A 2 3 O TYR A 34  ? O TYR A 34  N ILE A 2   ? N ILE A 2   
A 3 4 N LEU A 3   ? N LEU A 3   O THR A 117 ? O THR A 117 
A 4 5 N VAL A 118 ? N VAL A 118 O PHE A 134 ? O PHE A 134 
# 
loop_
_struct_site.id 
_struct_site.pdbx_evidence_code 
_struct_site.pdbx_auth_asym_id 
_struct_site.pdbx_auth_comp_id 
_struct_site.pdbx_auth_seq_id 
_struct_site.pdbx_auth_ins_code 
_struct_site.pdbx_num_residues 
_struct_site.details 
AC1 Software A ACT 140 ? 4 'BINDING SITE FOR RESIDUE ACT A 140' 
AC2 Software A SO4 201 ? 4 'BINDING SITE FOR RESIDUE SO4 A 201' 
AC3 Software A SO4 202 ? 5 'BINDING SITE FOR RESIDUE SO4 A 202' 
AC4 Software A MG  203 ? 4 'BINDING SITE FOR RESIDUE MG A 203'  
AC5 Software A MG  204 ? 4 'BINDING SITE FOR RESIDUE MG A 204'  
AC6 Software A MG  205 ? 5 'BINDING SITE FOR RESIDUE MG A 205'  
# 
loop_
_struct_site_gen.id 
_struct_site_gen.site_id 
_struct_site_gen.pdbx_num_res 
_struct_site_gen.label_comp_id 
_struct_site_gen.label_asym_id 
_struct_site_gen.label_seq_id 
_struct_site_gen.pdbx_auth_ins_code 
_struct_site_gen.auth_comp_id 
_struct_site_gen.auth_asym_id 
_struct_site_gen.auth_seq_id 
_struct_site_gen.label_atom_id 
_struct_site_gen.label_alt_id 
_struct_site_gen.symmetry 
_struct_site_gen.details 
1  AC1 4 LEU A 50  ? LEU A 50  . ? 1_555 ? 
2  AC1 4 LEU A 51  ? LEU A 51  . ? 1_555 ? 
3  AC1 4 ASN A 52  ? ASN A 52  . ? 1_555 ? 
4  AC1 4 HOH I .   ? HOH A 252 . ? 4_555 ? 
5  AC2 4 ARG A 14  ? ARG A 14  . ? 1_555 ? 
6  AC2 4 ARG A 121 ? ARG A 121 . ? 1_555 ? 
7  AC2 4 HOH I .   ? HOH A 255 . ? 1_555 ? 
8  AC2 4 HOH I .   ? HOH A 277 . ? 1_555 ? 
9  AC3 5 ARG A 20  ? ARG A 20  . ? 1_555 ? 
10 AC3 5 TYR A 34  ? TYR A 34  . ? 4_556 ? 
11 AC3 5 HIS A 138 ? HIS A 138 . ? 1_555 ? 
12 AC3 5 LEU A 139 ? LEU A 139 . ? 1_555 ? 
13 AC3 5 HOH I .   ? HOH A 275 . ? 4_556 ? 
14 AC4 4 LEU A 3   ? LEU A 3   . ? 1_555 ? 
15 AC4 4 LEU A 4   ? LEU A 4   . ? 1_555 ? 
16 AC4 4 SER A 36  ? SER A 36  . ? 1_555 ? 
17 AC4 4 THR A 39  ? THR A 39  . ? 1_555 ? 
18 AC5 4 ARG A 44  ? ARG A 44  . ? 1_555 ? 
19 AC5 4 HOH I .   ? HOH A 210 . ? 1_555 ? 
20 AC5 4 HOH I .   ? HOH A 232 . ? 1_555 ? 
21 AC5 4 HOH I .   ? HOH A 251 . ? 1_555 ? 
22 AC6 5 SER A 36  ? SER A 36  . ? 1_555 ? 
23 AC6 5 LEU A 76  ? LEU A 76  . ? 1_555 ? 
24 AC6 5 PRO A 77  ? PRO A 77  . ? 1_555 ? 
25 AC6 5 PHE A 78  ? PHE A 78  . ? 1_555 ? 
26 AC6 5 THR A 110 ? THR A 110 . ? 1_555 ? 
# 
loop_
_chem_comp_atom.comp_id 
_chem_comp_atom.atom_id 
_chem_comp_atom.type_symbol 
_chem_comp_atom.pdbx_aromatic_flag 
_chem_comp_atom.pdbx_stereo_config 
_chem_comp_atom.pdbx_ordinal 
ACT C    C  N N 1   
ACT O    O  N N 2   
ACT OXT  O  N N 3   
ACT CH3  C  N N 4   
ACT H1   H  N N 5   
ACT H2   H  N N 6   
ACT H3   H  N N 7   
ALA N    N  N N 8   
ALA CA   C  N S 9   
ALA C    C  N N 10  
ALA O    O  N N 11  
ALA CB   C  N N 12  
ALA OXT  O  N N 13  
ALA H    H  N N 14  
ALA H2   H  N N 15  
ALA HA   H  N N 16  
ALA HB1  H  N N 17  
ALA HB2  H  N N 18  
ALA HB3  H  N N 19  
ALA HXT  H  N N 20  
ARG N    N  N N 21  
ARG CA   C  N S 22  
ARG C    C  N N 23  
ARG O    O  N N 24  
ARG CB   C  N N 25  
ARG CG   C  N N 26  
ARG CD   C  N N 27  
ARG NE   N  N N 28  
ARG CZ   C  N N 29  
ARG NH1  N  N N 30  
ARG NH2  N  N N 31  
ARG OXT  O  N N 32  
ARG H    H  N N 33  
ARG H2   H  N N 34  
ARG HA   H  N N 35  
ARG HB2  H  N N 36  
ARG HB3  H  N N 37  
ARG HG2  H  N N 38  
ARG HG3  H  N N 39  
ARG HD2  H  N N 40  
ARG HD3  H  N N 41  
ARG HE   H  N N 42  
ARG HH11 H  N N 43  
ARG HH12 H  N N 44  
ARG HH21 H  N N 45  
ARG HH22 H  N N 46  
ARG HXT  H  N N 47  
ASN N    N  N N 48  
ASN CA   C  N S 49  
ASN C    C  N N 50  
ASN O    O  N N 51  
ASN CB   C  N N 52  
ASN CG   C  N N 53  
ASN OD1  O  N N 54  
ASN ND2  N  N N 55  
ASN OXT  O  N N 56  
ASN H    H  N N 57  
ASN H2   H  N N 58  
ASN HA   H  N N 59  
ASN HB2  H  N N 60  
ASN HB3  H  N N 61  
ASN HD21 H  N N 62  
ASN HD22 H  N N 63  
ASN HXT  H  N N 64  
ASP N    N  N N 65  
ASP CA   C  N S 66  
ASP C    C  N N 67  
ASP O    O  N N 68  
ASP CB   C  N N 69  
ASP CG   C  N N 70  
ASP OD1  O  N N 71  
ASP OD2  O  N N 72  
ASP OXT  O  N N 73  
ASP H    H  N N 74  
ASP H2   H  N N 75  
ASP HA   H  N N 76  
ASP HB2  H  N N 77  
ASP HB3  H  N N 78  
ASP HD2  H  N N 79  
ASP HXT  H  N N 80  
GLN N    N  N N 81  
GLN CA   C  N S 82  
GLN C    C  N N 83  
GLN O    O  N N 84  
GLN CB   C  N N 85  
GLN CG   C  N N 86  
GLN CD   C  N N 87  
GLN OE1  O  N N 88  
GLN NE2  N  N N 89  
GLN OXT  O  N N 90  
GLN H    H  N N 91  
GLN H2   H  N N 92  
GLN HA   H  N N 93  
GLN HB2  H  N N 94  
GLN HB3  H  N N 95  
GLN HG2  H  N N 96  
GLN HG3  H  N N 97  
GLN HE21 H  N N 98  
GLN HE22 H  N N 99  
GLN HXT  H  N N 100 
GLU N    N  N N 101 
GLU CA   C  N S 102 
GLU C    C  N N 103 
GLU O    O  N N 104 
GLU CB   C  N N 105 
GLU CG   C  N N 106 
GLU CD   C  N N 107 
GLU OE1  O  N N 108 
GLU OE2  O  N N 109 
GLU OXT  O  N N 110 
GLU H    H  N N 111 
GLU H2   H  N N 112 
GLU HA   H  N N 113 
GLU HB2  H  N N 114 
GLU HB3  H  N N 115 
GLU HG2  H  N N 116 
GLU HG3  H  N N 117 
GLU HE2  H  N N 118 
GLU HXT  H  N N 119 
GLY N    N  N N 120 
GLY CA   C  N N 121 
GLY C    C  N N 122 
GLY O    O  N N 123 
GLY OXT  O  N N 124 
GLY H    H  N N 125 
GLY H2   H  N N 126 
GLY HA2  H  N N 127 
GLY HA3  H  N N 128 
GLY HXT  H  N N 129 
HIS N    N  N N 130 
HIS CA   C  N S 131 
HIS C    C  N N 132 
HIS O    O  N N 133 
HIS CB   C  N N 134 
HIS CG   C  Y N 135 
HIS ND1  N  Y N 136 
HIS CD2  C  Y N 137 
HIS CE1  C  Y N 138 
HIS NE2  N  Y N 139 
HIS OXT  O  N N 140 
HIS H    H  N N 141 
HIS H2   H  N N 142 
HIS HA   H  N N 143 
HIS HB2  H  N N 144 
HIS HB3  H  N N 145 
HIS HD1  H  N N 146 
HIS HD2  H  N N 147 
HIS HE1  H  N N 148 
HIS HE2  H  N N 149 
HIS HXT  H  N N 150 
HOH O    O  N N 151 
HOH H1   H  N N 152 
HOH H2   H  N N 153 
ILE N    N  N N 154 
ILE CA   C  N S 155 
ILE C    C  N N 156 
ILE O    O  N N 157 
ILE CB   C  N S 158 
ILE CG1  C  N N 159 
ILE CG2  C  N N 160 
ILE CD1  C  N N 161 
ILE OXT  O  N N 162 
ILE H    H  N N 163 
ILE H2   H  N N 164 
ILE HA   H  N N 165 
ILE HB   H  N N 166 
ILE HG12 H  N N 167 
ILE HG13 H  N N 168 
ILE HG21 H  N N 169 
ILE HG22 H  N N 170 
ILE HG23 H  N N 171 
ILE HD11 H  N N 172 
ILE HD12 H  N N 173 
ILE HD13 H  N N 174 
ILE HXT  H  N N 175 
LEU N    N  N N 176 
LEU CA   C  N S 177 
LEU C    C  N N 178 
LEU O    O  N N 179 
LEU CB   C  N N 180 
LEU CG   C  N N 181 
LEU CD1  C  N N 182 
LEU CD2  C  N N 183 
LEU OXT  O  N N 184 
LEU H    H  N N 185 
LEU H2   H  N N 186 
LEU HA   H  N N 187 
LEU HB2  H  N N 188 
LEU HB3  H  N N 189 
LEU HG   H  N N 190 
LEU HD11 H  N N 191 
LEU HD12 H  N N 192 
LEU HD13 H  N N 193 
LEU HD21 H  N N 194 
LEU HD22 H  N N 195 
LEU HD23 H  N N 196 
LEU HXT  H  N N 197 
LYS N    N  N N 198 
LYS CA   C  N S 199 
LYS C    C  N N 200 
LYS O    O  N N 201 
LYS CB   C  N N 202 
LYS CG   C  N N 203 
LYS CD   C  N N 204 
LYS CE   C  N N 205 
LYS NZ   N  N N 206 
LYS OXT  O  N N 207 
LYS H    H  N N 208 
LYS H2   H  N N 209 
LYS HA   H  N N 210 
LYS HB2  H  N N 211 
LYS HB3  H  N N 212 
LYS HG2  H  N N 213 
LYS HG3  H  N N 214 
LYS HD2  H  N N 215 
LYS HD3  H  N N 216 
LYS HE2  H  N N 217 
LYS HE3  H  N N 218 
LYS HZ1  H  N N 219 
LYS HZ2  H  N N 220 
LYS HZ3  H  N N 221 
LYS HXT  H  N N 222 
MET N    N  N N 223 
MET CA   C  N S 224 
MET C    C  N N 225 
MET O    O  N N 226 
MET CB   C  N N 227 
MET CG   C  N N 228 
MET SD   S  N N 229 
MET CE   C  N N 230 
MET OXT  O  N N 231 
MET H    H  N N 232 
MET H2   H  N N 233 
MET HA   H  N N 234 
MET HB2  H  N N 235 
MET HB3  H  N N 236 
MET HG2  H  N N 237 
MET HG3  H  N N 238 
MET HE1  H  N N 239 
MET HE2  H  N N 240 
MET HE3  H  N N 241 
MET HXT  H  N N 242 
MG  MG   MG N N 243 
PHE N    N  N N 244 
PHE CA   C  N S 245 
PHE C    C  N N 246 
PHE O    O  N N 247 
PHE CB   C  N N 248 
PHE CG   C  Y N 249 
PHE CD1  C  Y N 250 
PHE CD2  C  Y N 251 
PHE CE1  C  Y N 252 
PHE CE2  C  Y N 253 
PHE CZ   C  Y N 254 
PHE OXT  O  N N 255 
PHE H    H  N N 256 
PHE H2   H  N N 257 
PHE HA   H  N N 258 
PHE HB2  H  N N 259 
PHE HB3  H  N N 260 
PHE HD1  H  N N 261 
PHE HD2  H  N N 262 
PHE HE1  H  N N 263 
PHE HE2  H  N N 264 
PHE HZ   H  N N 265 
PHE HXT  H  N N 266 
PRO N    N  N N 267 
PRO CA   C  N S 268 
PRO C    C  N N 269 
PRO O    O  N N 270 
PRO CB   C  N N 271 
PRO CG   C  N N 272 
PRO CD   C  N N 273 
PRO OXT  O  N N 274 
PRO H    H  N N 275 
PRO HA   H  N N 276 
PRO HB2  H  N N 277 
PRO HB3  H  N N 278 
PRO HG2  H  N N 279 
PRO HG3  H  N N 280 
PRO HD2  H  N N 281 
PRO HD3  H  N N 282 
PRO HXT  H  N N 283 
SER N    N  N N 284 
SER CA   C  N S 285 
SER C    C  N N 286 
SER O    O  N N 287 
SER CB   C  N N 288 
SER OG   O  N N 289 
SER OXT  O  N N 290 
SER H    H  N N 291 
SER H2   H  N N 292 
SER HA   H  N N 293 
SER HB2  H  N N 294 
SER HB3  H  N N 295 
SER HG   H  N N 296 
SER HXT  H  N N 297 
SO4 S    S  N N 298 
SO4 O1   O  N N 299 
SO4 O2   O  N N 300 
SO4 O3   O  N N 301 
SO4 O4   O  N N 302 
THR N    N  N N 303 
THR CA   C  N S 304 
THR C    C  N N 305 
THR O    O  N N 306 
THR CB   C  N R 307 
THR OG1  O  N N 308 
THR CG2  C  N N 309 
THR OXT  O  N N 310 
THR H    H  N N 311 
THR H2   H  N N 312 
THR HA   H  N N 313 
THR HB   H  N N 314 
THR HG1  H  N N 315 
THR HG21 H  N N 316 
THR HG22 H  N N 317 
THR HG23 H  N N 318 
THR HXT  H  N N 319 
TRP N    N  N N 320 
TRP CA   C  N S 321 
TRP C    C  N N 322 
TRP O    O  N N 323 
TRP CB   C  N N 324 
TRP CG   C  Y N 325 
TRP CD1  C  Y N 326 
TRP CD2  C  Y N 327 
TRP NE1  N  Y N 328 
TRP CE2  C  Y N 329 
TRP CE3  C  Y N 330 
TRP CZ2  C  Y N 331 
TRP CZ3  C  Y N 332 
TRP CH2  C  Y N 333 
TRP OXT  O  N N 334 
TRP H    H  N N 335 
TRP H2   H  N N 336 
TRP HA   H  N N 337 
TRP HB2  H  N N 338 
TRP HB3  H  N N 339 
TRP HD1  H  N N 340 
TRP HE1  H  N N 341 
TRP HE3  H  N N 342 
TRP HZ2  H  N N 343 
TRP HZ3  H  N N 344 
TRP HH2  H  N N 345 
TRP HXT  H  N N 346 
TYR N    N  N N 347 
TYR CA   C  N S 348 
TYR C    C  N N 349 
TYR O    O  N N 350 
TYR CB   C  N N 351 
TYR CG   C  Y N 352 
TYR CD1  C  Y N 353 
TYR CD2  C  Y N 354 
TYR CE1  C  Y N 355 
TYR CE2  C  Y N 356 
TYR CZ   C  Y N 357 
TYR OH   O  N N 358 
TYR OXT  O  N N 359 
TYR H    H  N N 360 
TYR H2   H  N N 361 
TYR HA   H  N N 362 
TYR HB2  H  N N 363 
TYR HB3  H  N N 364 
TYR HD1  H  N N 365 
TYR HD2  H  N N 366 
TYR HE1  H  N N 367 
TYR HE2  H  N N 368 
TYR HH   H  N N 369 
TYR HXT  H  N N 370 
VAL N    N  N N 371 
VAL CA   C  N S 372 
VAL C    C  N N 373 
VAL O    O  N N 374 
VAL CB   C  N N 375 
VAL CG1  C  N N 376 
VAL CG2  C  N N 377 
VAL OXT  O  N N 378 
VAL H    H  N N 379 
VAL H2   H  N N 380 
VAL HA   H  N N 381 
VAL HB   H  N N 382 
VAL HG11 H  N N 383 
VAL HG12 H  N N 384 
VAL HG13 H  N N 385 
VAL HG21 H  N N 386 
VAL HG22 H  N N 387 
VAL HG23 H  N N 388 
VAL HXT  H  N N 389 
# 
loop_
_chem_comp_bond.comp_id 
_chem_comp_bond.atom_id_1 
_chem_comp_bond.atom_id_2 
_chem_comp_bond.value_order 
_chem_comp_bond.pdbx_aromatic_flag 
_chem_comp_bond.pdbx_stereo_config 
_chem_comp_bond.pdbx_ordinal 
ACT C   O    doub N N 1   
ACT C   OXT  sing N N 2   
ACT C   CH3  sing N N 3   
ACT CH3 H1   sing N N 4   
ACT CH3 H2   sing N N 5   
ACT CH3 H3   sing N N 6   
ALA N   CA   sing N N 7   
ALA N   H    sing N N 8   
ALA N   H2   sing N N 9   
ALA CA  C    sing N N 10  
ALA CA  CB   sing N N 11  
ALA CA  HA   sing N N 12  
ALA C   O    doub N N 13  
ALA C   OXT  sing N N 14  
ALA CB  HB1  sing N N 15  
ALA CB  HB2  sing N N 16  
ALA CB  HB3  sing N N 17  
ALA OXT HXT  sing N N 18  
ARG N   CA   sing N N 19  
ARG N   H    sing N N 20  
ARG N   H2   sing N N 21  
ARG CA  C    sing N N 22  
ARG CA  CB   sing N N 23  
ARG CA  HA   sing N N 24  
ARG C   O    doub N N 25  
ARG C   OXT  sing N N 26  
ARG CB  CG   sing N N 27  
ARG CB  HB2  sing N N 28  
ARG CB  HB3  sing N N 29  
ARG CG  CD   sing N N 30  
ARG CG  HG2  sing N N 31  
ARG CG  HG3  sing N N 32  
ARG CD  NE   sing N N 33  
ARG CD  HD2  sing N N 34  
ARG CD  HD3  sing N N 35  
ARG NE  CZ   sing N N 36  
ARG NE  HE   sing N N 37  
ARG CZ  NH1  sing N N 38  
ARG CZ  NH2  doub N N 39  
ARG NH1 HH11 sing N N 40  
ARG NH1 HH12 sing N N 41  
ARG NH2 HH21 sing N N 42  
ARG NH2 HH22 sing N N 43  
ARG OXT HXT  sing N N 44  
ASN N   CA   sing N N 45  
ASN N   H    sing N N 46  
ASN N   H2   sing N N 47  
ASN CA  C    sing N N 48  
ASN CA  CB   sing N N 49  
ASN CA  HA   sing N N 50  
ASN C   O    doub N N 51  
ASN C   OXT  sing N N 52  
ASN CB  CG   sing N N 53  
ASN CB  HB2  sing N N 54  
ASN CB  HB3  sing N N 55  
ASN CG  OD1  doub N N 56  
ASN CG  ND2  sing N N 57  
ASN ND2 HD21 sing N N 58  
ASN ND2 HD22 sing N N 59  
ASN OXT HXT  sing N N 60  
ASP N   CA   sing N N 61  
ASP N   H    sing N N 62  
ASP N   H2   sing N N 63  
ASP CA  C    sing N N 64  
ASP CA  CB   sing N N 65  
ASP CA  HA   sing N N 66  
ASP C   O    doub N N 67  
ASP C   OXT  sing N N 68  
ASP CB  CG   sing N N 69  
ASP CB  HB2  sing N N 70  
ASP CB  HB3  sing N N 71  
ASP CG  OD1  doub N N 72  
ASP CG  OD2  sing N N 73  
ASP OD2 HD2  sing N N 74  
ASP OXT HXT  sing N N 75  
GLN N   CA   sing N N 76  
GLN N   H    sing N N 77  
GLN N   H2   sing N N 78  
GLN CA  C    sing N N 79  
GLN CA  CB   sing N N 80  
GLN CA  HA   sing N N 81  
GLN C   O    doub N N 82  
GLN C   OXT  sing N N 83  
GLN CB  CG   sing N N 84  
GLN CB  HB2  sing N N 85  
GLN CB  HB3  sing N N 86  
GLN CG  CD   sing N N 87  
GLN CG  HG2  sing N N 88  
GLN CG  HG3  sing N N 89  
GLN CD  OE1  doub N N 90  
GLN CD  NE2  sing N N 91  
GLN NE2 HE21 sing N N 92  
GLN NE2 HE22 sing N N 93  
GLN OXT HXT  sing N N 94  
GLU N   CA   sing N N 95  
GLU N   H    sing N N 96  
GLU N   H2   sing N N 97  
GLU CA  C    sing N N 98  
GLU CA  CB   sing N N 99  
GLU CA  HA   sing N N 100 
GLU C   O    doub N N 101 
GLU C   OXT  sing N N 102 
GLU CB  CG   sing N N 103 
GLU CB  HB2  sing N N 104 
GLU CB  HB3  sing N N 105 
GLU CG  CD   sing N N 106 
GLU CG  HG2  sing N N 107 
GLU CG  HG3  sing N N 108 
GLU CD  OE1  doub N N 109 
GLU CD  OE2  sing N N 110 
GLU OE2 HE2  sing N N 111 
GLU OXT HXT  sing N N 112 
GLY N   CA   sing N N 113 
GLY N   H    sing N N 114 
GLY N   H2   sing N N 115 
GLY CA  C    sing N N 116 
GLY CA  HA2  sing N N 117 
GLY CA  HA3  sing N N 118 
GLY C   O    doub N N 119 
GLY C   OXT  sing N N 120 
GLY OXT HXT  sing N N 121 
HIS N   CA   sing N N 122 
HIS N   H    sing N N 123 
HIS N   H2   sing N N 124 
HIS CA  C    sing N N 125 
HIS CA  CB   sing N N 126 
HIS CA  HA   sing N N 127 
HIS C   O    doub N N 128 
HIS C   OXT  sing N N 129 
HIS CB  CG   sing N N 130 
HIS CB  HB2  sing N N 131 
HIS CB  HB3  sing N N 132 
HIS CG  ND1  sing Y N 133 
HIS CG  CD2  doub Y N 134 
HIS ND1 CE1  doub Y N 135 
HIS ND1 HD1  sing N N 136 
HIS CD2 NE2  sing Y N 137 
HIS CD2 HD2  sing N N 138 
HIS CE1 NE2  sing Y N 139 
HIS CE1 HE1  sing N N 140 
HIS NE2 HE2  sing N N 141 
HIS OXT HXT  sing N N 142 
HOH O   H1   sing N N 143 
HOH O   H2   sing N N 144 
ILE N   CA   sing N N 145 
ILE N   H    sing N N 146 
ILE N   H2   sing N N 147 
ILE CA  C    sing N N 148 
ILE CA  CB   sing N N 149 
ILE CA  HA   sing N N 150 
ILE C   O    doub N N 151 
ILE C   OXT  sing N N 152 
ILE CB  CG1  sing N N 153 
ILE CB  CG2  sing N N 154 
ILE CB  HB   sing N N 155 
ILE CG1 CD1  sing N N 156 
ILE CG1 HG12 sing N N 157 
ILE CG1 HG13 sing N N 158 
ILE CG2 HG21 sing N N 159 
ILE CG2 HG22 sing N N 160 
ILE CG2 HG23 sing N N 161 
ILE CD1 HD11 sing N N 162 
ILE CD1 HD12 sing N N 163 
ILE CD1 HD13 sing N N 164 
ILE OXT HXT  sing N N 165 
LEU N   CA   sing N N 166 
LEU N   H    sing N N 167 
LEU N   H2   sing N N 168 
LEU CA  C    sing N N 169 
LEU CA  CB   sing N N 170 
LEU CA  HA   sing N N 171 
LEU C   O    doub N N 172 
LEU C   OXT  sing N N 173 
LEU CB  CG   sing N N 174 
LEU CB  HB2  sing N N 175 
LEU CB  HB3  sing N N 176 
LEU CG  CD1  sing N N 177 
LEU CG  CD2  sing N N 178 
LEU CG  HG   sing N N 179 
LEU CD1 HD11 sing N N 180 
LEU CD1 HD12 sing N N 181 
LEU CD1 HD13 sing N N 182 
LEU CD2 HD21 sing N N 183 
LEU CD2 HD22 sing N N 184 
LEU CD2 HD23 sing N N 185 
LEU OXT HXT  sing N N 186 
LYS N   CA   sing N N 187 
LYS N   H    sing N N 188 
LYS N   H2   sing N N 189 
LYS CA  C    sing N N 190 
LYS CA  CB   sing N N 191 
LYS CA  HA   sing N N 192 
LYS C   O    doub N N 193 
LYS C   OXT  sing N N 194 
LYS CB  CG   sing N N 195 
LYS CB  HB2  sing N N 196 
LYS CB  HB3  sing N N 197 
LYS CG  CD   sing N N 198 
LYS CG  HG2  sing N N 199 
LYS CG  HG3  sing N N 200 
LYS CD  CE   sing N N 201 
LYS CD  HD2  sing N N 202 
LYS CD  HD3  sing N N 203 
LYS CE  NZ   sing N N 204 
LYS CE  HE2  sing N N 205 
LYS CE  HE3  sing N N 206 
LYS NZ  HZ1  sing N N 207 
LYS NZ  HZ2  sing N N 208 
LYS NZ  HZ3  sing N N 209 
LYS OXT HXT  sing N N 210 
MET N   CA   sing N N 211 
MET N   H    sing N N 212 
MET N   H2   sing N N 213 
MET CA  C    sing N N 214 
MET CA  CB   sing N N 215 
MET CA  HA   sing N N 216 
MET C   O    doub N N 217 
MET C   OXT  sing N N 218 
MET CB  CG   sing N N 219 
MET CB  HB2  sing N N 220 
MET CB  HB3  sing N N 221 
MET CG  SD   sing N N 222 
MET CG  HG2  sing N N 223 
MET CG  HG3  sing N N 224 
MET SD  CE   sing N N 225 
MET CE  HE1  sing N N 226 
MET CE  HE2  sing N N 227 
MET CE  HE3  sing N N 228 
MET OXT HXT  sing N N 229 
PHE N   CA   sing N N 230 
PHE N   H    sing N N 231 
PHE N   H2   sing N N 232 
PHE CA  C    sing N N 233 
PHE CA  CB   sing N N 234 
PHE CA  HA   sing N N 235 
PHE C   O    doub N N 236 
PHE C   OXT  sing N N 237 
PHE CB  CG   sing N N 238 
PHE CB  HB2  sing N N 239 
PHE CB  HB3  sing N N 240 
PHE CG  CD1  doub Y N 241 
PHE CG  CD2  sing Y N 242 
PHE CD1 CE1  sing Y N 243 
PHE CD1 HD1  sing N N 244 
PHE CD2 CE2  doub Y N 245 
PHE CD2 HD2  sing N N 246 
PHE CE1 CZ   doub Y N 247 
PHE CE1 HE1  sing N N 248 
PHE CE2 CZ   sing Y N 249 
PHE CE2 HE2  sing N N 250 
PHE CZ  HZ   sing N N 251 
PHE OXT HXT  sing N N 252 
PRO N   CA   sing N N 253 
PRO N   CD   sing N N 254 
PRO N   H    sing N N 255 
PRO CA  C    sing N N 256 
PRO CA  CB   sing N N 257 
PRO CA  HA   sing N N 258 
PRO C   O    doub N N 259 
PRO C   OXT  sing N N 260 
PRO CB  CG   sing N N 261 
PRO CB  HB2  sing N N 262 
PRO CB  HB3  sing N N 263 
PRO CG  CD   sing N N 264 
PRO CG  HG2  sing N N 265 
PRO CG  HG3  sing N N 266 
PRO CD  HD2  sing N N 267 
PRO CD  HD3  sing N N 268 
PRO OXT HXT  sing N N 269 
SER N   CA   sing N N 270 
SER N   H    sing N N 271 
SER N   H2   sing N N 272 
SER CA  C    sing N N 273 
SER CA  CB   sing N N 274 
SER CA  HA   sing N N 275 
SER C   O    doub N N 276 
SER C   OXT  sing N N 277 
SER CB  OG   sing N N 278 
SER CB  HB2  sing N N 279 
SER CB  HB3  sing N N 280 
SER OG  HG   sing N N 281 
SER OXT HXT  sing N N 282 
SO4 S   O1   doub N N 283 
SO4 S   O2   doub N N 284 
SO4 S   O3   sing N N 285 
SO4 S   O4   sing N N 286 
THR N   CA   sing N N 287 
THR N   H    sing N N 288 
THR N   H2   sing N N 289 
THR CA  C    sing N N 290 
THR CA  CB   sing N N 291 
THR CA  HA   sing N N 292 
THR C   O    doub N N 293 
THR C   OXT  sing N N 294 
THR CB  OG1  sing N N 295 
THR CB  CG2  sing N N 296 
THR CB  HB   sing N N 297 
THR OG1 HG1  sing N N 298 
THR CG2 HG21 sing N N 299 
THR CG2 HG22 sing N N 300 
THR CG2 HG23 sing N N 301 
THR OXT HXT  sing N N 302 
TRP N   CA   sing N N 303 
TRP N   H    sing N N 304 
TRP N   H2   sing N N 305 
TRP CA  C    sing N N 306 
TRP CA  CB   sing N N 307 
TRP CA  HA   sing N N 308 
TRP C   O    doub N N 309 
TRP C   OXT  sing N N 310 
TRP CB  CG   sing N N 311 
TRP CB  HB2  sing N N 312 
TRP CB  HB3  sing N N 313 
TRP CG  CD1  doub Y N 314 
TRP CG  CD2  sing Y N 315 
TRP CD1 NE1  sing Y N 316 
TRP CD1 HD1  sing N N 317 
TRP CD2 CE2  doub Y N 318 
TRP CD2 CE3  sing Y N 319 
TRP NE1 CE2  sing Y N 320 
TRP NE1 HE1  sing N N 321 
TRP CE2 CZ2  sing Y N 322 
TRP CE3 CZ3  doub Y N 323 
TRP CE3 HE3  sing N N 324 
TRP CZ2 CH2  doub Y N 325 
TRP CZ2 HZ2  sing N N 326 
TRP CZ3 CH2  sing Y N 327 
TRP CZ3 HZ3  sing N N 328 
TRP CH2 HH2  sing N N 329 
TRP OXT HXT  sing N N 330 
TYR N   CA   sing N N 331 
TYR N   H    sing N N 332 
TYR N   H2   sing N N 333 
TYR CA  C    sing N N 334 
TYR CA  CB   sing N N 335 
TYR CA  HA   sing N N 336 
TYR C   O    doub N N 337 
TYR C   OXT  sing N N 338 
TYR CB  CG   sing N N 339 
TYR CB  HB2  sing N N 340 
TYR CB  HB3  sing N N 341 
TYR CG  CD1  doub Y N 342 
TYR CG  CD2  sing Y N 343 
TYR CD1 CE1  sing Y N 344 
TYR CD1 HD1  sing N N 345 
TYR CD2 CE2  doub Y N 346 
TYR CD2 HD2  sing N N 347 
TYR CE1 CZ   doub Y N 348 
TYR CE1 HE1  sing N N 349 
TYR CE2 CZ   sing Y N 350 
TYR CE2 HE2  sing N N 351 
TYR CZ  OH   sing N N 352 
TYR OH  HH   sing N N 353 
TYR OXT HXT  sing N N 354 
VAL N   CA   sing N N 355 
VAL N   H    sing N N 356 
VAL N   H2   sing N N 357 
VAL CA  C    sing N N 358 
VAL CA  CB   sing N N 359 
VAL CA  HA   sing N N 360 
VAL C   O    doub N N 361 
VAL C   OXT  sing N N 362 
VAL CB  CG1  sing N N 363 
VAL CB  CG2  sing N N 364 
VAL CB  HB   sing N N 365 
VAL CG1 HG11 sing N N 366 
VAL CG1 HG12 sing N N 367 
VAL CG1 HG13 sing N N 368 
VAL CG2 HG21 sing N N 369 
VAL CG2 HG22 sing N N 370 
VAL CG2 HG23 sing N N 371 
VAL OXT HXT  sing N N 372 
# 
_atom_sites.entry_id                    2H1C 
_atom_sites.fract_transf_matrix[1][1]   0.01544555 
_atom_sites.fract_transf_matrix[1][2]   0.00388582 
_atom_sites.fract_transf_matrix[1][3]   0.00332609 
_atom_sites.fract_transf_matrix[2][1]   -0.00130776 
_atom_sites.fract_transf_matrix[2][2]   -0.00953733 
_atom_sites.fract_transf_matrix[2][3]   0.01721526 
_atom_sites.fract_transf_matrix[3][1]   0.01706301 
_atom_sites.fract_transf_matrix[3][2]   -0.01475099 
_atom_sites.fract_transf_matrix[3][3]   -0.00687592 
_atom_sites.fract_transf_vector[1]      0.206447 
_atom_sites.fract_transf_vector[2]      0.036580 
_atom_sites.fract_transf_vector[3]      0.252970 
# 
loop_
_atom_type.symbol 
C  
MG 
N  
O  
S  
# 
loop_
_atom_site.group_PDB 
_atom_site.id 
_atom_site.type_symbol 
_atom_site.label_atom_id 
_atom_site.label_alt_id 
_atom_site.label_comp_id 
_atom_site.label_asym_id 
_atom_site.label_entity_id 
_atom_site.label_seq_id 
_atom_site.pdbx_PDB_ins_code 
_atom_site.Cartn_x 
_atom_site.Cartn_y 
_atom_site.Cartn_z 
_atom_site.occupancy 
_atom_site.B_iso_or_equiv 
_atom_site.pdbx_formal_charge 
_atom_site.auth_seq_id 
_atom_site.auth_comp_id 
_atom_site.auth_asym_id 
_atom_site.auth_atom_id 
_atom_site.pdbx_PDB_model_num 
ATOM   1    N  N   . MET A 1 1   ? 3.486   -5.094  -13.082 1.00 18.19 ? 1   MET A N   1 
ATOM   2    C  CA  . MET A 1 1   ? 3.093   -3.777  -12.487 1.00 17.93 ? 1   MET A CA  1 
ATOM   3    C  C   . MET A 1 1   ? 2.744   -4.116  -11.038 1.00 14.13 ? 1   MET A C   1 
ATOM   4    O  O   . MET A 1 1   ? 2.281   -5.226  -10.759 1.00 14.62 ? 1   MET A O   1 
ATOM   5    C  CB  . MET A 1 1   ? 1.855   -3.198  -13.192 1.00 23.56 ? 1   MET A CB  1 
ATOM   6    C  CG  . MET A 1 1   ? 1.967   -2.949  -14.700 1.00 31.48 ? 1   MET A CG  1 
ATOM   7    S  SD  . MET A 1 1   ? 2.741   -1.380  -15.157 1.00 29.47 ? 1   MET A SD  1 
ATOM   8    C  CE  . MET A 1 1   ? 4.351   -1.979  -15.590 1.00 34.00 ? 1   MET A CE  1 
ATOM   9    N  N   . ILE A 1 2   ? 2.960   -3.166  -10.131 1.00 12.06 ? 2   ILE A N   1 
ATOM   10   C  CA  . ILE A 1 2   ? 2.729   -3.373  -8.704  1.00 9.14  ? 2   ILE A CA  1 
ATOM   11   C  C   . ILE A 1 2   ? 1.717   -2.419  -8.065  1.00 12.15 ? 2   ILE A C   1 
ATOM   12   O  O   . ILE A 1 2   ? 1.660   -1.243  -8.418  1.00 11.39 ? 2   ILE A O   1 
ATOM   13   C  CB  . ILE A 1 2   ? 4.070   -3.224  -7.921  1.00 14.67 ? 2   ILE A CB  1 
ATOM   14   C  CG1 . ILE A 1 2   ? 4.974   -4.434  -8.182  1.00 14.22 ? 2   ILE A CG1 1 
ATOM   15   C  CG2 . ILE A 1 2   ? 3.809   -3.086  -6.414  1.00 11.93 ? 2   ILE A CG2 1 
ATOM   16   C  CD1 . ILE A 1 2   ? 4.432   -5.733  -7.626  1.00 19.99 ? 2   ILE A CD1 1 
ATOM   17   N  N   . LEU A 1 3   ? 0.924   -2.954  -7.137  1.00 10.86 ? 3   LEU A N   1 
ATOM   18   C  CA  . LEU A 1 3   ? -0.036  -2.174  -6.355  1.00 10.01 ? 3   LEU A CA  1 
ATOM   19   C  C   . LEU A 1 3   ? 0.488   -2.314  -4.925  1.00 8.87  ? 3   LEU A C   1 
ATOM   20   O  O   . LEU A 1 3   ? 0.464   -3.410  -4.357  1.00 11.81 ? 3   LEU A O   1 
ATOM   21   C  CB  . LEU A 1 3   ? -1.457  -2.759  -6.429  1.00 11.88 ? 3   LEU A CB  1 
ATOM   22   C  CG  . LEU A 1 3   ? -2.519  -1.882  -5.719  1.00 11.17 ? 3   LEU A CG  1 
ATOM   23   C  CD1 . LEU A 1 3   ? -2.648  -0.538  -6.450  1.00 12.49 ? 3   LEU A CD1 1 
ATOM   24   C  CD2 . LEU A 1 3   ? -3.869  -2.604  -5.692  1.00 13.90 ? 3   LEU A CD2 1 
ATOM   25   N  N   . LEU A 1 4   ? 0.994   -1.232  -4.343  1.00 10.69 ? 4   LEU A N   1 
ATOM   26   C  CA  . LEU A 1 4   ? 1.543   -1.309  -2.983  1.00 10.99 ? 4   LEU A CA  1 
ATOM   27   C  C   . LEU A 1 4   ? 0.453   -1.230  -1.923  1.00 14.99 ? 4   LEU A C   1 
ATOM   28   O  O   . LEU A 1 4   ? -0.322  -0.282  -1.925  1.00 15.93 ? 4   LEU A O   1 
ATOM   29   C  CB  . LEU A 1 4   ? 2.509   -0.156  -2.726  1.00 16.13 ? 4   LEU A CB  1 
ATOM   30   C  CG  . LEU A 1 4   ? 3.793   0.008   -3.529  1.00 14.78 ? 4   LEU A CG  1 
ATOM   31   C  CD1 . LEU A 1 4   ? 4.509   1.258   -3.018  1.00 14.13 ? 4   LEU A CD1 1 
ATOM   32   C  CD2 . LEU A 1 4   ? 4.670   -1.234  -3.383  1.00 11.89 ? 4   LEU A CD2 1 
ATOM   33   N  N   . ASP A 1 5   ? 0.422   -2.205  -1.015  1.00 10.86 ? 5   ASP A N   1 
ATOM   34   C  CA  . ASP A 1 5   ? -0.561  -2.265  0.080   1.00 14.01 ? 5   ASP A CA  1 
ATOM   35   C  C   . ASP A 1 5   ? -0.033  -1.320  1.164   1.00 13.59 ? 5   ASP A C   1 
ATOM   36   O  O   . ASP A 1 5   ? 1.157   -1.003  1.197   1.00 12.62 ? 5   ASP A O   1 
ATOM   37   C  CB  . ASP A 1 5   ? -0.640  -3.721  0.599   1.00 17.58 ? 5   ASP A CB  1 
ATOM   38   C  CG  . ASP A 1 5   ? -1.881  -4.009  1.464   1.00 27.71 ? 5   ASP A CG  1 
ATOM   39   O  OD1 . ASP A 1 5   ? -2.890  -3.277  1.380   1.00 24.60 ? 5   ASP A OD1 1 
ATOM   40   O  OD2 . ASP A 1 5   ? -1.849  -5.012  2.225   1.00 31.39 ? 5   ASP A OD2 1 
ATOM   41   N  N   . THR A 1 6   ? -0.902  -0.888  2.068   1.00 10.51 ? 6   THR A N   1 
ATOM   42   C  CA  . THR A 1 6   ? -0.501  0.041   3.117   1.00 12.40 ? 6   THR A CA  1 
ATOM   43   C  C   . THR A 1 6   ? 0.696   -0.379  3.970   1.00 13.17 ? 6   THR A C   1 
ATOM   44   O  O   . THR A 1 6   ? 1.544   0.448   4.302   1.00 15.99 ? 6   THR A O   1 
ATOM   45   C  CB  . THR A 1 6   ? -1.682  0.312   4.063   1.00 16.65 ? 6   THR A CB  1 
ATOM   46   O  OG1 . THR A 1 6   ? -2.792  0.770   3.289   1.00 19.45 ? 6   THR A OG1 1 
ATOM   47   C  CG2 . THR A 1 6   ? -1.320  1.356   5.096   1.00 16.63 ? 6   THR A CG2 1 
ATOM   48   N  N   . ASN A 1 7   ? 0.770   -1.657  4.328   1.00 13.20 ? 7   ASN A N   1 
ATOM   49   C  CA  . ASN A 1 7   ? 1.853   -2.105  5.194   1.00 14.77 ? 7   ASN A CA  1 
ATOM   50   C  C   . ASN A 1 7   ? 3.232   -2.051  4.548   1.00 16.42 ? 7   ASN A C   1 
ATOM   51   O  O   . ASN A 1 7   ? 4.241   -2.031  5.253   1.00 16.28 ? 7   ASN A O   1 
ATOM   52   C  CB  . ASN A 1 7   ? 1.559   -3.515  5.720   1.00 16.04 ? 7   ASN A CB  1 
ATOM   53   C  CG  . ASN A 1 7   ? 1.438   -4.542  4.606   1.00 20.19 ? 7   ASN A CG  1 
ATOM   54   O  OD1 . ASN A 1 7   ? 2.400   -4.817  3.888   1.00 22.18 ? 7   ASN A OD1 1 
ATOM   55   N  ND2 . ASN A 1 7   ? 0.250   -5.110  4.457   1.00 28.22 ? 7   ASN A ND2 1 
ATOM   56   N  N   . VAL A 1 8   ? 3.281   -2.008  3.222   1.00 14.61 ? 8   VAL A N   1 
ATOM   57   C  CA  . VAL A 1 8   ? 4.559   -1.948  2.521   1.00 13.10 ? 8   VAL A CA  1 
ATOM   58   C  C   . VAL A 1 8   ? 5.023   -0.500  2.379   1.00 12.28 ? 8   VAL A C   1 
ATOM   59   O  O   . VAL A 1 8   ? 6.152   -0.172  2.731   1.00 13.34 ? 8   VAL A O   1 
ATOM   60   C  CB  . VAL A 1 8   ? 4.451   -2.637  1.139   1.00 13.99 ? 8   VAL A CB  1 
ATOM   61   C  CG1 . VAL A 1 8   ? 5.720   -2.408  0.327   1.00 16.36 ? 8   VAL A CG1 1 
ATOM   62   C  CG2 . VAL A 1 8   ? 4.225   -4.130  1.341   1.00 17.19 ? 8   VAL A CG2 1 
ATOM   63   N  N   . ILE A 1 9   ? 4.156   0.386   1.905   1.00 14.08 ? 9   ILE A N   1 
ATOM   64   C  CA  . ILE A 1 9   ? 4.574   1.766   1.761   1.00 14.50 ? 9   ILE A CA  1 
ATOM   65   C  C   . ILE A 1 9   ? 4.854   2.396   3.131   1.00 15.20 ? 9   ILE A C   1 
ATOM   66   O  O   . ILE A 1 9   ? 5.663   3.310   3.234   1.00 15.43 ? 9   ILE A O   1 
ATOM   67   C  CB  . ILE A 1 9   ? 3.526   2.599   0.945   1.00 19.88 ? 9   ILE A CB  1 
ATOM   68   C  CG1 . ILE A 1 9   ? 4.059   4.022   0.725   1.00 20.37 ? 9   ILE A CG1 1 
ATOM   69   C  CG2 . ILE A 1 9   ? 2.179   2.595   1.647   1.00 19.78 ? 9   ILE A CG2 1 
ATOM   70   C  CD1 . ILE A 1 9   ? 3.173   4.885   -0.137  1.00 25.55 ? 9   ILE A CD1 1 
ATOM   71   N  N   . SER A 1 10  ? 4.226   1.875   4.185   1.00 14.07 ? 10  SER A N   1 
ATOM   72   C  CA  . SER A 1 10  ? 4.429   2.399   5.543   1.00 16.87 ? 10  SER A CA  1 
ATOM   73   C  C   . SER A 1 10  ? 5.706   1.890   6.229   1.00 16.07 ? 10  SER A C   1 
ATOM   74   O  O   . SER A 1 10  ? 6.206   2.516   7.160   1.00 17.05 ? 10  SER A O   1 
ATOM   75   C  CB  . SER A 1 10  ? 3.240   2.034   6.444   1.00 19.20 ? 10  SER A CB  1 
ATOM   76   O  OG  . SER A 1 10  ? 2.015   2.499   5.907   1.00 27.35 ? 10  SER A OG  1 
ATOM   77   N  N   . GLU A 1 11  ? 6.235   0.763   5.779   1.00 14.40 ? 11  GLU A N   1 
ATOM   78   C  CA  . GLU A 1 11  ? 7.420   0.204   6.436   1.00 16.36 ? 11  GLU A CA  1 
ATOM   79   C  C   . GLU A 1 11  ? 8.641   1.131   6.506   1.00 17.51 ? 11  GLU A C   1 
ATOM   80   O  O   . GLU A 1 11  ? 9.246   1.271   7.572   1.00 18.10 ? 11  GLU A O   1 
ATOM   81   C  CB  . GLU A 1 11  ? 7.811   -1.134  5.803   1.00 14.80 ? 11  GLU A CB  1 
ATOM   82   C  CG  . GLU A 1 11  ? 9.066   -1.797  6.423   1.00 17.88 ? 11  GLU A CG  1 
ATOM   83   C  CD  . GLU A 1 11  ? 8.845   -2.318  7.830   1.00 21.29 ? 11  GLU A CD  1 
ATOM   84   O  OE1 . GLU A 1 11  ? 9.851   -2.618  8.523   1.00 16.19 ? 11  GLU A OE1 1 
ATOM   85   O  OE2 . GLU A 1 11  ? 7.669   -2.447  8.253   1.00 19.56 ? 11  GLU A OE2 1 
ATOM   86   N  N   . PRO A 1 12  ? 9.009   1.793   5.393   1.00 17.46 ? 12  PRO A N   1 
ATOM   87   C  CA  . PRO A 1 12  ? 10.181  2.678   5.457   1.00 15.16 ? 12  PRO A CA  1 
ATOM   88   C  C   . PRO A 1 12  ? 10.055  3.849   6.428   1.00 17.92 ? 12  PRO A C   1 
ATOM   89   O  O   . PRO A 1 12  ? 11.052  4.453   6.817   1.00 17.54 ? 12  PRO A O   1 
ATOM   90   C  CB  . PRO A 1 12  ? 10.342  3.144   4.012   1.00 16.90 ? 12  PRO A CB  1 
ATOM   91   C  CG  . PRO A 1 12  ? 9.793   1.985   3.226   1.00 19.20 ? 12  PRO A CG  1 
ATOM   92   C  CD  . PRO A 1 12  ? 8.535   1.661   4.003   1.00 17.16 ? 12  PRO A CD  1 
ATOM   93   N  N   . LEU A 1 13  ? 8.822   4.163   6.815   1.00 17.42 ? 13  LEU A N   1 
ATOM   94   C  CA  . LEU A 1 13  ? 8.555   5.274   7.721   1.00 17.19 ? 13  LEU A CA  1 
ATOM   95   C  C   . LEU A 1 13  ? 8.732   4.899   9.191   1.00 19.05 ? 13  LEU A C   1 
ATOM   96   O  O   . LEU A 1 13  ? 8.693   5.764   10.066  1.00 21.90 ? 13  LEU A O   1 
ATOM   97   C  CB  . LEU A 1 13  ? 7.128   5.799   7.473   1.00 17.60 ? 13  LEU A CB  1 
ATOM   98   C  CG  . LEU A 1 13  ? 6.848   6.294   6.048   1.00 18.51 ? 13  LEU A CG  1 
ATOM   99   C  CD1 . LEU A 1 13  ? 5.357   6.597   5.851   1.00 18.08 ? 13  LEU A CD1 1 
ATOM   100  C  CD2 . LEU A 1 13  ? 7.677   7.529   5.787   1.00 19.30 ? 13  LEU A CD2 1 
ATOM   101  N  N   . ARG A 1 14  ? 8.939   3.614   9.462   1.00 19.72 ? 14  ARG A N   1 
ATOM   102  C  CA  . ARG A 1 14  ? 9.118   3.145   10.830  1.00 23.05 ? 14  ARG A CA  1 
ATOM   103  C  C   . ARG A 1 14  ? 10.513  3.480   11.349  1.00 24.92 ? 14  ARG A C   1 
ATOM   104  O  O   . ARG A 1 14  ? 11.432  3.719   10.570  1.00 24.71 ? 14  ARG A O   1 
ATOM   105  C  CB  . ARG A 1 14  ? 8.870   1.638   10.913  1.00 20.89 ? 14  ARG A CB  1 
ATOM   106  C  CG  . ARG A 1 14  ? 7.472   1.234   10.461  1.00 24.11 ? 14  ARG A CG  1 
ATOM   107  C  CD  . ARG A 1 14  ? 7.284   -0.273  10.482  1.00 28.81 ? 14  ARG A CD  1 
ATOM   108  N  NE  . ARG A 1 14  ? 7.313   -0.825  11.829  1.00 28.04 ? 14  ARG A NE  1 
ATOM   109  C  CZ  . ARG A 1 14  ? 7.308   -2.129  12.099  1.00 29.14 ? 14  ARG A CZ  1 
ATOM   110  N  NH1 . ARG A 1 14  ? 7.279   -3.018  11.112  1.00 26.28 ? 14  ARG A NH1 1 
ATOM   111  N  NH2 . ARG A 1 14  ? 7.319   -2.549  13.361  1.00 27.25 ? 14  ARG A NH2 1 
ATOM   112  N  N   . PRO A 1 15  ? 10.680  3.520   12.683  1.00 26.27 ? 15  PRO A N   1 
ATOM   113  C  CA  . PRO A 1 15  ? 11.961  3.834   13.324  1.00 28.79 ? 15  PRO A CA  1 
ATOM   114  C  C   . PRO A 1 15  ? 13.122  2.985   12.816  1.00 27.87 ? 15  PRO A C   1 
ATOM   115  O  O   . PRO A 1 15  ? 14.193  3.505   12.499  1.00 30.39 ? 15  PRO A O   1 
ATOM   116  C  CB  . PRO A 1 15  ? 11.661  3.595   14.802  1.00 27.39 ? 15  PRO A CB  1 
ATOM   117  C  CG  . PRO A 1 15  ? 10.231  4.043   14.902  1.00 30.77 ? 15  PRO A CG  1 
ATOM   118  C  CD  . PRO A 1 15  ? 9.621   3.361   13.696  1.00 28.79 ? 15  PRO A CD  1 
ATOM   119  N  N   . GLN A 1 16  ? 12.900  1.679   12.741  1.00 29.60 ? 16  GLN A N   1 
ATOM   120  C  CA  . GLN A 1 16  ? 13.920  0.748   12.273  1.00 27.88 ? 16  GLN A CA  1 
ATOM   121  C  C   . GLN A 1 16  ? 13.280  -0.117  11.197  1.00 25.50 ? 16  GLN A C   1 
ATOM   122  O  O   . GLN A 1 16  ? 12.939  -1.275  11.440  1.00 24.15 ? 16  GLN A O   1 
ATOM   123  C  CB  . GLN A 1 16  ? 14.395  -0.123  13.435  1.00 33.12 ? 16  GLN A CB  1 
ATOM   124  C  CG  . GLN A 1 16  ? 14.585  0.639   14.740  1.00 40.26 ? 16  GLN A CG  1 
ATOM   125  C  CD  . GLN A 1 16  ? 15.269  -0.191  15.814  1.00 44.43 ? 16  GLN A CD  1 
ATOM   126  O  OE1 . GLN A 1 16  ? 14.838  -1.303  16.127  1.00 45.99 ? 16  GLN A OE1 1 
ATOM   127  N  NE2 . GLN A 1 16  ? 16.338  0.353   16.387  1.00 44.38 ? 16  GLN A NE2 1 
ATOM   128  N  N   . PRO A 1 17  ? 13.104  0.438   9.986   1.00 24.11 ? 17  PRO A N   1 
ATOM   129  C  CA  . PRO A 1 17  ? 12.487  -0.320  8.895   1.00 22.25 ? 17  PRO A CA  1 
ATOM   130  C  C   . PRO A 1 17  ? 13.289  -1.526  8.453   1.00 21.53 ? 17  PRO A C   1 
ATOM   131  O  O   . PRO A 1 17  ? 14.511  -1.555  8.600   1.00 20.91 ? 17  PRO A O   1 
ATOM   132  C  CB  . PRO A 1 17  ? 12.344  0.722   7.785   1.00 24.31 ? 17  PRO A CB  1 
ATOM   133  C  CG  . PRO A 1 17  ? 13.483  1.644   8.034   1.00 25.72 ? 17  PRO A CG  1 
ATOM   134  C  CD  . PRO A 1 17  ? 13.505  1.784   9.535   1.00 22.53 ? 17  PRO A CD  1 
ATOM   135  N  N   . ASN A 1 18  ? 12.583  -2.523  7.927   1.00 19.03 ? 18  ASN A N   1 
ATOM   136  C  CA  . ASN A 1 18  ? 13.208  -3.742  7.435   1.00 20.26 ? 18  ASN A CA  1 
ATOM   137  C  C   . ASN A 1 18  ? 13.962  -3.378  6.164   1.00 20.60 ? 18  ASN A C   1 
ATOM   138  O  O   . ASN A 1 18  ? 13.360  -2.997  5.155   1.00 17.38 ? 18  ASN A O   1 
ATOM   139  C  CB  . ASN A 1 18  ? 12.145  -4.802  7.134   1.00 21.95 ? 18  ASN A CB  1 
ATOM   140  C  CG  . ASN A 1 18  ? 12.740  -6.111  6.653   1.00 24.72 ? 18  ASN A CG  1 
ATOM   141  O  OD1 . ASN A 1 18  ? 13.333  -6.179  5.581   1.00 24.82 ? 18  ASN A OD1 1 
ATOM   142  N  ND2 . ASN A 1 18  ? 12.578  -7.163  7.448   1.00 25.52 ? 18  ASN A ND2 1 
ATOM   143  N  N   . GLU A 1 19  ? 15.283  -3.503  6.224   1.00 20.30 ? 19  GLU A N   1 
ATOM   144  C  CA  . GLU A 1 19  ? 16.158  -3.161  5.109   1.00 21.52 ? 19  GLU A CA  1 
ATOM   145  C  C   . GLU A 1 19  ? 15.821  -3.898  3.819   1.00 17.50 ? 19  GLU A C   1 
ATOM   146  O  O   . GLU A 1 19  ? 16.003  -3.358  2.730   1.00 16.00 ? 19  GLU A O   1 
ATOM   147  C  CB  . GLU A 1 19  ? 17.615  -3.457  5.485   1.00 25.55 ? 19  GLU A CB  1 
ATOM   148  C  CG  . GLU A 1 19  ? 17.957  -3.254  6.968   1.00 36.78 ? 19  GLU A CG  1 
ATOM   149  C  CD  . GLU A 1 19  ? 17.354  -4.318  7.895   1.00 37.23 ? 19  GLU A CD  1 
ATOM   150  O  OE1 . GLU A 1 19  ? 17.645  -5.522  7.716   1.00 44.99 ? 19  GLU A OE1 1 
ATOM   151  O  OE2 . GLU A 1 19  ? 16.598  -3.944  8.812   1.00 38.53 ? 19  GLU A OE2 1 
ATOM   152  N  N   . ARG A 1 20  ? 15.354  -5.140  3.937   1.00 15.69 ? 20  ARG A N   1 
ATOM   153  C  CA  . ARG A 1 20  ? 14.999  -5.929  2.760   1.00 13.93 ? 20  ARG A CA  1 
ATOM   154  C  C   . ARG A 1 20  ? 13.832  -5.298  1.999   1.00 15.45 ? 20  ARG A C   1 
ATOM   155  O  O   . ARG A 1 20  ? 13.801  -5.307  0.764   1.00 13.40 ? 20  ARG A O   1 
ATOM   156  C  CB  . ARG A 1 20  ? 14.642  -7.357  3.177   1.00 15.46 ? 20  ARG A CB  1 
ATOM   157  C  CG  . ARG A 1 20  ? 14.169  -8.244  2.037   1.00 17.25 ? 20  ARG A CG  1 
ATOM   158  C  CD  . ARG A 1 20  ? 13.953  -9.677  2.526   1.00 18.40 ? 20  ARG A CD  1 
ATOM   159  N  NE  . ARG A 1 20  ? 15.219  -10.393 2.701   1.00 22.59 ? 20  ARG A NE  1 
ATOM   160  C  CZ  . ARG A 1 20  ? 15.321  -11.630 3.177   1.00 26.74 ? 20  ARG A CZ  1 
ATOM   161  N  NH1 . ARG A 1 20  ? 14.228  -12.295 3.541   1.00 21.09 ? 20  ARG A NH1 1 
ATOM   162  N  NH2 . ARG A 1 20  ? 16.515  -12.218 3.254   1.00 23.57 ? 20  ARG A NH2 1 
ATOM   163  N  N   . VAL A 1 21  ? 12.875  -4.756  2.741   1.00 13.35 ? 21  VAL A N   1 
ATOM   164  C  CA  . VAL A 1 21  ? 11.714  -4.133  2.127   1.00 14.19 ? 21  VAL A CA  1 
ATOM   165  C  C   . VAL A 1 21  ? 12.120  -2.827  1.467   1.00 12.94 ? 21  VAL A C   1 
ATOM   166  O  O   . VAL A 1 21  ? 11.693  -2.521  0.355   1.00 13.86 ? 21  VAL A O   1 
ATOM   167  C  CB  . VAL A 1 21  ? 10.613  -3.855  3.166   1.00 17.31 ? 21  VAL A CB  1 
ATOM   168  C  CG1 . VAL A 1 21  ? 9.447   -3.141  2.504   1.00 15.35 ? 21  VAL A CG1 1 
ATOM   169  C  CG2 . VAL A 1 21  ? 10.162  -5.154  3.797   1.00 15.97 ? 21  VAL A CG2 1 
ATOM   170  N  N   . VAL A 1 22  ? 12.942  -2.048  2.153   1.00 14.05 ? 22  VAL A N   1 
ATOM   171  C  CA  . VAL A 1 22  ? 13.397  -0.786  1.595   1.00 12.85 ? 22  VAL A CA  1 
ATOM   172  C  C   . VAL A 1 22  ? 14.155  -1.058  0.289   1.00 14.20 ? 22  VAL A C   1 
ATOM   173  O  O   . VAL A 1 22  ? 13.880  -0.420  -0.722  1.00 16.24 ? 22  VAL A O   1 
ATOM   174  C  CB  . VAL A 1 22  ? 14.287  -0.038  2.584   1.00 11.38 ? 22  VAL A CB  1 
ATOM   175  C  CG1 . VAL A 1 22  ? 14.822  1.244   1.946   1.00 17.88 ? 22  VAL A CG1 1 
ATOM   176  C  CG2 . VAL A 1 22  ? 13.455  0.304   3.835   1.00 11.49 ? 22  VAL A CG2 1 
ATOM   177  N  N   . ALA A 1 23  ? 15.095  -2.009  0.308   1.00 13.88 ? 23  ALA A N   1 
ATOM   178  C  CA  . ALA A 1 23  ? 15.854  -2.348  -0.902  1.00 15.33 ? 23  ALA A CA  1 
ATOM   179  C  C   . ALA A 1 23  ? 14.949  -2.790  -2.055  1.00 15.03 ? 23  ALA A C   1 
ATOM   180  O  O   . ALA A 1 23  ? 15.178  -2.426  -3.231  1.00 13.14 ? 23  ALA A O   1 
ATOM   181  C  CB  . ALA A 1 23  ? 16.891  -3.451  -0.604  1.00 14.22 ? 23  ALA A CB  1 
ATOM   182  N  N   . TRP A 1 24  ? 13.941  -3.604  -1.746  1.00 13.86 ? 24  TRP A N   1 
ATOM   183  C  CA  . TRP A 1 24  ? 13.027  -4.055  -2.790  1.00 13.65 ? 24  TRP A CA  1 
ATOM   184  C  C   . TRP A 1 24  ? 12.305  -2.859  -3.401  1.00 12.41 ? 24  TRP A C   1 
ATOM   185  O  O   . TRP A 1 24  ? 12.149  -2.769  -4.621  1.00 12.06 ? 24  TRP A O   1 
ATOM   186  C  CB  . TRP A 1 24  ? 11.976  -5.019  -2.236  1.00 11.94 ? 24  TRP A CB  1 
ATOM   187  C  CG  . TRP A 1 24  ? 11.014  -5.458  -3.298  1.00 14.98 ? 24  TRP A CG  1 
ATOM   188  C  CD1 . TRP A 1 24  ? 11.254  -6.326  -4.329  1.00 12.76 ? 24  TRP A CD1 1 
ATOM   189  C  CD2 . TRP A 1 24  ? 9.670   -4.990  -3.472  1.00 14.24 ? 24  TRP A CD2 1 
ATOM   190  N  NE1 . TRP A 1 24  ? 10.137  -6.425  -5.138  1.00 16.90 ? 24  TRP A NE1 1 
ATOM   191  C  CE2 . TRP A 1 24  ? 9.152   -5.621  -4.627  1.00 16.39 ? 24  TRP A CE2 1 
ATOM   192  C  CE3 . TRP A 1 24  ? 8.854   -4.099  -2.760  1.00 16.93 ? 24  TRP A CE3 1 
ATOM   193  C  CZ2 . TRP A 1 24  ? 7.849   -5.390  -5.085  1.00 19.40 ? 24  TRP A CZ2 1 
ATOM   194  C  CZ3 . TRP A 1 24  ? 7.563   -3.867  -3.216  1.00 14.22 ? 24  TRP A CZ3 1 
ATOM   195  C  CH2 . TRP A 1 24  ? 7.074   -4.513  -4.368  1.00 14.05 ? 24  TRP A CH2 1 
ATOM   196  N  N   . LEU A 1 25  ? 11.833  -1.958  -2.550  1.00 13.10 ? 25  LEU A N   1 
ATOM   197  C  CA  . LEU A 1 25  ? 11.136  -0.788  -3.064  1.00 14.25 ? 25  LEU A CA  1 
ATOM   198  C  C   . LEU A 1 25  ? 12.067  0.009   -3.990  1.00 17.10 ? 25  LEU A C   1 
ATOM   199  O  O   . LEU A 1 25  ? 11.624  0.560   -4.997  1.00 15.73 ? 25  LEU A O   1 
ATOM   200  C  CB  . LEU A 1 25  ? 10.658  0.094   -1.915  1.00 14.14 ? 25  LEU A CB  1 
ATOM   201  C  CG  . LEU A 1 25  ? 9.470   -0.431  -1.102  1.00 13.38 ? 25  LEU A CG  1 
ATOM   202  C  CD1 . LEU A 1 25  ? 9.380   0.362   0.200   1.00 15.24 ? 25  LEU A CD1 1 
ATOM   203  C  CD2 . LEU A 1 25  ? 8.171   -0.301  -1.904  1.00 13.05 ? 25  LEU A CD2 1 
ATOM   204  N  N   . ASP A 1 26  ? 13.356  0.058   -3.649  1.00 17.71 ? 26  ASP A N   1 
ATOM   205  C  CA  . ASP A 1 26  ? 14.342  0.792   -4.456  1.00 19.52 ? 26  ASP A CA  1 
ATOM   206  C  C   . ASP A 1 26  ? 14.665  0.168   -5.810  1.00 20.51 ? 26  ASP A C   1 
ATOM   207  O  O   . ASP A 1 26  ? 15.242  0.825   -6.667  1.00 20.72 ? 26  ASP A O   1 
ATOM   208  C  CB  . ASP A 1 26  ? 15.655  0.961   -3.689  1.00 21.25 ? 26  ASP A CB  1 
ATOM   209  C  CG  . ASP A 1 26  ? 15.556  1.990   -2.600  1.00 27.97 ? 26  ASP A CG  1 
ATOM   210  O  OD1 . ASP A 1 26  ? 14.709  2.903   -2.725  1.00 30.10 ? 26  ASP A OD1 1 
ATOM   211  O  OD2 . ASP A 1 26  ? 16.343  1.903   -1.630  1.00 31.37 ? 26  ASP A OD2 1 
ATOM   212  N  N   . SER A 1 27  ? 14.310  -1.095  -5.997  1.00 19.04 ? 27  SER A N   1 
ATOM   213  C  CA  . SER A 1 27  ? 14.584  -1.766  -7.259  1.00 18.27 ? 27  SER A CA  1 
ATOM   214  C  C   . SER A 1 27  ? 13.448  -1.569  -8.259  1.00 17.53 ? 27  SER A C   1 
ATOM   215  O  O   . SER A 1 27  ? 13.575  -1.915  -9.434  1.00 17.89 ? 27  SER A O   1 
ATOM   216  C  CB  . SER A 1 27  ? 14.786  -3.266  -7.028  1.00 20.00 ? 27  SER A CB  1 
ATOM   217  O  OG  . SER A 1 27  ? 13.567  -3.909  -6.661  1.00 19.44 ? 27  SER A OG  1 
ATOM   218  N  N   . LEU A 1 28  ? 12.335  -1.012  -7.798  1.00 14.69 ? 28  LEU A N   1 
ATOM   219  C  CA  . LEU A 1 28  ? 11.181  -0.821  -8.670  1.00 12.26 ? 28  LEU A CA  1 
ATOM   220  C  C   . LEU A 1 28  ? 11.257  0.400   -9.577  1.00 13.79 ? 28  LEU A C   1 
ATOM   221  O  O   . LEU A 1 28  ? 11.894  1.399   -9.233  1.00 14.28 ? 28  LEU A O   1 
ATOM   222  C  CB  . LEU A 1 28  ? 9.903   -0.714  -7.827  1.00 11.47 ? 28  LEU A CB  1 
ATOM   223  C  CG  . LEU A 1 28  ? 9.616   -1.833  -6.824  1.00 14.67 ? 28  LEU A CG  1 
ATOM   224  C  CD1 . LEU A 1 28  ? 8.339   -1.473  -6.063  1.00 13.55 ? 28  LEU A CD1 1 
ATOM   225  C  CD2 . LEU A 1 28  ? 9.472   -3.169  -7.534  1.00 15.96 ? 28  LEU A CD2 1 
ATOM   226  N  N   . ILE A 1 29  ? 10.614  0.311   -10.745 1.00 10.00 ? 29  ILE A N   1 
ATOM   227  C  CA  . ILE A 1 29  ? 10.561  1.459   -11.654 1.00 14.76 ? 29  ILE A CA  1 
ATOM   228  C  C   . ILE A 1 29  ? 9.299   2.190   -11.202 1.00 14.07 ? 29  ILE A C   1 
ATOM   229  O  O   . ILE A 1 29  ? 8.210   1.622   -11.241 1.00 12.11 ? 29  ILE A O   1 
ATOM   230  C  CB  . ILE A 1 29  ? 10.401  1.043   -13.125 1.00 14.17 ? 29  ILE A CB  1 
ATOM   231  C  CG1 . ILE A 1 29  ? 11.710  0.440   -13.645 1.00 19.57 ? 29  ILE A CG1 1 
ATOM   232  C  CG2 . ILE A 1 29  ? 10.026  2.250   -13.972 1.00 19.22 ? 29  ILE A CG2 1 
ATOM   233  C  CD1 . ILE A 1 29  ? 12.024  -0.893  -13.049 1.00 26.27 ? 29  ILE A CD1 1 
ATOM   234  N  N   . LEU A 1 30  ? 9.452   3.437   -10.764 1.00 15.72 ? 30  LEU A N   1 
ATOM   235  C  CA  . LEU A 1 30  ? 8.326   4.218   -10.236 1.00 15.86 ? 30  LEU A CA  1 
ATOM   236  C  C   . LEU A 1 30  ? 7.046   4.222   -11.064 1.00 16.85 ? 30  LEU A C   1 
ATOM   237  O  O   . LEU A 1 30  ? 5.940   4.051   -10.528 1.00 10.94 ? 30  LEU A O   1 
ATOM   238  C  CB  . LEU A 1 30  ? 8.764   5.658   -10.004 1.00 18.13 ? 30  LEU A CB  1 
ATOM   239  C  CG  . LEU A 1 30  ? 7.798   6.586   -9.271  1.00 19.76 ? 30  LEU A CG  1 
ATOM   240  C  CD1 . LEU A 1 30  ? 7.438   5.990   -7.918  1.00 20.05 ? 30  LEU A CD1 1 
ATOM   241  C  CD2 . LEU A 1 30  ? 8.442   7.960   -9.105  1.00 21.60 ? 30  LEU A CD2 1 
ATOM   242  N  N   . GLU A 1 31  ? 7.191   4.437   -12.369 1.00 14.18 ? 31  GLU A N   1 
ATOM   243  C  CA  . GLU A 1 31  ? 6.047   4.476   -13.269 1.00 16.27 ? 31  GLU A CA  1 
ATOM   244  C  C   . GLU A 1 31  ? 5.206   3.203   -13.262 1.00 15.05 ? 31  GLU A C   1 
ATOM   245  O  O   . GLU A 1 31  ? 4.052   3.211   -13.694 1.00 15.11 ? 31  GLU A O   1 
ATOM   246  C  CB  . GLU A 1 31  ? 6.520   4.744   -14.701 1.00 21.05 ? 31  GLU A CB  1 
ATOM   247  C  CG  . GLU A 1 31  ? 7.160   6.109   -14.939 1.00 29.06 ? 31  GLU A CG  1 
ATOM   248  C  CD  . GLU A 1 31  ? 8.441   6.352   -14.141 1.00 35.71 ? 31  GLU A CD  1 
ATOM   249  O  OE1 . GLU A 1 31  ? 9.247   5.405   -13.958 1.00 30.07 ? 31  GLU A OE1 1 
ATOM   250  O  OE2 . GLU A 1 31  ? 8.647   7.514   -13.712 1.00 40.01 ? 31  GLU A OE2 1 
ATOM   251  N  N   . ASP A 1 32  ? 5.804   2.107   -12.802 1.00 14.28 ? 32  ASP A N   1 
ATOM   252  C  CA  . ASP A 1 32  ? 5.144   0.810   -12.761 1.00 12.27 ? 32  ASP A CA  1 
ATOM   253  C  C   . ASP A 1 32  ? 4.549   0.509   -11.384 1.00 10.32 ? 32  ASP A C   1 
ATOM   254  O  O   . ASP A 1 32  ? 4.102   -0.612  -11.134 1.00 14.44 ? 32  ASP A O   1 
ATOM   255  C  CB  . ASP A 1 32  ? 6.145   -0.308  -13.121 1.00 17.46 ? 32  ASP A CB  1 
ATOM   256  C  CG  . ASP A 1 32  ? 6.727   -0.159  -14.528 1.00 21.10 ? 32  ASP A CG  1 
ATOM   257  O  OD1 . ASP A 1 32  ? 6.327   0.768   -15.267 1.00 19.16 ? 32  ASP A OD1 1 
ATOM   258  O  OD2 . ASP A 1 32  ? 7.598   -0.984  -14.892 1.00 21.84 ? 32  ASP A OD2 1 
ATOM   259  N  N   . VAL A 1 33  ? 4.553   1.502   -10.493 1.00 10.20 ? 33  VAL A N   1 
ATOM   260  C  CA  . VAL A 1 33  ? 4.024   1.296   -9.149  1.00 8.50  ? 33  VAL A CA  1 
ATOM   261  C  C   . VAL A 1 33  ? 2.779   2.142   -8.921  1.00 8.28  ? 33  VAL A C   1 
ATOM   262  O  O   . VAL A 1 33  ? 2.786   3.350   -9.162  1.00 11.02 ? 33  VAL A O   1 
ATOM   263  C  CB  . VAL A 1 33  ? 5.089   1.630   -8.089  1.00 8.05  ? 33  VAL A CB  1 
ATOM   264  C  CG1 . VAL A 1 33  ? 4.571   1.271   -6.703  1.00 12.14 ? 33  VAL A CG1 1 
ATOM   265  C  CG2 . VAL A 1 33  ? 6.371   0.846   -8.384  1.00 11.76 ? 33  VAL A CG2 1 
ATOM   266  N  N   . TYR A 1 34  ? 1.710   1.500   -8.452  1.00 8.82  ? 34  TYR A N   1 
ATOM   267  C  CA  . TYR A 1 34  ? 0.424   2.168   -8.214  1.00 9.68  ? 34  TYR A CA  1 
ATOM   268  C  C   . TYR A 1 34  ? -0.050  2.109   -6.754  1.00 8.20  ? 34  TYR A C   1 
ATOM   269  O  O   . TYR A 1 34  ? 0.425   1.292   -5.953  1.00 9.25  ? 34  TYR A O   1 
ATOM   270  C  CB  . TYR A 1 34  ? -0.661  1.508   -9.072  1.00 8.54  ? 34  TYR A CB  1 
ATOM   271  C  CG  . TYR A 1 34  ? -0.438  1.628   -10.560 1.00 9.74  ? 34  TYR A CG  1 
ATOM   272  C  CD1 . TYR A 1 34  ? 0.548   0.870   -11.206 1.00 12.83 ? 34  TYR A CD1 1 
ATOM   273  C  CD2 . TYR A 1 34  ? -1.157  2.558   -11.308 1.00 8.15  ? 34  TYR A CD2 1 
ATOM   274  C  CE1 . TYR A 1 34  ? 0.817   1.041   -12.559 1.00 13.78 ? 34  TYR A CE1 1 
ATOM   275  C  CE2 . TYR A 1 34  ? -0.897  2.748   -12.676 1.00 13.19 ? 34  TYR A CE2 1 
ATOM   276  C  CZ  . TYR A 1 34  ? 0.094   1.986   -13.289 1.00 16.90 ? 34  TYR A CZ  1 
ATOM   277  O  OH  . TYR A 1 34  ? 0.388   2.193   -14.623 1.00 17.90 ? 34  TYR A OH  1 
ATOM   278  N  N   . LEU A 1 35  ? -0.999  2.986   -6.417  1.00 9.30  ? 35  LEU A N   1 
ATOM   279  C  CA  . LEU A 1 35  ? -1.605  3.000   -5.088  1.00 10.20 ? 35  LEU A CA  1 
ATOM   280  C  C   . LEU A 1 35  ? -3.120  3.025   -5.282  1.00 10.72 ? 35  LEU A C   1 
ATOM   281  O  O   . LEU A 1 35  ? -3.618  3.672   -6.208  1.00 10.94 ? 35  LEU A O   1 
ATOM   282  C  CB  . LEU A 1 35  ? -1.210  4.257   -4.302  1.00 9.18  ? 35  LEU A CB  1 
ATOM   283  C  CG  . LEU A 1 35  ? 0.226   4.461   -3.831  1.00 13.68 ? 35  LEU A CG  1 
ATOM   284  C  CD1 . LEU A 1 35  ? 0.330   5.810   -3.111  1.00 17.23 ? 35  LEU A CD1 1 
ATOM   285  C  CD2 . LEU A 1 35  ? 0.625   3.335   -2.883  1.00 17.12 ? 35  LEU A CD2 1 
ATOM   286  N  N   . SER A 1 36  ? -3.847  2.311   -4.432  1.00 9.85  ? 36  SER A N   1 
ATOM   287  C  CA  . SER A 1 36  ? -5.305  2.351   -4.492  1.00 10.62 ? 36  SER A CA  1 
ATOM   288  C  C   . SER A 1 36  ? -5.713  3.579   -3.700  1.00 9.30  ? 36  SER A C   1 
ATOM   289  O  O   . SER A 1 36  ? -5.051  3.934   -2.719  1.00 8.78  ? 36  SER A O   1 
ATOM   290  C  CB  . SER A 1 36  ? -5.921  1.127   -3.815  1.00 13.72 ? 36  SER A CB  1 
ATOM   291  O  OG  . SER A 1 36  ? -7.267  1.405   -3.427  1.00 13.82 ? 36  SER A OG  1 
ATOM   292  N  N   . ALA A 1 37  ? -6.801  4.224   -4.108  1.00 8.19  ? 37  ALA A N   1 
ATOM   293  C  CA  . ALA A 1 37  ? -7.289  5.373   -3.374  1.00 11.91 ? 37  ALA A CA  1 
ATOM   294  C  C   . ALA A 1 37  ? -7.608  4.943   -1.923  1.00 10.97 ? 37  ALA A C   1 
ATOM   295  O  O   . ALA A 1 37  ? -7.573  5.754   -1.005  1.00 9.21  ? 37  ALA A O   1 
ATOM   296  C  CB  . ALA A 1 37  ? -8.544  5.932   -4.065  1.00 9.50  ? 37  ALA A CB  1 
ATOM   297  N  N   . ILE A 1 38  ? -7.918  3.663   -1.729  1.00 9.84  ? 38  ILE A N   1 
ATOM   298  C  CA  . ILE A 1 38  ? -8.213  3.121   -0.389  1.00 12.18 ? 38  ILE A CA  1 
ATOM   299  C  C   . ILE A 1 38  ? -6.965  3.210   0.513   1.00 12.12 ? 38  ILE A C   1 
ATOM   300  O  O   . ILE A 1 38  ? -7.055  3.571   1.687   1.00 12.07 ? 38  ILE A O   1 
ATOM   301  C  CB  . ILE A 1 38  ? -8.665  1.622   -0.472  1.00 15.15 ? 38  ILE A CB  1 
ATOM   302  C  CG1 . ILE A 1 38  ? -10.027 1.522   -1.184  1.00 15.19 ? 38  ILE A CG1 1 
ATOM   303  C  CG2 . ILE A 1 38  ? -8.737  1.010   0.929   1.00 15.28 ? 38  ILE A CG2 1 
ATOM   304  C  CD1 . ILE A 1 38  ? -11.189 2.159   -0.428  1.00 19.11 ? 38  ILE A CD1 1 
ATOM   305  N  N   . THR A 1 39  ? -5.806  2.859   -0.045  1.00 9.52  ? 39  THR A N   1 
ATOM   306  C  CA  . THR A 1 39  ? -4.535  2.914   0.679   1.00 9.95  ? 39  THR A CA  1 
ATOM   307  C  C   . THR A 1 39  ? -4.174  4.369   0.988   1.00 9.18  ? 39  THR A C   1 
ATOM   308  O  O   . THR A 1 39  ? -3.691  4.679   2.075   1.00 11.57 ? 39  THR A O   1 
ATOM   309  C  CB  . THR A 1 39  ? -3.420  2.240   -0.157  1.00 9.31  ? 39  THR A CB  1 
ATOM   310  O  OG1 . THR A 1 39  ? -3.799  0.882   -0.396  1.00 13.71 ? 39  THR A OG1 1 
ATOM   311  C  CG2 . THR A 1 39  ? -2.089  2.272   0.565   1.00 15.25 ? 39  THR A CG2 1 
ATOM   312  N  N   . VAL A 1 40  ? -4.426  5.271   0.041   1.00 9.98  ? 40  VAL A N   1 
ATOM   313  C  CA  . VAL A 1 40  ? -4.128  6.680   0.262   1.00 10.05 ? 40  VAL A CA  1 
ATOM   314  C  C   . VAL A 1 40  ? -5.006  7.171   1.415   1.00 10.66 ? 40  VAL A C   1 
ATOM   315  O  O   . VAL A 1 40  ? -4.550  7.936   2.269   1.00 9.35  ? 40  VAL A O   1 
ATOM   316  C  CB  . VAL A 1 40  ? -4.395  7.531   -1.010  1.00 9.49  ? 40  VAL A CB  1 
ATOM   317  C  CG1 . VAL A 1 40  ? -4.197  9.007   -0.704  1.00 11.26 ? 40  VAL A CG1 1 
ATOM   318  C  CG2 . VAL A 1 40  ? -3.425  7.108   -2.139  1.00 13.13 ? 40  VAL A CG2 1 
ATOM   319  N  N   . ALA A 1 41  ? -6.259  6.720   1.458   1.00 9.69  ? 41  ALA A N   1 
ATOM   320  C  CA  . ALA A 1 41  ? -7.154  7.138   2.545   1.00 10.48 ? 41  ALA A CA  1 
ATOM   321  C  C   . ALA A 1 41  ? -6.631  6.636   3.895   1.00 11.25 ? 41  ALA A C   1 
ATOM   322  O  O   . ALA A 1 41  ? -6.679  7.358   4.905   1.00 8.41  ? 41  ALA A O   1 
ATOM   323  C  CB  . ALA A 1 41  ? -8.546  6.594   2.315   1.00 9.27  ? 41  ALA A CB  1 
ATOM   324  N  N   . GLU A 1 42  ? -6.165  5.390   3.924   1.00 10.76 ? 42  GLU A N   1 
ATOM   325  C  CA  . GLU A 1 42  ? -5.655  4.818   5.170   1.00 12.79 ? 42  GLU A CA  1 
ATOM   326  C  C   . GLU A 1 42  ? -4.363  5.499   5.604   1.00 13.00 ? 42  GLU A C   1 
ATOM   327  O  O   . GLU A 1 42  ? -4.149  5.706   6.801   1.00 11.27 ? 42  GLU A O   1 
ATOM   328  C  CB  . GLU A 1 42  ? -5.427  3.308   5.031   1.00 13.89 ? 42  GLU A CB  1 
ATOM   329  C  CG  . GLU A 1 42  ? -6.652  2.549   4.527   1.00 21.43 ? 42  GLU A CG  1 
ATOM   330  C  CD  . GLU A 1 42  ? -6.418  1.052   4.417   1.00 29.32 ? 42  GLU A CD  1 
ATOM   331  O  OE1 . GLU A 1 42  ? -5.250  0.653   4.168   1.00 30.35 ? 42  GLU A OE1 1 
ATOM   332  O  OE2 . GLU A 1 42  ? -7.400  0.278   4.560   1.00 21.11 ? 42  GLU A OE2 1 
ATOM   333  N  N   . LEU A 1 43  ? -3.496  5.836   4.644   1.00 10.84 ? 43  LEU A N   1 
ATOM   334  C  CA  . LEU A 1 43  ? -2.256  6.541   4.978   1.00 11.43 ? 43  LEU A CA  1 
ATOM   335  C  C   . LEU A 1 43  ? -2.605  7.908   5.556   1.00 11.65 ? 43  LEU A C   1 
ATOM   336  O  O   . LEU A 1 43  ? -2.075  8.307   6.598   1.00 12.69 ? 43  LEU A O   1 
ATOM   337  C  CB  . LEU A 1 43  ? -1.374  6.727   3.736   1.00 11.68 ? 43  LEU A CB  1 
ATOM   338  C  CG  . LEU A 1 43  ? -0.792  5.422   3.204   1.00 15.80 ? 43  LEU A CG  1 
ATOM   339  C  CD1 . LEU A 1 43  ? -0.116  5.638   1.850   1.00 15.75 ? 43  LEU A CD1 1 
ATOM   340  C  CD2 . LEU A 1 43  ? 0.194   4.890   4.230   1.00 17.45 ? 43  LEU A CD2 1 
ATOM   341  N  N   . ARG A 1 44  ? -3.496  8.630   4.885   1.00 11.45 ? 44  ARG A N   1 
ATOM   342  C  CA  . ARG A 1 44  ? -3.883  9.951   5.373   1.00 8.38  ? 44  ARG A CA  1 
ATOM   343  C  C   . ARG A 1 44  ? -4.539  9.888   6.752   1.00 11.30 ? 44  ARG A C   1 
ATOM   344  O  O   . ARG A 1 44  ? -4.310  10.764  7.580   1.00 11.83 ? 44  ARG A O   1 
ATOM   345  C  CB  . ARG A 1 44  ? -4.813  10.650  4.364   1.00 8.37  ? 44  ARG A CB  1 
ATOM   346  C  CG  . ARG A 1 44  ? -4.073  11.221  3.137   1.00 10.76 ? 44  ARG A CG  1 
ATOM   347  C  CD  . ARG A 1 44  ? -5.049  11.633  2.028   1.00 12.16 ? 44  ARG A CD  1 
ATOM   348  N  NE  . ARG A 1 44  ? -4.406  12.482  1.031   1.00 14.91 ? 44  ARG A NE  1 
ATOM   349  C  CZ  . ARG A 1 44  ? -4.896  12.723  -0.184  1.00 16.46 ? 44  ARG A CZ  1 
ATOM   350  N  NH1 . ARG A 1 44  ? -6.046  12.167  -0.570  1.00 13.72 ? 44  ARG A NH1 1 
ATOM   351  N  NH2 . ARG A 1 44  ? -4.237  13.532  -1.009  1.00 17.49 ? 44  ARG A NH2 1 
ATOM   352  N  N   . LEU A 1 45  ? -5.346  8.854   7.003   1.00 12.51 ? 45  LEU A N   1 
ATOM   353  C  CA  . LEU A 1 45  ? -6.018  8.713   8.295   1.00 12.80 ? 45  LEU A CA  1 
ATOM   354  C  C   . LEU A 1 45  ? -4.985  8.434   9.387   1.00 15.73 ? 45  LEU A C   1 
ATOM   355  O  O   . LEU A 1 45  ? -5.035  9.013   10.482  1.00 14.01 ? 45  LEU A O   1 
ATOM   356  C  CB  . LEU A 1 45  ? -7.046  7.577   8.223   1.00 10.58 ? 45  LEU A CB  1 
ATOM   357  C  CG  . LEU A 1 45  ? -7.754  7.213   9.526   1.00 12.42 ? 45  LEU A CG  1 
ATOM   358  C  CD1 . LEU A 1 45  ? -8.404  8.450   10.142  1.00 10.21 ? 45  LEU A CD1 1 
ATOM   359  C  CD2 . LEU A 1 45  ? -8.791  6.130   9.249   1.00 12.96 ? 45  LEU A CD2 1 
ATOM   360  N  N   . GLY A 1 46  ? -4.040  7.549   9.077   1.00 14.34 ? 46  GLY A N   1 
ATOM   361  C  CA  . GLY A 1 46  ? -2.992  7.207   10.029  1.00 16.52 ? 46  GLY A CA  1 
ATOM   362  C  C   . GLY A 1 46  ? -2.217  8.437   10.455  1.00 15.66 ? 46  GLY A C   1 
ATOM   363  O  O   . GLY A 1 46  ? -1.950  8.646   11.648  1.00 16.49 ? 46  GLY A O   1 
ATOM   364  N  N   . VAL A 1 47  ? -1.853  9.266   9.488   1.00 13.68 ? 47  VAL A N   1 
ATOM   365  C  CA  . VAL A 1 47  ? -1.117  10.482  9.811   1.00 14.76 ? 47  VAL A CA  1 
ATOM   366  C  C   . VAL A 1 47  ? -1.979  11.407  10.670  1.00 14.87 ? 47  VAL A C   1 
ATOM   367  O  O   . VAL A 1 47  ? -1.501  11.969  11.656  1.00 13.96 ? 47  VAL A O   1 
ATOM   368  C  CB  . VAL A 1 47  ? -0.690  11.242  8.550   1.00 14.95 ? 47  VAL A CB  1 
ATOM   369  C  CG1 . VAL A 1 47  ? -0.072  12.582  8.934   1.00 14.53 ? 47  VAL A CG1 1 
ATOM   370  C  CG2 . VAL A 1 47  ? 0.322   10.404  7.759   1.00 13.74 ? 47  VAL A CG2 1 
ATOM   371  N  N   . ALA A 1 48  ? -3.253  11.552  10.310  1.00 13.65 ? 48  ALA A N   1 
ATOM   372  C  CA  . ALA A 1 48  ? -4.140  12.430  11.071  1.00 13.93 ? 48  ALA A CA  1 
ATOM   373  C  C   . ALA A 1 48  ? -4.433  11.981  12.509  1.00 15.66 ? 48  ALA A C   1 
ATOM   374  O  O   . ALA A 1 48  ? -4.912  12.779  13.325  1.00 17.44 ? 48  ALA A O   1 
ATOM   375  C  CB  . ALA A 1 48  ? -5.456  12.643  10.309  1.00 12.51 ? 48  ALA A CB  1 
ATOM   376  N  N   . LEU A 1 49  ? -4.150  10.719  12.821  1.00 13.24 ? 49  LEU A N   1 
ATOM   377  C  CA  . LEU A 1 49  ? -4.398  10.193  14.164  1.00 15.75 ? 49  LEU A CA  1 
ATOM   378  C  C   . LEU A 1 49  ? -3.160  10.177  15.052  1.00 15.56 ? 49  LEU A C   1 
ATOM   379  O  O   . LEU A 1 49  ? -3.221  9.709   16.193  1.00 14.39 ? 49  LEU A O   1 
ATOM   380  C  CB  . LEU A 1 49  ? -4.978  8.778   14.076  1.00 14.11 ? 49  LEU A CB  1 
ATOM   381  C  CG  . LEU A 1 49  ? -6.377  8.740   13.461  1.00 14.85 ? 49  LEU A CG  1 
ATOM   382  C  CD1 . LEU A 1 49  ? -6.779  7.309   13.134  1.00 14.45 ? 49  LEU A CD1 1 
ATOM   383  C  CD2 . LEU A 1 49  ? -7.351  9.393   14.430  1.00 15.43 ? 49  LEU A CD2 1 
ATOM   384  N  N   . LEU A 1 50  ? -2.038  10.689  14.548  1.00 15.30 ? 50  LEU A N   1 
ATOM   385  C  CA  . LEU A 1 50  ? -0.813  10.702  15.357  1.00 13.45 ? 50  LEU A CA  1 
ATOM   386  C  C   . LEU A 1 50  ? -1.018  11.538  16.621  1.00 16.38 ? 50  LEU A C   1 
ATOM   387  O  O   . LEU A 1 50  ? -1.626  12.608  16.569  1.00 15.88 ? 50  LEU A O   1 
ATOM   388  C  CB  . LEU A 1 50  ? 0.360   11.269  14.557  1.00 11.34 ? 50  LEU A CB  1 
ATOM   389  C  CG  . LEU A 1 50  ? 0.841   10.405  13.379  1.00 14.30 ? 50  LEU A CG  1 
ATOM   390  C  CD1 . LEU A 1 50  ? 1.922   11.140  12.625  1.00 19.60 ? 50  LEU A CD1 1 
ATOM   391  C  CD2 . LEU A 1 50  ? 1.364   9.062   13.887  1.00 16.83 ? 50  LEU A CD2 1 
ATOM   392  N  N   . LEU A 1 51  ? -0.487  11.053  17.744  1.00 16.45 ? 51  LEU A N   1 
ATOM   393  C  CA  . LEU A 1 51  ? -0.620  11.750  19.027  1.00 18.13 ? 51  LEU A CA  1 
ATOM   394  C  C   . LEU A 1 51  ? 0.332   12.945  19.188  1.00 17.80 ? 51  LEU A C   1 
ATOM   395  O  O   . LEU A 1 51  ? 0.078   13.842  20.001  1.00 18.47 ? 51  LEU A O   1 
ATOM   396  C  CB  . LEU A 1 51  ? -0.415  10.759  20.186  1.00 18.05 ? 51  LEU A CB  1 
ATOM   397  C  CG  . LEU A 1 51  ? -1.435  9.612   20.345  1.00 20.99 ? 51  LEU A CG  1 
ATOM   398  C  CD1 . LEU A 1 51  ? -1.037  8.726   21.533  1.00 15.40 ? 51  LEU A CD1 1 
ATOM   399  C  CD2 . LEU A 1 51  ? -2.832  10.172  20.564  1.00 19.75 ? 51  LEU A CD2 1 
ATOM   400  N  N   . ASN A 1 52  ? 1.415   12.953  18.416  1.00 18.53 ? 52  ASN A N   1 
ATOM   401  C  CA  . ASN A 1 52  ? 2.418   14.024  18.455  1.00 19.25 ? 52  ASN A CA  1 
ATOM   402  C  C   . ASN A 1 52  ? 2.111   15.093  17.396  1.00 22.97 ? 52  ASN A C   1 
ATOM   403  O  O   . ASN A 1 52  ? 2.276   14.856  16.202  1.00 19.88 ? 52  ASN A O   1 
ATOM   404  C  CB  . ASN A 1 52  ? 3.813   13.419  18.206  1.00 20.42 ? 52  ASN A CB  1 
ATOM   405  C  CG  . ASN A 1 52  ? 4.928   14.452  18.253  1.00 21.97 ? 52  ASN A CG  1 
ATOM   406  O  OD1 . ASN A 1 52  ? 4.850   15.496  17.613  1.00 22.64 ? 52  ASN A OD1 1 
ATOM   407  N  ND2 . ASN A 1 52  ? 5.984   14.151  19.010  1.00 28.36 ? 52  ASN A ND2 1 
ATOM   408  N  N   . GLY A 1 53  ? 1.678   16.270  17.840  1.00 23.53 ? 53  GLY A N   1 
ATOM   409  C  CA  . GLY A 1 53  ? 1.336   17.340  16.915  1.00 27.57 ? 53  GLY A CA  1 
ATOM   410  C  C   . GLY A 1 53  ? 2.427   17.730  15.934  1.00 27.90 ? 53  GLY A C   1 
ATOM   411  O  O   . GLY A 1 53  ? 2.176   17.879  14.735  1.00 26.71 ? 53  GLY A O   1 
ATOM   412  N  N   . LYS A 1 54  ? 3.640   17.915  16.441  1.00 29.48 ? 54  LYS A N   1 
ATOM   413  C  CA  . LYS A 1 54  ? 4.765   18.293  15.588  1.00 31.17 ? 54  LYS A CA  1 
ATOM   414  C  C   . LYS A 1 54  ? 4.993   17.255  14.497  1.00 29.69 ? 54  LYS A C   1 
ATOM   415  O  O   . LYS A 1 54  ? 5.111   17.593  13.313  1.00 27.79 ? 54  LYS A O   1 
ATOM   416  C  CB  . LYS A 1 54  ? 6.034   18.459  16.430  1.00 32.70 ? 54  LYS A CB  1 
ATOM   417  C  CG  . LYS A 1 54  ? 5.956   19.623  17.408  1.00 38.65 ? 54  LYS A CG  1 
ATOM   418  C  CD  . LYS A 1 54  ? 5.634   20.926  16.681  1.00 41.50 ? 54  LYS A CD  1 
ATOM   419  C  CE  . LYS A 1 54  ? 5.378   22.073  17.656  1.00 44.19 ? 54  LYS A CE  1 
ATOM   420  N  NZ  . LYS A 1 54  ? 4.974   23.333  16.946  1.00 45.99 ? 54  LYS A NZ  1 
ATOM   421  N  N   . LYS A 1 55  ? 5.049   15.988  14.896  1.00 25.90 ? 55  LYS A N   1 
ATOM   422  C  CA  . LYS A 1 55  ? 5.261   14.902  13.950  1.00 23.87 ? 55  LYS A CA  1 
ATOM   423  C  C   . LYS A 1 55  ? 4.152   14.852  12.909  1.00 23.26 ? 55  LYS A C   1 
ATOM   424  O  O   . LYS A 1 55  ? 4.415   14.678  11.720  1.00 21.96 ? 55  LYS A O   1 
ATOM   425  C  CB  . LYS A 1 55  ? 5.319   13.566  14.687  1.00 28.30 ? 55  LYS A CB  1 
ATOM   426  C  CG  . LYS A 1 55  ? 5.626   12.376  13.787  1.00 31.85 ? 55  LYS A CG  1 
ATOM   427  C  CD  . LYS A 1 55  ? 7.011   11.814  14.061  1.00 36.30 ? 55  LYS A CD  1 
ATOM   428  C  CE  . LYS A 1 55  ? 7.132   11.311  15.494  1.00 36.90 ? 55  LYS A CE  1 
ATOM   429  N  NZ  . LYS A 1 55  ? 8.440   10.644  15.749  1.00 38.16 ? 55  LYS A NZ  1 
ATOM   430  N  N   . LYS A 1 56  ? 2.908   14.990  13.361  1.00 20.19 ? 56  LYS A N   1 
ATOM   431  C  CA  . LYS A 1 56  ? 1.773   14.954  12.455  1.00 18.99 ? 56  LYS A CA  1 
ATOM   432  C  C   . LYS A 1 56  ? 1.871   16.036  11.391  1.00 19.36 ? 56  LYS A C   1 
ATOM   433  O  O   . LYS A 1 56  ? 1.657   15.778  10.209  1.00 20.74 ? 56  LYS A O   1 
ATOM   434  C  CB  . LYS A 1 56  ? 0.462   15.130  13.231  1.00 16.94 ? 56  LYS A CB  1 
ATOM   435  C  CG  . LYS A 1 56  ? -0.771  15.097  12.336  1.00 22.68 ? 56  LYS A CG  1 
ATOM   436  C  CD  . LYS A 1 56  ? -2.066  15.249  13.124  1.00 25.56 ? 56  LYS A CD  1 
ATOM   437  C  CE  . LYS A 1 56  ? -2.267  16.684  13.590  1.00 28.48 ? 56  LYS A CE  1 
ATOM   438  N  NZ  . LYS A 1 56  ? -3.626  16.892  14.178  1.00 31.95 ? 56  LYS A NZ  1 
ATOM   439  N  N   . ASN A 1 57  ? 2.186   17.255  11.811  1.00 20.81 ? 57  ASN A N   1 
ATOM   440  C  CA  . ASN A 1 57  ? 2.288   18.363  10.867  1.00 22.99 ? 57  ASN A CA  1 
ATOM   441  C  C   . ASN A 1 57  ? 3.368   18.123  9.830   1.00 21.57 ? 57  ASN A C   1 
ATOM   442  O  O   . ASN A 1 57  ? 3.140   18.314  8.638   1.00 22.48 ? 57  ASN A O   1 
ATOM   443  C  CB  . ASN A 1 57  ? 2.553   19.666  11.611  1.00 26.80 ? 57  ASN A CB  1 
ATOM   444  C  CG  . ASN A 1 57  ? 1.289   20.267  12.172  1.00 34.36 ? 57  ASN A CG  1 
ATOM   445  O  OD1 . ASN A 1 57  ? 0.530   19.601  12.881  1.00 37.46 ? 57  ASN A OD1 1 
ATOM   446  N  ND2 . ASN A 1 57  ? 1.048   21.535  11.857  1.00 41.02 ? 57  ASN A ND2 1 
ATOM   447  N  N   . VAL A 1 58  ? 4.541   17.703  10.280  1.00 19.52 ? 58  VAL A N   1 
ATOM   448  C  CA  . VAL A 1 58  ? 5.623   17.432  9.358   1.00 18.84 ? 58  VAL A CA  1 
ATOM   449  C  C   . VAL A 1 58  ? 5.287   16.283  8.418   1.00 17.77 ? 58  VAL A C   1 
ATOM   450  O  O   . VAL A 1 58  ? 5.500   16.400  7.219   1.00 17.40 ? 58  VAL A O   1 
ATOM   451  C  CB  . VAL A 1 58  ? 6.928   17.089  10.100  1.00 22.33 ? 58  VAL A CB  1 
ATOM   452  C  CG1 . VAL A 1 58  ? 7.974   16.643  9.099   1.00 21.77 ? 58  VAL A CG1 1 
ATOM   453  C  CG2 . VAL A 1 58  ? 7.431   18.328  10.879  1.00 22.61 ? 58  VAL A CG2 1 
ATOM   454  N  N   . LEU A 1 59  ? 4.775   15.172  8.951   1.00 16.56 ? 59  LEU A N   1 
ATOM   455  C  CA  . LEU A 1 59  ? 4.449   14.020  8.101   1.00 15.85 ? 59  LEU A CA  1 
ATOM   456  C  C   . LEU A 1 59  ? 3.303   14.328  7.130   1.00 17.36 ? 59  LEU A C   1 
ATOM   457  O  O   . LEU A 1 59  ? 3.273   13.812  6.006   1.00 16.64 ? 59  LEU A O   1 
ATOM   458  C  CB  . LEU A 1 59  ? 4.127   12.789  8.969   1.00 16.07 ? 59  LEU A CB  1 
ATOM   459  C  CG  . LEU A 1 59  ? 3.823   11.449  8.286   1.00 19.49 ? 59  LEU A CG  1 
ATOM   460  C  CD1 . LEU A 1 59  ? 4.950   11.101  7.316   1.00 19.85 ? 59  LEU A CD1 1 
ATOM   461  C  CD2 . LEU A 1 59  ? 3.675   10.351  9.326   1.00 17.77 ? 59  LEU A CD2 1 
ATOM   462  N  N   . HIS A 1 60  ? 2.363   15.171  7.553   1.00 14.90 ? 60  HIS A N   1 
ATOM   463  C  CA  . HIS A 1 60  ? 1.264   15.538  6.673   1.00 18.28 ? 60  HIS A CA  1 
ATOM   464  C  C   . HIS A 1 60  ? 1.867   16.259  5.462   1.00 17.31 ? 60  HIS A C   1 
ATOM   465  O  O   . HIS A 1 60  ? 1.549   15.944  4.314   1.00 15.92 ? 60  HIS A O   1 
ATOM   466  C  CB  . HIS A 1 60  ? 0.266   16.437  7.411   1.00 20.84 ? 60  HIS A CB  1 
ATOM   467  C  CG  . HIS A 1 60  ? -0.771  17.039  6.516   1.00 25.80 ? 60  HIS A CG  1 
ATOM   468  N  ND1 . HIS A 1 60  ? -0.537  18.174  5.767   1.00 32.14 ? 60  HIS A ND1 1 
ATOM   469  C  CD2 . HIS A 1 60  ? -2.020  16.632  6.197   1.00 30.15 ? 60  HIS A CD2 1 
ATOM   470  C  CE1 . HIS A 1 60  ? -1.597  18.435  5.025   1.00 33.41 ? 60  HIS A CE1 1 
ATOM   471  N  NE2 . HIS A 1 60  ? -2.512  17.514  5.264   1.00 27.77 ? 60  HIS A NE2 1 
ATOM   472  N  N   . GLU A 1 61  ? 2.777   17.195  5.727   1.00 18.41 ? 61  GLU A N   1 
ATOM   473  C  CA  . GLU A 1 61  ? 3.444   17.952  4.667   1.00 18.67 ? 61  GLU A CA  1 
ATOM   474  C  C   . GLU A 1 61  ? 4.202   17.010  3.737   1.00 17.09 ? 61  GLU A C   1 
ATOM   475  O  O   . GLU A 1 61  ? 4.096   17.113  2.518   1.00 15.10 ? 61  GLU A O   1 
ATOM   476  C  CB  . GLU A 1 61  ? 4.430   18.964  5.269   1.00 24.86 ? 61  GLU A CB  1 
ATOM   477  C  CG  . GLU A 1 61  ? 5.308   19.694  4.251   1.00 34.36 ? 61  GLU A CG  1 
ATOM   478  C  CD  . GLU A 1 61  ? 4.614   20.886  3.605   1.00 43.59 ? 61  GLU A CD  1 
ATOM   479  O  OE1 . GLU A 1 61  ? 4.256   21.840  4.340   1.00 48.81 ? 61  GLU A OE1 1 
ATOM   480  O  OE2 . GLU A 1 61  ? 4.429   20.878  2.363   1.00 45.13 ? 61  GLU A OE2 1 
ATOM   481  N  N   . ARG A 1 62  ? 4.967   16.084  4.311   1.00 14.53 ? 62  ARG A N   1 
ATOM   482  C  CA  . ARG A 1 62  ? 5.732   15.165  3.491   1.00 14.50 ? 62  ARG A CA  1 
ATOM   483  C  C   . ARG A 1 62  ? 4.849   14.230  2.675   1.00 15.48 ? 62  ARG A C   1 
ATOM   484  O  O   . ARG A 1 62  ? 5.136   13.954  1.505   1.00 12.76 ? 62  ARG A O   1 
ATOM   485  C  CB  . ARG A 1 62  ? 6.693   14.360  4.358   1.00 17.64 ? 62  ARG A CB  1 
ATOM   486  C  CG  . ARG A 1 62  ? 7.800   15.218  4.924   1.00 18.80 ? 62  ARG A CG  1 
ATOM   487  C  CD  . ARG A 1 62  ? 8.658   15.799  3.813   1.00 19.84 ? 62  ARG A CD  1 
ATOM   488  N  NE  . ARG A 1 62  ? 9.750   16.586  4.374   1.00 32.65 ? 62  ARG A NE  1 
ATOM   489  C  CZ  . ARG A 1 62  ? 9.617   17.829  4.824   1.00 33.93 ? 62  ARG A CZ  1 
ATOM   490  N  NH1 . ARG A 1 62  ? 8.440   18.435  4.767   1.00 33.26 ? 62  ARG A NH1 1 
ATOM   491  N  NH2 . ARG A 1 62  ? 10.658  18.460  5.355   1.00 39.00 ? 62  ARG A NH2 1 
ATOM   492  N  N   . LEU A 1 63  ? 3.774   13.743  3.276   1.00 13.57 ? 63  LEU A N   1 
ATOM   493  C  CA  . LEU A 1 63  ? 2.879   12.855  2.538   1.00 14.05 ? 63  LEU A CA  1 
ATOM   494  C  C   . LEU A 1 63  ? 2.272   13.571  1.334   1.00 15.07 ? 63  LEU A C   1 
ATOM   495  O  O   . LEU A 1 63  ? 2.338   13.089  0.196   1.00 13.58 ? 63  LEU A O   1 
ATOM   496  C  CB  . LEU A 1 63  ? 1.747   12.357  3.441   1.00 13.52 ? 63  LEU A CB  1 
ATOM   497  C  CG  . LEU A 1 63  ? 0.743   11.418  2.755   1.00 13.85 ? 63  LEU A CG  1 
ATOM   498  C  CD1 . LEU A 1 63  ? 1.473   10.169  2.224   1.00 14.07 ? 63  LEU A CD1 1 
ATOM   499  C  CD2 . LEU A 1 63  ? -0.330  11.018  3.747   1.00 16.06 ? 63  LEU A CD2 1 
ATOM   500  N  N   . GLU A 1 64  ? 1.695   14.736  1.587   1.00 13.07 ? 64  GLU A N   1 
ATOM   501  C  CA  . GLU A 1 64  ? 1.027   15.487  0.531   1.00 14.17 ? 64  GLU A CA  1 
ATOM   502  C  C   . GLU A 1 64  ? 1.943   16.118  -0.520  1.00 17.01 ? 64  GLU A C   1 
ATOM   503  O  O   . GLU A 1 64  ? 1.652   16.063  -1.726  1.00 15.17 ? 64  GLU A O   1 
ATOM   504  C  CB  . GLU A 1 64  ? 0.150   16.577  1.160   1.00 15.61 ? 64  GLU A CB  1 
ATOM   505  C  CG  . GLU A 1 64  ? -0.938  16.060  2.128   1.00 16.17 ? 64  GLU A CG  1 
ATOM   506  C  CD  . GLU A 1 64  ? -1.898  15.052  1.486   1.00 20.35 ? 64  GLU A CD  1 
ATOM   507  O  OE1 . GLU A 1 64  ? -2.134  15.131  0.259   1.00 22.29 ? 64  GLU A OE1 1 
ATOM   508  O  OE2 . GLU A 1 64  ? -2.441  14.185  2.212   1.00 21.79 ? 64  GLU A OE2 1 
ATOM   509  N  N   . GLN A 1 65  ? 3.052   16.698  -0.076  1.00 17.41 ? 65  GLN A N   1 
ATOM   510  C  CA  . GLN A 1 65  ? 3.963   17.386  -0.989  1.00 20.34 ? 65  GLN A CA  1 
ATOM   511  C  C   . GLN A 1 65  ? 5.165   16.615  -1.514  1.00 20.65 ? 65  GLN A C   1 
ATOM   512  O  O   . GLN A 1 65  ? 5.793   17.049  -2.479  1.00 20.42 ? 65  GLN A O   1 
ATOM   513  C  CB  . GLN A 1 65  ? 4.478   18.676  -0.337  1.00 24.17 ? 65  GLN A CB  1 
ATOM   514  C  CG  . GLN A 1 65  ? 3.410   19.744  -0.117  1.00 36.10 ? 65  GLN A CG  1 
ATOM   515  C  CD  . GLN A 1 65  ? 2.705   20.132  -1.416  1.00 42.83 ? 65  GLN A CD  1 
ATOM   516  O  OE1 . GLN A 1 65  ? 1.574   19.706  -1.677  1.00 46.07 ? 65  GLN A OE1 1 
ATOM   517  N  NE2 . GLN A 1 65  ? 3.382   20.932  -2.242  1.00 46.19 ? 65  GLN A NE2 1 
ATOM   518  N  N   . SER A 1 66  ? 5.491   15.486  -0.898  1.00 15.72 ? 66  SER A N   1 
ATOM   519  C  CA  . SER A 1 66  ? 6.657   14.723  -1.337  1.00 16.25 ? 66  SER A CA  1 
ATOM   520  C  C   . SER A 1 66  ? 6.367   13.288  -1.749  1.00 17.16 ? 66  SER A C   1 
ATOM   521  O  O   . SER A 1 66  ? 6.937   12.784  -2.726  1.00 18.37 ? 66  SER A O   1 
ATOM   522  C  CB  . SER A 1 66  ? 7.714   14.691  -0.230  1.00 18.59 ? 66  SER A CB  1 
ATOM   523  O  OG  . SER A 1 66  ? 8.247   15.978  0.016   1.00 21.65 ? 66  SER A OG  1 
ATOM   524  N  N   . ILE A 1 67  ? 5.497   12.620  -0.999  1.00 15.34 ? 67  ILE A N   1 
ATOM   525  C  CA  . ILE A 1 67  ? 5.193   11.216  -1.300  1.00 14.21 ? 67  ILE A CA  1 
ATOM   526  C  C   . ILE A 1 67  ? 4.131   11.006  -2.372  1.00 15.06 ? 67  ILE A C   1 
ATOM   527  O  O   . ILE A 1 67  ? 4.401   10.370  -3.390  1.00 12.30 ? 67  ILE A O   1 
ATOM   528  C  CB  . ILE A 1 67  ? 4.779   10.445  -0.019  1.00 13.08 ? 67  ILE A CB  1 
ATOM   529  C  CG1 . ILE A 1 67  ? 5.946   10.416  0.967   1.00 15.54 ? 67  ILE A CG1 1 
ATOM   530  C  CG2 . ILE A 1 67  ? 4.384   9.005   -0.370  1.00 13.22 ? 67  ILE A CG2 1 
ATOM   531  C  CD1 . ILE A 1 67  ? 5.547   9.920   2.345   1.00 18.73 ? 67  ILE A CD1 1 
ATOM   532  N  N   . LEU A 1 68  ? 2.931   11.541  -2.157  1.00 12.96 ? 68  LEU A N   1 
ATOM   533  C  CA  . LEU A 1 68  ? 1.861   11.356  -3.128  1.00 13.93 ? 68  LEU A CA  1 
ATOM   534  C  C   . LEU A 1 68  ? 2.169   11.842  -4.555  1.00 11.97 ? 68  LEU A C   1 
ATOM   535  O  O   . LEU A 1 68  ? 1.705   11.244  -5.518  1.00 10.87 ? 68  LEU A O   1 
ATOM   536  C  CB  . LEU A 1 68  ? 0.552   11.960  -2.605  1.00 14.45 ? 68  LEU A CB  1 
ATOM   537  C  CG  . LEU A 1 68  ? -0.045  11.284  -1.363  1.00 14.68 ? 68  LEU A CG  1 
ATOM   538  C  CD1 . LEU A 1 68  ? -1.420  11.918  -1.060  1.00 13.52 ? 68  LEU A CD1 1 
ATOM   539  C  CD2 . LEU A 1 68  ? -0.205  9.773   -1.595  1.00 17.29 ? 68  LEU A CD2 1 
ATOM   540  N  N   . PRO A 1 69  ? 2.952   12.929  -4.710  1.00 11.79 ? 69  PRO A N   1 
ATOM   541  C  CA  . PRO A 1 69  ? 3.254   13.374  -6.073  1.00 13.20 ? 69  PRO A CA  1 
ATOM   542  C  C   . PRO A 1 69  ? 4.001   12.292  -6.865  1.00 11.40 ? 69  PRO A C   1 
ATOM   543  O  O   . PRO A 1 69  ? 3.961   12.283  -8.086  1.00 11.93 ? 69  PRO A O   1 
ATOM   544  C  CB  . PRO A 1 69  ? 4.104   14.615  -5.845  1.00 12.72 ? 69  PRO A CB  1 
ATOM   545  C  CG  . PRO A 1 69  ? 3.522   15.178  -4.583  1.00 14.75 ? 69  PRO A CG  1 
ATOM   546  C  CD  . PRO A 1 69  ? 3.399   13.931  -3.728  1.00 13.63 ? 69  PRO A CD  1 
ATOM   547  N  N   . LEU A 1 70  ? 4.697   11.398  -6.163  1.00 13.58 ? 70  LEU A N   1 
ATOM   548  C  CA  . LEU A 1 70  ? 5.418   10.309  -6.826  1.00 12.23 ? 70  LEU A CA  1 
ATOM   549  C  C   . LEU A 1 70  ? 4.413   9.392   -7.517  1.00 14.30 ? 70  LEU A C   1 
ATOM   550  O  O   . LEU A 1 70  ? 4.772   8.625   -8.417  1.00 14.91 ? 70  LEU A O   1 
ATOM   551  C  CB  . LEU A 1 70  ? 6.203   9.470   -5.815  1.00 13.65 ? 70  LEU A CB  1 
ATOM   552  C  CG  . LEU A 1 70  ? 7.318   10.159  -5.032  1.00 15.51 ? 70  LEU A CG  1 
ATOM   553  C  CD1 . LEU A 1 70  ? 7.808   9.226   -3.932  1.00 16.15 ? 70  LEU A CD1 1 
ATOM   554  C  CD2 . LEU A 1 70  ? 8.436   10.541  -5.974  1.00 15.38 ? 70  LEU A CD2 1 
ATOM   555  N  N   . PHE A 1 71  ? 3.152   9.469   -7.093  1.00 11.60 ? 71  PHE A N   1 
ATOM   556  C  CA  . PHE A 1 71  ? 2.114   8.618   -7.664  1.00 10.99 ? 71  PHE A CA  1 
ATOM   557  C  C   . PHE A 1 71  ? 1.059   9.358   -8.478  1.00 12.51 ? 71  PHE A C   1 
ATOM   558  O  O   . PHE A 1 71  ? -0.019  8.827   -8.742  1.00 13.65 ? 71  PHE A O   1 
ATOM   559  C  CB  . PHE A 1 71  ? 1.460   7.796   -6.549  1.00 10.02 ? 71  PHE A CB  1 
ATOM   560  C  CG  . PHE A 1 71  ? 2.422   6.893   -5.834  1.00 10.16 ? 71  PHE A CG  1 
ATOM   561  C  CD1 . PHE A 1 71  ? 3.109   7.332   -4.708  1.00 11.63 ? 71  PHE A CD1 1 
ATOM   562  C  CD2 . PHE A 1 71  ? 2.688   5.619   -6.326  1.00 12.61 ? 71  PHE A CD2 1 
ATOM   563  C  CE1 . PHE A 1 71  ? 4.061   6.511   -4.076  1.00 13.73 ? 71  PHE A CE1 1 
ATOM   564  C  CE2 . PHE A 1 71  ? 3.635   4.798   -5.707  1.00 10.35 ? 71  PHE A CE2 1 
ATOM   565  C  CZ  . PHE A 1 71  ? 4.320   5.241   -4.586  1.00 10.41 ? 71  PHE A CZ  1 
ATOM   566  N  N   . ALA A 1 72  ? 1.384   10.575  -8.898  1.00 15.96 ? 72  ALA A N   1 
ATOM   567  C  CA  . ALA A 1 72  ? 0.467   11.376  -9.703  1.00 15.15 ? 72  ALA A CA  1 
ATOM   568  C  C   . ALA A 1 72  ? 0.019   10.572  -10.927 1.00 14.94 ? 72  ALA A C   1 
ATOM   569  O  O   . ALA A 1 72  ? 0.840   10.019  -11.667 1.00 13.26 ? 72  ALA A O   1 
ATOM   570  C  CB  . ALA A 1 72  ? 1.157   12.675  -10.140 1.00 16.07 ? 72  ALA A CB  1 
ATOM   571  N  N   . GLY A 1 73  ? -1.291  10.488  -11.126 1.00 12.29 ? 73  GLY A N   1 
ATOM   572  C  CA  . GLY A 1 73  ? -1.806  9.753   -12.257 1.00 13.24 ? 73  GLY A CA  1 
ATOM   573  C  C   . GLY A 1 73  ? -1.853  8.256   -12.033 1.00 12.60 ? 73  GLY A C   1 
ATOM   574  O  O   . GLY A 1 73  ? -2.307  7.530   -12.915 1.00 14.14 ? 73  GLY A O   1 
ATOM   575  N  N   . ARG A 1 74  ? -1.399  7.791   -10.869 1.00 10.56 ? 74  ARG A N   1 
ATOM   576  C  CA  . ARG A 1 74  ? -1.402  6.351   -10.579 1.00 10.67 ? 74  ARG A CA  1 
ATOM   577  C  C   . ARG A 1 74  ? -2.056  5.983   -9.231  1.00 11.97 ? 74  ARG A C   1 
ATOM   578  O  O   . ARG A 1 74  ? -1.690  4.981   -8.583  1.00 10.01 ? 74  ARG A O   1 
ATOM   579  C  CB  . ARG A 1 74  ? 0.029   5.786   -10.653 1.00 10.93 ? 74  ARG A CB  1 
ATOM   580  C  CG  . ARG A 1 74  ? 0.753   6.121   -11.981 1.00 16.46 ? 74  ARG A CG  1 
ATOM   581  C  CD  . ARG A 1 74  ? 2.019   5.270   -12.214 1.00 16.34 ? 74  ARG A CD  1 
ATOM   582  N  NE  . ARG A 1 74  ? 2.855   5.241   -11.026 1.00 14.42 ? 74  ARG A NE  1 
ATOM   583  C  CZ  . ARG A 1 74  ? 3.578   6.263   -10.595 1.00 17.81 ? 74  ARG A CZ  1 
ATOM   584  N  NH1 . ARG A 1 74  ? 3.594   7.402   -11.268 1.00 18.79 ? 74  ARG A NH1 1 
ATOM   585  N  NH2 . ARG A 1 74  ? 4.228   6.164   -9.446  1.00 15.44 ? 74  ARG A NH2 1 
ATOM   586  N  N   . ILE A 1 75  ? -3.006  6.814   -8.802  1.00 9.70  ? 75  ILE A N   1 
ATOM   587  C  CA  . ILE A 1 75  ? -3.779  6.550   -7.582  1.00 11.02 ? 75  ILE A CA  1 
ATOM   588  C  C   . ILE A 1 75  ? -5.090  6.050   -8.181  1.00 11.97 ? 75  ILE A C   1 
ATOM   589  O  O   . ILE A 1 75  ? -5.876  6.818   -8.755  1.00 12.53 ? 75  ILE A O   1 
ATOM   590  C  CB  . ILE A 1 75  ? -3.972  7.841   -6.765  1.00 12.96 ? 75  ILE A CB  1 
ATOM   591  C  CG1 . ILE A 1 75  ? -2.607  8.292   -6.239  1.00 11.53 ? 75  ILE A CG1 1 
ATOM   592  C  CG2 . ILE A 1 75  ? -4.943  7.622   -5.592  1.00 15.51 ? 75  ILE A CG2 1 
ATOM   593  C  CD1 . ILE A 1 75  ? -2.640  9.566   -5.427  1.00 12.58 ? 75  ILE A CD1 1 
ATOM   594  N  N   . LEU A 1 76  ? -5.308  4.749   -8.057  1.00 8.74  ? 76  LEU A N   1 
ATOM   595  C  CA  . LEU A 1 76  ? -6.464  4.078   -8.653  1.00 9.92  ? 76  LEU A CA  1 
ATOM   596  C  C   . LEU A 1 76  ? -7.759  4.119   -7.866  1.00 10.63 ? 76  LEU A C   1 
ATOM   597  O  O   . LEU A 1 76  ? -7.803  3.698   -6.719  1.00 12.25 ? 76  LEU A O   1 
ATOM   598  C  CB  . LEU A 1 76  ? -6.099  2.623   -8.923  1.00 9.14  ? 76  LEU A CB  1 
ATOM   599  C  CG  . LEU A 1 76  ? -4.815  2.427   -9.754  1.00 9.15  ? 76  LEU A CG  1 
ATOM   600  C  CD1 . LEU A 1 76  ? -4.421  0.954   -9.748  1.00 10.05 ? 76  LEU A CD1 1 
ATOM   601  C  CD2 . LEU A 1 76  ? -5.061  2.929   -11.167 1.00 13.61 ? 76  LEU A CD2 1 
ATOM   602  N  N   . PRO A 1 77  ? -8.851  4.584   -8.490  1.00 9.25  ? 77  PRO A N   1 
ATOM   603  C  CA  . PRO A 1 77  ? -10.105 4.632   -7.722  1.00 11.39 ? 77  PRO A CA  1 
ATOM   604  C  C   . PRO A 1 77  ? -10.846 3.307   -7.580  1.00 10.26 ? 77  PRO A C   1 
ATOM   605  O  O   . PRO A 1 77  ? -10.598 2.357   -8.323  1.00 11.52 ? 77  PRO A O   1 
ATOM   606  C  CB  . PRO A 1 77  ? -10.937 5.668   -8.492  1.00 12.67 ? 77  PRO A CB  1 
ATOM   607  C  CG  . PRO A 1 77  ? -10.539 5.402   -9.921  1.00 13.19 ? 77  PRO A CG  1 
ATOM   608  C  CD  . PRO A 1 77  ? -9.007  5.229   -9.808  1.00 15.24 ? 77  PRO A CD  1 
ATOM   609  N  N   . PHE A 1 78  ? -11.728 3.232   -6.581  1.00 11.07 ? 78  PHE A N   1 
ATOM   610  C  CA  . PHE A 1 78  ? -12.564 2.050   -6.415  1.00 9.58  ? 78  PHE A CA  1 
ATOM   611  C  C   . PHE A 1 78  ? -13.841 2.526   -7.138  1.00 9.67  ? 78  PHE A C   1 
ATOM   612  O  O   . PHE A 1 78  ? -14.624 3.295   -6.581  1.00 11.45 ? 78  PHE A O   1 
ATOM   613  C  CB  . PHE A 1 78  ? -12.886 1.765   -4.939  1.00 10.11 ? 78  PHE A CB  1 
ATOM   614  C  CG  . PHE A 1 78  ? -13.672 0.495   -4.735  1.00 10.08 ? 78  PHE A CG  1 
ATOM   615  C  CD1 . PHE A 1 78  ? -13.021 -0.737  -4.618  1.00 8.50  ? 78  PHE A CD1 1 
ATOM   616  C  CD2 . PHE A 1 78  ? -15.066 0.514   -4.745  1.00 9.43  ? 78  PHE A CD2 1 
ATOM   617  C  CE1 . PHE A 1 78  ? -13.753 -1.936  -4.513  1.00 6.91  ? 78  PHE A CE1 1 
ATOM   618  C  CE2 . PHE A 1 78  ? -15.810 -0.674  -4.642  1.00 9.94  ? 78  PHE A CE2 1 
ATOM   619  C  CZ  . PHE A 1 78  ? -15.158 -1.900  -4.526  1.00 10.21 ? 78  PHE A CZ  1 
ATOM   620  N  N   . ASP A 1 79  ? -14.020 2.095   -8.382  1.00 11.99 ? 79  ASP A N   1 
ATOM   621  C  CA  . ASP A 1 79  ? -15.171 2.499   -9.185  1.00 13.45 ? 79  ASP A CA  1 
ATOM   622  C  C   . ASP A 1 79  ? -16.116 1.339   -9.513  1.00 12.40 ? 79  ASP A C   1 
ATOM   623  O  O   . ASP A 1 79  ? -15.963 0.243   -8.987  1.00 12.55 ? 79  ASP A O   1 
ATOM   624  C  CB  . ASP A 1 79  ? -14.683 3.154   -10.480 1.00 16.94 ? 79  ASP A CB  1 
ATOM   625  C  CG  . ASP A 1 79  ? -13.720 2.271   -11.251 1.00 22.37 ? 79  ASP A CG  1 
ATOM   626  O  OD1 . ASP A 1 79  ? -13.651 1.059   -10.946 1.00 22.12 ? 79  ASP A OD1 1 
ATOM   627  O  OD2 . ASP A 1 79  ? -13.033 2.788   -12.165 1.00 27.80 ? 79  ASP A OD2 1 
ATOM   628  N  N   . GLU A 1 80  ? -17.093 1.571   -10.383 1.00 13.24 ? 80  GLU A N   1 
ATOM   629  C  CA  . GLU A 1 80  ? -18.052 0.514   -10.714 1.00 12.34 ? 80  GLU A CA  1 
ATOM   630  C  C   . GLU A 1 80  ? -17.465 -0.817  -11.196 1.00 13.21 ? 80  GLU A C   1 
ATOM   631  O  O   . GLU A 1 80  ? -17.889 -1.883  -10.748 1.00 12.06 ? 80  GLU A O   1 
ATOM   632  C  CB  . GLU A 1 80  ? -19.096 1.040   -11.710 1.00 12.16 ? 80  GLU A CB  1 
ATOM   633  C  CG  . GLU A 1 80  ? -20.180 0.029   -12.071 1.00 13.78 ? 80  GLU A CG  1 
ATOM   634  C  CD  . GLU A 1 80  ? -19.726 -0.965  -13.114 1.00 17.15 ? 80  GLU A CD  1 
ATOM   635  O  OE1 . GLU A 1 80  ? -19.081 -0.533  -14.092 1.00 18.87 ? 80  GLU A OE1 1 
ATOM   636  O  OE2 . GLU A 1 80  ? -20.018 -2.173  -12.968 1.00 17.15 ? 80  GLU A OE2 1 
ATOM   637  N  N   . PRO A 1 81  ? -16.494 -0.786  -12.122 1.00 12.74 ? 81  PRO A N   1 
ATOM   638  C  CA  . PRO A 1 81  ? -15.893 -2.034  -12.614 1.00 13.98 ? 81  PRO A CA  1 
ATOM   639  C  C   . PRO A 1 81  ? -15.190 -2.805  -11.486 1.00 13.36 ? 81  PRO A C   1 
ATOM   640  O  O   . PRO A 1 81  ? -15.251 -4.036  -11.417 1.00 13.12 ? 81  PRO A O   1 
ATOM   641  C  CB  . PRO A 1 81  ? -14.900 -1.543  -13.672 1.00 18.38 ? 81  PRO A CB  1 
ATOM   642  C  CG  . PRO A 1 81  ? -15.539 -0.289  -14.171 1.00 21.46 ? 81  PRO A CG  1 
ATOM   643  C  CD  . PRO A 1 81  ? -16.031 0.369   -12.911 1.00 17.18 ? 81  PRO A CD  1 
ATOM   644  N  N   . VAL A 1 82  ? -14.509 -2.071  -10.616 1.00 13.34 ? 82  VAL A N   1 
ATOM   645  C  CA  . VAL A 1 82  ? -13.802 -2.687  -9.490  1.00 13.12 ? 82  VAL A CA  1 
ATOM   646  C  C   . VAL A 1 82  ? -14.819 -3.288  -8.513  1.00 14.67 ? 82  VAL A C   1 
ATOM   647  O  O   . VAL A 1 82  ? -14.572 -4.333  -7.900  1.00 12.79 ? 82  VAL A O   1 
ATOM   648  C  CB  . VAL A 1 82  ? -12.939 -1.671  -8.739  1.00 11.96 ? 82  VAL A CB  1 
ATOM   649  C  CG1 . VAL A 1 82  ? -12.161 -2.375  -7.630  1.00 11.92 ? 82  VAL A CG1 1 
ATOM   650  C  CG2 . VAL A 1 82  ? -11.981 -0.998  -9.706  1.00 11.66 ? 82  VAL A CG2 1 
ATOM   651  N  N   . ALA A 1 83  ? -15.959 -2.619  -8.360  1.00 8.76  ? 83  ALA A N   1 
ATOM   652  C  CA  . ALA A 1 83  ? -17.000 -3.124  -7.476  1.00 11.71 ? 83  ALA A CA  1 
ATOM   653  C  C   . ALA A 1 83  ? -17.476 -4.504  -7.935  1.00 11.67 ? 83  ALA A C   1 
ATOM   654  O  O   . ALA A 1 83  ? -17.753 -5.373  -7.113  1.00 11.16 ? 83  ALA A O   1 
ATOM   655  C  CB  . ALA A 1 83  ? -18.178 -2.144  -7.424  1.00 10.42 ? 83  ALA A CB  1 
ATOM   656  N  N   . ALA A 1 84  ? -17.579 -4.710  -9.245  1.00 13.28 ? 84  ALA A N   1 
ATOM   657  C  CA  . ALA A 1 84  ? -18.010 -6.006  -9.776  1.00 15.02 ? 84  ALA A CA  1 
ATOM   658  C  C   . ALA A 1 84  ? -17.013 -7.098  -9.409  1.00 13.44 ? 84  ALA A C   1 
ATOM   659  O  O   . ALA A 1 84  ? -17.394 -8.196  -9.001  1.00 13.26 ? 84  ALA A O   1 
ATOM   660  C  CB  . ALA A 1 84  ? -18.158 -5.939  -11.303 1.00 14.68 ? 84  ALA A CB  1 
ATOM   661  N  N   . ILE A 1 85  ? -15.730 -6.801  -9.582  1.00 13.43 ? 85  ILE A N   1 
ATOM   662  C  CA  . ILE A 1 85  ? -14.671 -7.761  -9.260  1.00 12.07 ? 85  ILE A CA  1 
ATOM   663  C  C   . ILE A 1 85  ? -14.659 -8.040  -7.757  1.00 11.26 ? 85  ILE A C   1 
ATOM   664  O  O   . ILE A 1 85  ? -14.476 -9.177  -7.322  1.00 13.18 ? 85  ILE A O   1 
ATOM   665  C  CB  . ILE A 1 85  ? -13.313 -7.215  -9.728  1.00 14.28 ? 85  ILE A CB  1 
ATOM   666  C  CG1 . ILE A 1 85  ? -13.342 -7.113  -11.258 1.00 13.86 ? 85  ILE A CG1 1 
ATOM   667  C  CG2 . ILE A 1 85  ? -12.168 -8.122  -9.241  1.00 15.14 ? 85  ILE A CG2 1 
ATOM   668  C  CD1 . ILE A 1 85  ? -12.181 -6.357  -11.864 1.00 19.08 ? 85  ILE A CD1 1 
ATOM   669  N  N   . TYR A 1 86  ? -14.895 -7.000  -6.968  1.00 9.89  ? 86  TYR A N   1 
ATOM   670  C  CA  . TYR A 1 86  ? -14.933 -7.142  -5.519  1.00 13.60 ? 86  TYR A CA  1 
ATOM   671  C  C   . TYR A 1 86  ? -15.960 -8.195  -5.091  1.00 12.46 ? 86  TYR A C   1 
ATOM   672  O  O   . TYR A 1 86  ? -15.643 -9.099  -4.325  1.00 12.03 ? 86  TYR A O   1 
ATOM   673  C  CB  . TYR A 1 86  ? -15.293 -5.803  -4.879  1.00 12.92 ? 86  TYR A CB  1 
ATOM   674  C  CG  . TYR A 1 86  ? -15.612 -5.878  -3.403  1.00 14.20 ? 86  TYR A CG  1 
ATOM   675  C  CD1 . TYR A 1 86  ? -14.598 -5.847  -2.443  1.00 15.67 ? 86  TYR A CD1 1 
ATOM   676  C  CD2 . TYR A 1 86  ? -16.936 -5.967  -2.968  1.00 14.68 ? 86  TYR A CD2 1 
ATOM   677  C  CE1 . TYR A 1 86  ? -14.897 -5.902  -1.079  1.00 13.17 ? 86  TYR A CE1 1 
ATOM   678  C  CE2 . TYR A 1 86  ? -17.241 -6.020  -1.626  1.00 13.48 ? 86  TYR A CE2 1 
ATOM   679  C  CZ  . TYR A 1 86  ? -16.223 -5.987  -0.686  1.00 14.31 ? 86  TYR A CZ  1 
ATOM   680  O  OH  . TYR A 1 86  ? -16.522 -6.025  0.655   1.00 13.78 ? 86  TYR A OH  1 
ATOM   681  N  N   . ALA A 1 87  ? -17.196 -8.061  -5.573  1.00 11.61 ? 87  ALA A N   1 
ATOM   682  C  CA  . ALA A 1 87  ? -18.251 -8.992  -5.207  1.00 12.11 ? 87  ALA A CA  1 
ATOM   683  C  C   . ALA A 1 87  ? -17.901 -10.404 -5.650  1.00 12.00 ? 87  ALA A C   1 
ATOM   684  O  O   . ALA A 1 87  ? -18.123 -11.361 -4.909  1.00 11.68 ? 87  ALA A O   1 
ATOM   685  C  CB  . ALA A 1 87  ? -19.572 -8.554  -5.822  1.00 10.27 ? 87  ALA A CB  1 
ATOM   686  N  N   . GLN A 1 88  ? -17.334 -10.537 -6.847  1.00 11.32 ? 88  GLN A N   1 
ATOM   687  C  CA  . GLN A 1 88  ? -16.947 -11.848 -7.350  1.00 14.70 ? 88  GLN A CA  1 
ATOM   688  C  C   . GLN A 1 88  ? -15.915 -12.504 -6.436  1.00 14.32 ? 88  GLN A C   1 
ATOM   689  O  O   . GLN A 1 88  ? -16.098 -13.638 -5.981  1.00 15.16 ? 88  GLN A O   1 
ATOM   690  C  CB  . GLN A 1 88  ? -16.385 -11.715 -8.767  1.00 18.12 ? 88  GLN A CB  1 
ATOM   691  C  CG  . GLN A 1 88  ? -17.423 -11.175 -9.739  1.00 23.73 ? 88  GLN A CG  1 
ATOM   692  C  CD  . GLN A 1 88  ? -16.943 -11.141 -11.172 1.00 31.74 ? 88  GLN A CD  1 
ATOM   693  O  OE1 . GLN A 1 88  ? -15.972 -10.452 -11.507 1.00 30.39 ? 88  GLN A OE1 1 
ATOM   694  N  NE2 . GLN A 1 88  ? -17.627 -11.892 -12.036 1.00 35.36 ? 88  GLN A NE2 1 
ATOM   695  N  N   . ILE A 1 89  ? -14.834 -11.785 -6.159  1.00 13.06 ? 89  ILE A N   1 
ATOM   696  C  CA  . ILE A 1 89  ? -13.765 -12.296 -5.308  1.00 15.07 ? 89  ILE A CA  1 
ATOM   697  C  C   . ILE A 1 89  ? -14.206 -12.638 -3.894  1.00 14.04 ? 89  ILE A C   1 
ATOM   698  O  O   . ILE A 1 89  ? -13.910 -13.724 -3.395  1.00 14.40 ? 89  ILE A O   1 
ATOM   699  C  CB  . ILE A 1 89  ? -12.598 -11.272 -5.212  1.00 19.76 ? 89  ILE A CB  1 
ATOM   700  C  CG1 . ILE A 1 89  ? -11.844 -11.209 -6.539  1.00 21.82 ? 89  ILE A CG1 1 
ATOM   701  C  CG2 . ILE A 1 89  ? -11.676 -11.639 -4.062  1.00 28.29 ? 89  ILE A CG2 1 
ATOM   702  C  CD1 . ILE A 1 89  ? -10.725 -10.149 -6.553  1.00 23.42 ? 89  ILE A CD1 1 
ATOM   703  N  N   . ARG A 1 90  ? -14.898 -11.721 -3.229  1.00 12.04 ? 90  ARG A N   1 
ATOM   704  C  CA  . ARG A 1 90  ? -15.333 -11.990 -1.855  1.00 15.04 ? 90  ARG A CA  1 
ATOM   705  C  C   . ARG A 1 90  ? -16.369 -13.110 -1.750  1.00 16.20 ? 90  ARG A C   1 
ATOM   706  O  O   . ARG A 1 90  ? -16.324 -13.916 -0.811  1.00 19.86 ? 90  ARG A O   1 
ATOM   707  C  CB  . ARG A 1 90  ? -15.888 -10.730 -1.199  1.00 16.37 ? 90  ARG A CB  1 
ATOM   708  C  CG  . ARG A 1 90  ? -14.823 -9.697  -0.926  1.00 16.39 ? 90  ARG A CG  1 
ATOM   709  C  CD  . ARG A 1 90  ? -15.198 -8.864  0.273   1.00 22.60 ? 90  ARG A CD  1 
ATOM   710  N  NE  . ARG A 1 90  ? -15.333 -9.666  1.480   1.00 19.35 ? 90  ARG A NE  1 
ATOM   711  C  CZ  . ARG A 1 90  ? -15.948 -9.249  2.586   1.00 22.45 ? 90  ARG A CZ  1 
ATOM   712  N  NH1 . ARG A 1 90  ? -16.487 -8.037  2.639   1.00 18.47 ? 90  ARG A NH1 1 
ATOM   713  N  NH2 . ARG A 1 90  ? -16.032 -10.053 3.641   1.00 22.95 ? 90  ARG A NH2 1 
ATOM   714  N  N   . SER A 1 91  ? -17.297 -13.179 -2.699  1.00 16.99 ? 91  SER A N   1 
ATOM   715  C  CA  . SER A 1 91  ? -18.302 -14.229 -2.645  1.00 16.64 ? 91  SER A CA  1 
ATOM   716  C  C   . SER A 1 91  ? -17.652 -15.591 -2.896  1.00 18.13 ? 91  SER A C   1 
ATOM   717  O  O   . SER A 1 91  ? -17.939 -16.570 -2.188  1.00 18.06 ? 91  SER A O   1 
ATOM   718  C  CB  . SER A 1 91  ? -19.418 -13.970 -3.663  1.00 16.29 ? 91  SER A CB  1 
ATOM   719  O  OG  . SER A 1 91  ? -18.955 -14.117 -4.992  1.00 18.76 ? 91  SER A OG  1 
ATOM   720  N  N   . TYR A 1 92  ? -16.762 -15.654 -3.884  1.00 17.83 ? 92  TYR A N   1 
ATOM   721  C  CA  . TYR A 1 92  ? -16.085 -16.901 -4.207  1.00 20.97 ? 92  TYR A CA  1 
ATOM   722  C  C   . TYR A 1 92  ? -15.307 -17.407 -2.996  1.00 19.48 ? 92  TYR A C   1 
ATOM   723  O  O   . TYR A 1 92  ? -15.359 -18.591 -2.661  1.00 20.26 ? 92  TYR A O   1 
ATOM   724  C  CB  . TYR A 1 92  ? -15.119 -16.713 -5.373  1.00 23.90 ? 92  TYR A CB  1 
ATOM   725  C  CG  . TYR A 1 92  ? -14.583 -18.027 -5.904  1.00 28.04 ? 92  TYR A CG  1 
ATOM   726  C  CD1 . TYR A 1 92  ? -15.286 -18.746 -6.868  1.00 32.95 ? 92  TYR A CD1 1 
ATOM   727  C  CD2 . TYR A 1 92  ? -13.389 -18.560 -5.425  1.00 33.00 ? 92  TYR A CD2 1 
ATOM   728  C  CE1 . TYR A 1 92  ? -14.813 -19.966 -7.348  1.00 35.46 ? 92  TYR A CE1 1 
ATOM   729  C  CE2 . TYR A 1 92  ? -12.908 -19.783 -5.893  1.00 34.98 ? 92  TYR A CE2 1 
ATOM   730  C  CZ  . TYR A 1 92  ? -13.625 -20.476 -6.856  1.00 35.94 ? 92  TYR A CZ  1 
ATOM   731  O  OH  . TYR A 1 92  ? -13.151 -21.674 -7.334  1.00 40.32 ? 92  TYR A OH  1 
ATOM   732  N  N   . ALA A 1 93  ? -14.581 -16.511 -2.338  1.00 20.01 ? 93  ALA A N   1 
ATOM   733  C  CA  . ALA A 1 93  ? -13.810 -16.905 -1.162  1.00 19.56 ? 93  ALA A CA  1 
ATOM   734  C  C   . ALA A 1 93  ? -14.748 -17.447 -0.090  1.00 20.70 ? 93  ALA A C   1 
ATOM   735  O  O   . ALA A 1 93  ? -14.475 -18.486 0.519   1.00 20.71 ? 93  ALA A O   1 
ATOM   736  C  CB  . ALA A 1 93  ? -13.019 -15.715 -0.621  1.00 20.46 ? 93  ALA A CB  1 
ATOM   737  N  N   . LYS A 1 94  ? -15.854 -16.743 0.140   1.00 16.20 ? 94  LYS A N   1 
ATOM   738  C  CA  . LYS A 1 94  ? -16.824 -17.159 1.144   1.00 21.17 ? 94  LYS A CA  1 
ATOM   739  C  C   . LYS A 1 94  ? -17.449 -18.523 0.839   1.00 22.28 ? 94  LYS A C   1 
ATOM   740  O  O   . LYS A 1 94  ? -17.576 -19.366 1.730   1.00 21.08 ? 94  LYS A O   1 
ATOM   741  C  CB  . LYS A 1 94  ? -17.935 -16.112 1.270   1.00 26.48 ? 94  LYS A CB  1 
ATOM   742  C  CG  . LYS A 1 94  ? -18.264 -15.723 2.700   1.00 31.25 ? 94  LYS A CG  1 
ATOM   743  C  CD  . LYS A 1 94  ? -17.092 -15.028 3.368   1.00 35.83 ? 94  LYS A CD  1 
ATOM   744  C  CE  . LYS A 1 94  ? -17.454 -14.558 4.768   1.00 36.05 ? 94  LYS A CE  1 
ATOM   745  N  NZ  . LYS A 1 94  ? -18.603 -13.613 4.730   1.00 40.34 ? 94  LYS A NZ  1 
ATOM   746  N  N   . THR A 1 95  ? -17.836 -18.747 -0.416  1.00 19.95 ? 95  THR A N   1 
ATOM   747  C  CA  . THR A 1 95  ? -18.457 -20.019 -0.773  1.00 19.64 ? 95  THR A CA  1 
ATOM   748  C  C   . THR A 1 95  ? -17.438 -21.154 -0.847  1.00 22.18 ? 95  THR A C   1 
ATOM   749  O  O   . THR A 1 95  ? -17.805 -22.299 -1.126  1.00 22.11 ? 95  THR A O   1 
ATOM   750  C  CB  . THR A 1 95  ? -19.207 -19.936 -2.113  1.00 23.97 ? 95  THR A CB  1 
ATOM   751  O  OG1 . THR A 1 95  ? -18.288 -19.608 -3.163  1.00 22.57 ? 95  THR A OG1 1 
ATOM   752  C  CG2 . THR A 1 95  ? -20.309 -18.879 -2.037  1.00 20.43 ? 95  THR A CG2 1 
ATOM   753  N  N   . HIS A 1 96  ? -16.168 -20.834 -0.595  1.00 21.69 ? 96  HIS A N   1 
ATOM   754  C  CA  . HIS A 1 96  ? -15.096 -21.829 -0.630  1.00 22.53 ? 96  HIS A CA  1 
ATOM   755  C  C   . HIS A 1 96  ? -14.278 -21.882 0.663   1.00 23.19 ? 96  HIS A C   1 
ATOM   756  O  O   . HIS A 1 96  ? -13.134 -22.353 0.680   1.00 22.04 ? 96  HIS A O   1 
ATOM   757  C  CB  . HIS A 1 96  ? -14.184 -21.568 -1.828  1.00 25.66 ? 96  HIS A CB  1 
ATOM   758  C  CG  . HIS A 1 96  ? -14.817 -21.901 -3.140  1.00 26.79 ? 96  HIS A CG  1 
ATOM   759  N  ND1 . HIS A 1 96  ? -15.865 -21.181 -3.666  1.00 28.22 ? 96  HIS A ND1 1 
ATOM   760  C  CD2 . HIS A 1 96  ? -14.585 -22.917 -4.008  1.00 32.44 ? 96  HIS A CD2 1 
ATOM   761  C  CE1 . HIS A 1 96  ? -16.257 -21.738 -4.799  1.00 34.35 ? 96  HIS A CE1 1 
ATOM   762  N  NE2 . HIS A 1 96  ? -15.495 -22.795 -5.027  1.00 32.85 ? 96  HIS A NE2 1 
ATOM   763  N  N   . GLY A 1 97  ? -14.881 -21.387 1.739   1.00 22.44 ? 97  GLY A N   1 
ATOM   764  C  CA  . GLY A 1 97  ? -14.245 -21.398 3.047   1.00 25.03 ? 97  GLY A CA  1 
ATOM   765  C  C   . GLY A 1 97  ? -12.976 -20.588 3.202   1.00 28.97 ? 97  GLY A C   1 
ATOM   766  O  O   . GLY A 1 97  ? -12.176 -20.872 4.093   1.00 27.64 ? 97  GLY A O   1 
ATOM   767  N  N   . LYS A 1 98  ? -12.792 -19.587 2.344   1.00 30.45 ? 98  LYS A N   1 
ATOM   768  C  CA  . LYS A 1 98  ? -11.613 -18.725 2.393   1.00 33.71 ? 98  LYS A CA  1 
ATOM   769  C  C   . LYS A 1 98  ? -12.000 -17.421 3.077   1.00 34.38 ? 98  LYS A C   1 
ATOM   770  O  O   . LYS A 1 98  ? -13.162 -17.017 3.049   1.00 34.37 ? 98  LYS A O   1 
ATOM   771  C  CB  . LYS A 1 98  ? -11.098 -18.437 0.978   1.00 38.09 ? 98  LYS A CB  1 
ATOM   772  C  CG  . LYS A 1 98  ? -10.848 -19.678 0.129   1.00 41.53 ? 98  LYS A CG  1 
ATOM   773  C  CD  . LYS A 1 98  ? -10.350 -19.319 -1.271  1.00 47.44 ? 98  LYS A CD  1 
ATOM   774  C  CE  . LYS A 1 98  ? -10.408 -20.522 -2.219  1.00 49.20 ? 98  LYS A CE  1 
ATOM   775  N  NZ  . LYS A 1 98  ? -9.667  -21.714 -1.706  1.00 50.75 ? 98  LYS A NZ  1 
ATOM   776  N  N   . GLU A 1 99  ? -11.023 -16.751 3.674   1.00 35.67 ? 99  GLU A N   1 
ATOM   777  C  CA  . GLU A 1 99  ? -11.286 -15.506 4.380   1.00 35.92 ? 99  GLU A CA  1 
ATOM   778  C  C   . GLU A 1 99  ? -10.672 -14.267 3.732   1.00 34.65 ? 99  GLU A C   1 
ATOM   779  O  O   . GLU A 1 99  ? -9.465  -14.215 3.479   1.00 34.86 ? 99  GLU A O   1 
ATOM   780  C  CB  . GLU A 1 99  ? -10.794 -15.636 5.825   1.00 42.84 ? 99  GLU A CB  1 
ATOM   781  C  CG  . GLU A 1 99  ? -9.362  -16.135 5.934   1.00 49.90 ? 99  GLU A CG  1 
ATOM   782  C  CD  . GLU A 1 99  ? -9.073  -16.781 7.278   1.00 55.98 ? 99  GLU A CD  1 
ATOM   783  O  OE1 . GLU A 1 99  ? -9.723  -17.804 7.596   1.00 57.56 ? 99  GLU A OE1 1 
ATOM   784  O  OE2 . GLU A 1 99  ? -8.201  -16.268 8.016   1.00 58.60 ? 99  GLU A OE2 1 
ATOM   785  N  N   . ILE A 1 100 ? -11.525 -13.282 3.454   1.00 29.85 ? 100 ILE A N   1 
ATOM   786  C  CA  . ILE A 1 100 ? -11.108 -12.012 2.863   1.00 27.59 ? 100 ILE A CA  1 
ATOM   787  C  C   . ILE A 1 100 ? -11.947 -10.892 3.488   1.00 27.26 ? 100 ILE A C   1 
ATOM   788  O  O   . ILE A 1 100 ? -13.169 -10.863 3.337   1.00 30.57 ? 100 ILE A O   1 
ATOM   789  C  CB  . ILE A 1 100 ? -11.332 -11.973 1.327   1.00 24.54 ? 100 ILE A CB  1 
ATOM   790  C  CG1 . ILE A 1 100 ? -10.603 -13.133 0.656   1.00 25.49 ? 100 ILE A CG1 1 
ATOM   791  C  CG2 . ILE A 1 100 ? -10.832 -10.645 0.759   1.00 23.22 ? 100 ILE A CG2 1 
ATOM   792  C  CD1 . ILE A 1 100 ? -10.776 -13.190 -0.844  1.00 25.55 ? 100 ILE A CD1 1 
ATOM   793  N  N   . ALA A 1 101 ? -11.284 -9.979  4.186   1.00 27.45 ? 101 ALA A N   1 
ATOM   794  C  CA  . ALA A 1 101 ? -11.954 -8.852  4.822   1.00 27.43 ? 101 ALA A CA  1 
ATOM   795  C  C   . ALA A 1 101 ? -12.271 -7.802  3.761   1.00 26.29 ? 101 ALA A C   1 
ATOM   796  O  O   . ALA A 1 101 ? -11.651 -7.789  2.692   1.00 24.98 ? 101 ALA A O   1 
ATOM   797  C  CB  . ALA A 1 101 ? -11.058 -8.254  5.903   1.00 30.78 ? 101 ALA A CB  1 
ATOM   798  N  N   . ALA A 1 102 ? -13.229 -6.924  4.046   1.00 22.31 ? 102 ALA A N   1 
ATOM   799  C  CA  . ALA A 1 102 ? -13.616 -5.885  3.084   1.00 24.25 ? 102 ALA A CA  1 
ATOM   800  C  C   . ALA A 1 102 ? -12.427 -5.055  2.584   1.00 23.27 ? 102 ALA A C   1 
ATOM   801  O  O   . ALA A 1 102 ? -12.235 -4.903  1.374   1.00 22.57 ? 102 ALA A O   1 
ATOM   802  C  CB  . ALA A 1 102 ? -14.673 -4.959  3.709   1.00 21.81 ? 102 ALA A CB  1 
ATOM   803  N  N   . ALA A 1 103 ? -11.648 -4.519  3.521   1.00 22.03 ? 103 ALA A N   1 
ATOM   804  C  CA  . ALA A 1 103 ? -10.482 -3.693  3.211   1.00 23.87 ? 103 ALA A CA  1 
ATOM   805  C  C   . ALA A 1 103 ? -9.525  -4.373  2.238   1.00 21.60 ? 103 ALA A C   1 
ATOM   806  O  O   . ALA A 1 103 ? -9.099  -3.767  1.248   1.00 20.35 ? 103 ALA A O   1 
ATOM   807  C  CB  . ALA A 1 103 ? -9.733  -3.336  4.496   1.00 23.20 ? 103 ALA A CB  1 
ATOM   808  N  N   . ASP A 1 104 ? -9.183  -5.625  2.518   1.00 18.46 ? 104 ASP A N   1 
ATOM   809  C  CA  . ASP A 1 104 ? -8.271  -6.364  1.650   1.00 17.31 ? 104 ASP A CA  1 
ATOM   810  C  C   . ASP A 1 104 ? -8.972  -6.640  0.331   1.00 15.26 ? 104 ASP A C   1 
ATOM   811  O  O   . ASP A 1 104 ? -8.354  -6.626  -0.727  1.00 12.98 ? 104 ASP A O   1 
ATOM   812  C  CB  . ASP A 1 104 ? -7.846  -7.678  2.320   1.00 22.36 ? 104 ASP A CB  1 
ATOM   813  C  CG  . ASP A 1 104 ? -6.897  -7.454  3.490   1.00 28.27 ? 104 ASP A CG  1 
ATOM   814  O  OD1 . ASP A 1 104 ? -6.752  -8.364  4.332   1.00 34.91 ? 104 ASP A OD1 1 
ATOM   815  O  OD2 . ASP A 1 104 ? -6.281  -6.370  3.563   1.00 26.74 ? 104 ASP A OD2 1 
ATOM   816  N  N   . GLY A 1 105 ? -10.280 -6.876  0.400   1.00 13.19 ? 105 GLY A N   1 
ATOM   817  C  CA  . GLY A 1 105 ? -11.041 -7.126  -0.804  1.00 13.98 ? 105 GLY A CA  1 
ATOM   818  C  C   . GLY A 1 105 ? -10.991 -5.948  -1.764  1.00 12.55 ? 105 GLY A C   1 
ATOM   819  O  O   . GLY A 1 105 ? -10.906 -6.147  -2.971  1.00 12.14 ? 105 GLY A O   1 
ATOM   820  N  N   . TYR A 1 106 ? -11.066 -4.723  -1.246  1.00 13.72 ? 106 TYR A N   1 
ATOM   821  C  CA  . TYR A 1 106 ? -11.028 -3.537  -2.118  1.00 15.14 ? 106 TYR A CA  1 
ATOM   822  C  C   . TYR A 1 106 ? -9.716  -3.458  -2.888  1.00 14.04 ? 106 TYR A C   1 
ATOM   823  O  O   . TYR A 1 106 ? -9.692  -3.164  -4.089  1.00 13.84 ? 106 TYR A O   1 
ATOM   824  C  CB  . TYR A 1 106 ? -11.175 -2.254  -1.304  1.00 18.12 ? 106 TYR A CB  1 
ATOM   825  C  CG  . TYR A 1 106 ? -12.515 -2.110  -0.641  1.00 19.52 ? 106 TYR A CG  1 
ATOM   826  C  CD1 . TYR A 1 106 ? -12.633 -1.476  0.589   1.00 24.46 ? 106 TYR A CD1 1 
ATOM   827  C  CD2 . TYR A 1 106 ? -13.668 -2.622  -1.239  1.00 22.16 ? 106 TYR A CD2 1 
ATOM   828  C  CE1 . TYR A 1 106 ? -13.874 -1.353  1.218   1.00 27.60 ? 106 TYR A CE1 1 
ATOM   829  C  CE2 . TYR A 1 106 ? -14.915 -2.505  -0.620  1.00 29.58 ? 106 TYR A CE2 1 
ATOM   830  C  CZ  . TYR A 1 106 ? -15.007 -1.871  0.609   1.00 29.18 ? 106 TYR A CZ  1 
ATOM   831  O  OH  . TYR A 1 106 ? -16.233 -1.775  1.235   1.00 33.22 ? 106 TYR A OH  1 
ATOM   832  N  N   . ILE A 1 107 ? -8.624  -3.704  -2.172  1.00 14.28 ? 107 ILE A N   1 
ATOM   833  C  CA  . ILE A 1 107 ? -7.297  -3.663  -2.761  1.00 11.22 ? 107 ILE A CA  1 
ATOM   834  C  C   . ILE A 1 107 ? -7.130  -4.784  -3.761  1.00 10.76 ? 107 ILE A C   1 
ATOM   835  O  O   . ILE A 1 107 ? -6.653  -4.553  -4.866  1.00 10.77 ? 107 ILE A O   1 
ATOM   836  C  CB  . ILE A 1 107 ? -6.222  -3.750  -1.671  1.00 13.84 ? 107 ILE A CB  1 
ATOM   837  C  CG1 . ILE A 1 107 ? -6.359  -2.543  -0.737  1.00 19.77 ? 107 ILE A CG1 1 
ATOM   838  C  CG2 . ILE A 1 107 ? -4.839  -3.743  -2.299  1.00 12.04 ? 107 ILE A CG2 1 
ATOM   839  C  CD1 . ILE A 1 107 ? -5.395  -2.538  0.411   1.00 30.03 ? 107 ILE A CD1 1 
ATOM   840  N  N   . ALA A 1 108 ? -7.546  -5.993  -3.394  1.00 11.19 ? 108 ALA A N   1 
ATOM   841  C  CA  . ALA A 1 108 ? -7.410  -7.113  -4.305  1.00 9.34  ? 108 ALA A CA  1 
ATOM   842  C  C   . ALA A 1 108 ? -8.191  -6.899  -5.601  1.00 12.97 ? 108 ALA A C   1 
ATOM   843  O  O   . ALA A 1 108 ? -7.686  -7.189  -6.687  1.00 14.06 ? 108 ALA A O   1 
ATOM   844  C  CB  . ALA A 1 108 ? -7.836  -8.409  -3.620  1.00 12.60 ? 108 ALA A CB  1 
ATOM   845  N  N   . ALA A 1 109 ? -9.407  -6.365  -5.499  1.00 11.33 ? 109 ALA A N   1 
ATOM   846  C  CA  . ALA A 1 109 ? -10.228 -6.125  -6.692  1.00 10.97 ? 109 ALA A CA  1 
ATOM   847  C  C   . ALA A 1 109 ? -9.601  -5.052  -7.594  1.00 9.95  ? 109 ALA A C   1 
ATOM   848  O  O   . ALA A 1 109 ? -9.670  -5.144  -8.822  1.00 12.15 ? 109 ALA A O   1 
ATOM   849  C  CB  . ALA A 1 109 ? -11.658 -5.703  -6.283  1.00 8.76  ? 109 ALA A CB  1 
ATOM   850  N  N   . THR A 1 110 ? -8.988  -4.040  -6.988  1.00 9.17  ? 110 THR A N   1 
ATOM   851  C  CA  . THR A 1 110 ? -8.337  -2.981  -7.756  1.00 10.40 ? 110 THR A CA  1 
ATOM   852  C  C   . THR A 1 110 ? -7.174  -3.584  -8.544  1.00 10.43 ? 110 THR A C   1 
ATOM   853  O  O   . THR A 1 110 ? -7.021  -3.331  -9.736  1.00 10.96 ? 110 THR A O   1 
ATOM   854  C  CB  . THR A 1 110 ? -7.810  -1.851  -6.827  1.00 11.56 ? 110 THR A CB  1 
ATOM   855  O  OG1 . THR A 1 110 ? -8.918  -1.250  -6.132  1.00 11.68 ? 110 THR A OG1 1 
ATOM   856  C  CG2 . THR A 1 110 ? -7.069  -0.778  -7.645  1.00 8.40  ? 110 THR A CG2 1 
ATOM   857  N  N   . ALA A 1 111 ? -6.382  -4.426  -7.881  1.00 11.89 ? 111 ALA A N   1 
ATOM   858  C  CA  . ALA A 1 111 ? -5.244  -5.061  -8.534  1.00 11.09 ? 111 ALA A CA  1 
ATOM   859  C  C   . ALA A 1 111 ? -5.684  -5.977  -9.677  1.00 13.08 ? 111 ALA A C   1 
ATOM   860  O  O   . ALA A 1 111 ? -5.113  -5.940  -10.766 1.00 14.41 ? 111 ALA A O   1 
ATOM   861  C  CB  . ALA A 1 111 ? -4.433  -5.853  -7.508  1.00 9.67  ? 111 ALA A CB  1 
ATOM   862  N  N   . LYS A 1 112 ? -6.708  -6.790  -9.446  1.00 17.12 ? 112 LYS A N   1 
ATOM   863  C  CA  . LYS A 1 112 ? -7.176  -7.700  -10.491 1.00 17.46 ? 112 LYS A CA  1 
ATOM   864  C  C   . LYS A 1 112 ? -7.696  -6.920  -11.694 1.00 20.09 ? 112 LYS A C   1 
ATOM   865  O  O   . LYS A 1 112 ? -7.414  -7.272  -12.844 1.00 16.16 ? 112 LYS A O   1 
ATOM   866  C  CB  . LYS A 1 112 ? -8.271  -8.627  -9.943  1.00 22.18 ? 112 LYS A CB  1 
ATOM   867  C  CG  . LYS A 1 112 ? -8.891  -9.543  -10.994 1.00 26.66 ? 112 LYS A CG  1 
ATOM   868  C  CD  . LYS A 1 112 ? -9.718  -10.666 -10.376 1.00 31.51 ? 112 LYS A CD  1 
ATOM   869  C  CE  . LYS A 1 112 ? -8.831  -11.738 -9.758  1.00 36.15 ? 112 LYS A CE  1 
ATOM   870  N  NZ  . LYS A 1 112 ? -9.598  -12.940 -9.292  1.00 37.38 ? 112 LYS A NZ  1 
ATOM   871  N  N   . GLN A 1 113 ? -8.446  -5.853  -11.427 1.00 18.67 ? 113 GLN A N   1 
ATOM   872  C  CA  . GLN A 1 113 ? -9.011  -5.025  -12.487 1.00 22.23 ? 113 GLN A CA  1 
ATOM   873  C  C   . GLN A 1 113 ? -7.931  -4.412  -13.378 1.00 22.72 ? 113 GLN A C   1 
ATOM   874  O  O   . GLN A 1 113 ? -8.127  -4.275  -14.590 1.00 19.11 ? 113 GLN A O   1 
ATOM   875  C  CB  . GLN A 1 113 ? -9.869  -3.924  -11.860 1.00 25.12 ? 113 GLN A CB  1 
ATOM   876  C  CG  . GLN A 1 113 ? -10.948 -3.367  -12.761 1.00 35.12 ? 113 GLN A CG  1 
ATOM   877  C  CD  . GLN A 1 113 ? -10.422 -2.353  -13.730 1.00 38.79 ? 113 GLN A CD  1 
ATOM   878  O  OE1 . GLN A 1 113 ? -9.679  -1.451  -13.346 1.00 44.37 ? 113 GLN A OE1 1 
ATOM   879  N  NE2 . GLN A 1 113 ? -10.816 -2.475  -14.994 1.00 39.36 ? 113 GLN A NE2 1 
ATOM   880  N  N   . HIS A 1 114 ? -6.785  -4.072  -12.781 1.00 17.58 ? 114 HIS A N   1 
ATOM   881  C  CA  . HIS A 1 114 ? -5.676  -3.451  -13.512 1.00 18.51 ? 114 HIS A CA  1 
ATOM   882  C  C   . HIS A 1 114 ? -4.500  -4.373  -13.821 1.00 18.82 ? 114 HIS A C   1 
ATOM   883  O  O   . HIS A 1 114 ? -3.450  -3.908  -14.271 1.00 17.36 ? 114 HIS A O   1 
ATOM   884  C  CB  . HIS A 1 114 ? -5.162  -2.247  -12.719 1.00 21.47 ? 114 HIS A CB  1 
ATOM   885  C  CG  . HIS A 1 114 ? -6.148  -1.134  -12.619 1.00 21.09 ? 114 HIS A CG  1 
ATOM   886  N  ND1 . HIS A 1 114 ? -6.384  -0.254  -13.656 1.00 25.22 ? 114 HIS A ND1 1 
ATOM   887  C  CD2 . HIS A 1 114 ? -6.989  -0.767  -11.621 1.00 24.58 ? 114 HIS A CD2 1 
ATOM   888  C  CE1 . HIS A 1 114 ? -7.323  0.603   -13.303 1.00 24.04 ? 114 HIS A CE1 1 
ATOM   889  N  NE2 . HIS A 1 114 ? -7.709  0.313   -12.068 1.00 24.22 ? 114 HIS A NE2 1 
ATOM   890  N  N   . SER A 1 115 ? -4.674  -5.665  -13.557 1.00 15.41 ? 115 SER A N   1 
ATOM   891  C  CA  . SER A 1 115 ? -3.641  -6.667  -13.813 1.00 20.03 ? 115 SER A CA  1 
ATOM   892  C  C   . SER A 1 115 ? -2.357  -6.394  -13.047 1.00 19.09 ? 115 SER A C   1 
ATOM   893  O  O   . SER A 1 115 ? -1.260  -6.520  -13.589 1.00 18.17 ? 115 SER A O   1 
ATOM   894  C  CB  . SER A 1 115 ? -3.329  -6.731  -15.310 1.00 21.89 ? 115 SER A CB  1 
ATOM   895  O  OG  . SER A 1 115 ? -4.473  -7.125  -16.034 1.00 23.26 ? 115 SER A OG  1 
ATOM   896  N  N   . LEU A 1 116 ? -2.492  -6.030  -11.776 1.00 12.40 ? 116 LEU A N   1 
ATOM   897  C  CA  . LEU A 1 116 ? -1.332  -5.728  -10.951 1.00 10.79 ? 116 LEU A CA  1 
ATOM   898  C  C   . LEU A 1 116 ? -1.048  -6.799  -9.918  1.00 11.53 ? 116 LEU A C   1 
ATOM   899  O  O   . LEU A 1 116 ? -1.946  -7.533  -9.518  1.00 11.40 ? 116 LEU A O   1 
ATOM   900  C  CB  . LEU A 1 116 ? -1.570  -4.427  -10.192 1.00 11.64 ? 116 LEU A CB  1 
ATOM   901  C  CG  . LEU A 1 116 ? -2.062  -3.291  -11.092 1.00 11.45 ? 116 LEU A CG  1 
ATOM   902  C  CD1 . LEU A 1 116 ? -2.422  -2.077  -10.219 1.00 12.28 ? 116 LEU A CD1 1 
ATOM   903  C  CD2 . LEU A 1 116 ? -0.973  -2.920  -12.072 1.00 14.16 ? 116 LEU A CD2 1 
ATOM   904  N  N   . THR A 1 117 ? 0.207   -6.856  -9.480  1.00 13.38 ? 117 THR A N   1 
ATOM   905  C  CA  . THR A 1 117 ? 0.614   -7.772  -8.420  1.00 12.43 ? 117 THR A CA  1 
ATOM   906  C  C   . THR A 1 117 ? 0.580   -6.942  -7.141  1.00 12.37 ? 117 THR A C   1 
ATOM   907  O  O   . THR A 1 117 ? 1.121   -5.838  -7.105  1.00 12.54 ? 117 THR A O   1 
ATOM   908  C  CB  . THR A 1 117 ? 2.055   -8.255  -8.589  1.00 14.26 ? 117 THR A CB  1 
ATOM   909  O  OG1 . THR A 1 117 ? 2.166   -9.025  -9.785  1.00 15.32 ? 117 THR A OG1 1 
ATOM   910  C  CG2 . THR A 1 117 ? 2.462   -9.112  -7.398  1.00 16.54 ? 117 THR A CG2 1 
ATOM   911  N  N   . VAL A 1 118 ? -0.057  -7.468  -6.099  1.00 9.04  ? 118 VAL A N   1 
ATOM   912  C  CA  . VAL A 1 118 ? -0.139  -6.762  -4.829  1.00 10.03 ? 118 VAL A CA  1 
ATOM   913  C  C   . VAL A 1 118 ? 1.107   -7.016  -3.984  1.00 9.75  ? 118 VAL A C   1 
ATOM   914  O  O   . VAL A 1 118 ? 1.517   -8.169  -3.813  1.00 13.65 ? 118 VAL A O   1 
ATOM   915  C  CB  . VAL A 1 118 ? -1.366  -7.227  -3.998  1.00 9.88  ? 118 VAL A CB  1 
ATOM   916  C  CG1 . VAL A 1 118 ? -1.360  -6.527  -2.626  1.00 10.35 ? 118 VAL A CG1 1 
ATOM   917  C  CG2 . VAL A 1 118 ? -2.663  -6.898  -4.743  1.00 12.68 ? 118 VAL A CG2 1 
ATOM   918  N  N   . ALA A 1 119 ? 1.732   -5.948  -3.493  1.00 11.19 ? 119 ALA A N   1 
ATOM   919  C  CA  . ALA A 1 119 ? 2.902   -6.084  -2.627  1.00 8.82  ? 119 ALA A CA  1 
ATOM   920  C  C   . ALA A 1 119 ? 2.336   -5.897  -1.215  1.00 11.83 ? 119 ALA A C   1 
ATOM   921  O  O   . ALA A 1 119 ? 1.771   -4.837  -0.904  1.00 13.98 ? 119 ALA A O   1 
ATOM   922  C  CB  . ALA A 1 119 ? 3.927   -4.988  -2.935  1.00 9.17  ? 119 ALA A CB  1 
ATOM   923  N  N   . THR A 1 120 ? 2.493   -6.910  -0.364  1.00 11.57 ? 120 THR A N   1 
ATOM   924  C  CA  . THR A 1 120 ? 1.949   -6.849  0.997   1.00 12.08 ? 120 THR A CA  1 
ATOM   925  C  C   . THR A 1 120 ? 2.609   -7.853  1.929   1.00 14.29 ? 120 THR A C   1 
ATOM   926  O  O   . THR A 1 120 ? 3.118   -8.871  1.480   1.00 14.31 ? 120 THR A O   1 
ATOM   927  C  CB  . THR A 1 120 ? 0.451   -7.166  0.998   1.00 15.63 ? 120 THR A CB  1 
ATOM   928  O  OG1 . THR A 1 120 ? -0.047  -7.135  2.342   1.00 18.03 ? 120 THR A OG1 1 
ATOM   929  C  CG2 . THR A 1 120 ? 0.206   -8.546  0.405   1.00 17.46 ? 120 THR A CG2 1 
ATOM   930  N  N   . ARG A 1 121 ? 2.589   -7.556  3.225   1.00 15.18 ? 121 ARG A N   1 
ATOM   931  C  CA  . ARG A 1 121 ? 3.174   -8.459  4.213   1.00 20.98 ? 121 ARG A CA  1 
ATOM   932  C  C   . ARG A 1 121 ? 2.203   -9.607  4.510   1.00 21.65 ? 121 ARG A C   1 
ATOM   933  O  O   . ARG A 1 121 ? 2.620   -10.727 4.813   1.00 23.70 ? 121 ARG A O   1 
ATOM   934  C  CB  . ARG A 1 121 ? 3.467   -7.701  5.503   1.00 21.48 ? 121 ARG A CB  1 
ATOM   935  C  CG  . ARG A 1 121 ? 4.297   -8.509  6.502   1.00 26.97 ? 121 ARG A CG  1 
ATOM   936  C  CD  . ARG A 1 121 ? 4.649   -7.686  7.727   1.00 27.52 ? 121 ARG A CD  1 
ATOM   937  N  NE  . ARG A 1 121 ? 5.716   -8.318  8.503   1.00 32.56 ? 121 ARG A NE  1 
ATOM   938  C  CZ  . ARG A 1 121 ? 6.258   -7.784  9.593   1.00 32.73 ? 121 ARG A CZ  1 
ATOM   939  N  NH1 . ARG A 1 121 ? 5.834   -6.610  10.039  1.00 33.43 ? 121 ARG A NH1 1 
ATOM   940  N  NH2 . ARG A 1 121 ? 7.231   -8.420  10.233  1.00 34.71 ? 121 ARG A NH2 1 
ATOM   941  N  N   . ASP A 1 122 ? 0.909   -9.304  4.423   1.00 23.89 ? 122 ASP A N   1 
ATOM   942  C  CA  . ASP A 1 122 ? -0.165  -10.268 4.681   1.00 26.88 ? 122 ASP A CA  1 
ATOM   943  C  C   . ASP A 1 122 ? -0.755  -10.782 3.373   1.00 25.95 ? 122 ASP A C   1 
ATOM   944  O  O   . ASP A 1 122 ? -1.725  -10.218 2.860   1.00 24.73 ? 122 ASP A O   1 
ATOM   945  C  CB  . ASP A 1 122 ? -1.272  -9.602  5.501   1.00 32.67 ? 122 ASP A CB  1 
ATOM   946  C  CG  . ASP A 1 122 ? -0.813  -9.198  6.886   1.00 40.04 ? 122 ASP A CG  1 
ATOM   947  O  OD1 . ASP A 1 122 ? -1.553  -8.445  7.551   1.00 44.64 ? 122 ASP A OD1 1 
ATOM   948  O  OD2 . ASP A 1 122 ? 0.278   -9.637  7.319   1.00 42.67 ? 122 ASP A OD2 1 
ATOM   949  N  N   . THR A 1 123 ? -0.183  -11.864 2.856   1.00 21.15 ? 123 THR A N   1 
ATOM   950  C  CA  . THR A 1 123 ? -0.605  -12.447 1.593   1.00 23.75 ? 123 THR A CA  1 
ATOM   951  C  C   . THR A 1 123 ? -1.861  -13.320 1.660   1.00 24.85 ? 123 THR A C   1 
ATOM   952  O  O   . THR A 1 123 ? -2.465  -13.620 0.632   1.00 25.32 ? 123 THR A O   1 
ATOM   953  C  CB  . THR A 1 123 ? 0.535   -13.281 0.991   1.00 26.45 ? 123 THR A CB  1 
ATOM   954  O  OG1 . THR A 1 123 ? 0.848   -14.374 1.869   1.00 25.54 ? 123 THR A OG1 1 
ATOM   955  C  CG2 . THR A 1 123 ? 1.778   -12.415 0.822   1.00 25.45 ? 123 THR A CG2 1 
ATOM   956  N  N   . GLY A 1 124 ? -2.254  -13.706 2.869   1.00 25.50 ? 124 GLY A N   1 
ATOM   957  C  CA  . GLY A 1 124 ? -3.416  -14.560 3.049   1.00 28.17 ? 124 GLY A CA  1 
ATOM   958  C  C   . GLY A 1 124 ? -4.660  -14.246 2.236   1.00 26.11 ? 124 GLY A C   1 
ATOM   959  O  O   . GLY A 1 124 ? -5.063  -15.026 1.375   1.00 27.88 ? 124 GLY A O   1 
ATOM   960  N  N   . SER A 1 125 ? -5.274  -13.099 2.494   1.00 28.03 ? 125 SER A N   1 
ATOM   961  C  CA  . SER A 1 125 ? -6.492  -12.724 1.784   1.00 27.29 ? 125 SER A CA  1 
ATOM   962  C  C   . SER A 1 125 ? -6.323  -12.635 0.273   1.00 27.64 ? 125 SER A C   1 
ATOM   963  O  O   . SER A 1 125 ? -7.237  -12.974 -0.480  1.00 27.17 ? 125 SER A O   1 
ATOM   964  C  CB  . SER A 1 125 ? -7.013  -11.383 2.305   1.00 30.09 ? 125 SER A CB  1 
ATOM   965  O  OG  . SER A 1 125 ? -7.088  -11.387 3.715   1.00 35.75 ? 125 SER A OG  1 
ATOM   966  N  N   . PHE A 1 126 ? -5.156  -12.191 -0.179  1.00 25.82 ? 126 PHE A N   1 
ATOM   967  C  CA  . PHE A 1 126 ? -4.946  -12.039 -1.606  1.00 25.22 ? 126 PHE A CA  1 
ATOM   968  C  C   . PHE A 1 126 ? -4.806  -13.360 -2.339  1.00 27.91 ? 126 PHE A C   1 
ATOM   969  O  O   . PHE A 1 126 ? -5.170  -13.472 -3.508  1.00 28.19 ? 126 PHE A O   1 
ATOM   970  C  CB  . PHE A 1 126 ? -3.753  -11.119 -1.850  1.00 25.62 ? 126 PHE A CB  1 
ATOM   971  C  CG  . PHE A 1 126 ? -3.924  -9.759  -1.236  1.00 20.03 ? 126 PHE A CG  1 
ATOM   972  C  CD1 . PHE A 1 126 ? -3.425  -9.486  0.034   1.00 17.94 ? 126 PHE A CD1 1 
ATOM   973  C  CD2 . PHE A 1 126 ? -4.638  -8.765  -1.907  1.00 20.22 ? 126 PHE A CD2 1 
ATOM   974  C  CE1 . PHE A 1 126 ? -3.637  -8.244  0.639   1.00 21.66 ? 126 PHE A CE1 1 
ATOM   975  C  CE2 . PHE A 1 126 ? -4.860  -7.516  -1.315  1.00 19.33 ? 126 PHE A CE2 1 
ATOM   976  C  CZ  . PHE A 1 126 ? -4.356  -7.256  -0.037  1.00 20.25 ? 126 PHE A CZ  1 
ATOM   977  N  N   . PHE A 1 127 ? -4.294  -14.372 -1.651  1.00 30.69 ? 127 PHE A N   1 
ATOM   978  C  CA  . PHE A 1 127 ? -4.170  -15.677 -2.275  1.00 32.53 ? 127 PHE A CA  1 
ATOM   979  C  C   . PHE A 1 127 ? -5.582  -16.197 -2.531  1.00 32.46 ? 127 PHE A C   1 
ATOM   980  O  O   . PHE A 1 127 ? -5.870  -16.751 -3.592  1.00 33.70 ? 127 PHE A O   1 
ATOM   981  C  CB  . PHE A 1 127 ? -3.406  -16.632 -1.361  1.00 34.10 ? 127 PHE A CB  1 
ATOM   982  C  CG  . PHE A 1 127 ? -1.917  -16.548 -1.514  1.00 37.55 ? 127 PHE A CG  1 
ATOM   983  C  CD1 . PHE A 1 127 ? -1.336  -16.642 -2.774  1.00 40.02 ? 127 PHE A CD1 1 
ATOM   984  C  CD2 . PHE A 1 127 ? -1.092  -16.419 -0.402  1.00 38.70 ? 127 PHE A CD2 1 
ATOM   985  C  CE1 . PHE A 1 127 ? 0.044   -16.614 -2.926  1.00 40.18 ? 127 PHE A CE1 1 
ATOM   986  C  CE2 . PHE A 1 127 ? 0.294   -16.390 -0.545  1.00 39.49 ? 127 PHE A CE2 1 
ATOM   987  C  CZ  . PHE A 1 127 ? 0.860   -16.488 -1.809  1.00 39.37 ? 127 PHE A CZ  1 
ATOM   988  N  N   . ALA A 1 128 ? -6.467  -15.986 -1.561  1.00 31.65 ? 128 ALA A N   1 
ATOM   989  C  CA  . ALA A 1 128 ? -7.854  -16.423 -1.675  1.00 31.28 ? 128 ALA A CA  1 
ATOM   990  C  C   . ALA A 1 128 ? -8.609  -15.633 -2.747  1.00 30.73 ? 128 ALA A C   1 
ATOM   991  O  O   . ALA A 1 128 ? -9.602  -16.109 -3.303  1.00 29.81 ? 128 ALA A O   1 
ATOM   992  C  CB  . ALA A 1 128 ? -8.552  -16.289 -0.327  1.00 31.09 ? 128 ALA A CB  1 
ATOM   993  N  N   . ALA A 1 129 ? -8.133  -14.427 -3.039  1.00 29.55 ? 129 ALA A N   1 
ATOM   994  C  CA  . ALA A 1 129 ? -8.757  -13.584 -4.055  1.00 30.48 ? 129 ALA A CA  1 
ATOM   995  C  C   . ALA A 1 129 ? -8.241  -13.983 -5.439  1.00 31.12 ? 129 ALA A C   1 
ATOM   996  O  O   . ALA A 1 129 ? -8.684  -13.447 -6.455  1.00 31.25 ? 129 ALA A O   1 
ATOM   997  C  CB  . ALA A 1 129 ? -8.443  -12.113 -3.783  1.00 28.43 ? 129 ALA A CB  1 
ATOM   998  N  N   . ASP A 1 130 ? -7.307  -14.929 -5.477  1.00 32.51 ? 130 ASP A N   1 
ATOM   999  C  CA  . ASP A 1 130 ? -6.737  -15.376 -6.744  1.00 32.34 ? 130 ASP A CA  1 
ATOM   1000 C  C   . ASP A 1 130 ? -6.070  -14.221 -7.489  1.00 30.62 ? 130 ASP A C   1 
ATOM   1001 O  O   . ASP A 1 130 ? -6.201  -14.089 -8.711  1.00 32.16 ? 130 ASP A O   1 
ATOM   1002 C  CB  . ASP A 1 130 ? -7.826  -16.001 -7.629  1.00 40.00 ? 130 ASP A CB  1 
ATOM   1003 C  CG  . ASP A 1 130 ? -8.160  -17.431 -7.228  1.00 45.23 ? 130 ASP A CG  1 
ATOM   1004 O  OD1 . ASP A 1 130 ? -7.287  -18.315 -7.395  1.00 47.53 ? 130 ASP A OD1 1 
ATOM   1005 O  OD2 . ASP A 1 130 ? -9.295  -17.670 -6.747  1.00 48.30 ? 130 ASP A OD2 1 
ATOM   1006 N  N   . VAL A 1 131 ? -5.369  -13.368 -6.747  1.00 24.75 ? 131 VAL A N   1 
ATOM   1007 C  CA  . VAL A 1 131 ? -4.668  -12.242 -7.356  1.00 23.76 ? 131 VAL A CA  1 
ATOM   1008 C  C   . VAL A 1 131 ? -3.181  -12.439 -7.082  1.00 20.37 ? 131 VAL A C   1 
ATOM   1009 O  O   . VAL A 1 131 ? -2.811  -12.956 -6.031  1.00 19.41 ? 131 VAL A O   1 
ATOM   1010 C  CB  . VAL A 1 131 ? -5.135  -10.883 -6.761  1.00 23.30 ? 131 VAL A CB  1 
ATOM   1011 C  CG1 . VAL A 1 131 ? -4.325  -9.748  -7.347  1.00 27.25 ? 131 VAL A CG1 1 
ATOM   1012 C  CG2 . VAL A 1 131 ? -6.609  -10.667 -7.070  1.00 26.44 ? 131 VAL A CG2 1 
ATOM   1013 N  N   . ALA A 1 132 ? -2.334  -12.052 -8.030  1.00 18.12 ? 132 ALA A N   1 
ATOM   1014 C  CA  . ALA A 1 132 ? -0.890  -12.208 -7.847  1.00 19.28 ? 132 ALA A CA  1 
ATOM   1015 C  C   . ALA A 1 132 ? -0.424  -11.375 -6.655  1.00 19.60 ? 132 ALA A C   1 
ATOM   1016 O  O   . ALA A 1 132 ? -0.909  -10.259 -6.433  1.00 17.14 ? 132 ALA A O   1 
ATOM   1017 C  CB  . ALA A 1 132 ? -0.158  -11.776 -9.095  1.00 19.95 ? 132 ALA A CB  1 
ATOM   1018 N  N   . VAL A 1 133 ? 0.520   -11.906 -5.892  1.00 16.22 ? 133 VAL A N   1 
ATOM   1019 C  CA  . VAL A 1 133 ? 1.002   -11.173 -4.741  1.00 19.68 ? 133 VAL A CA  1 
ATOM   1020 C  C   . VAL A 1 133 ? 2.481   -11.372 -4.505  1.00 20.27 ? 133 VAL A C   1 
ATOM   1021 O  O   . VAL A 1 133 ? 3.068   -12.377 -4.935  1.00 20.54 ? 133 VAL A O   1 
ATOM   1022 C  CB  . VAL A 1 133 ? 0.221   -11.577 -3.465  1.00 23.38 ? 133 VAL A CB  1 
ATOM   1023 C  CG1 . VAL A 1 133 ? -1.230  -11.248 -3.643  1.00 26.54 ? 133 VAL A CG1 1 
ATOM   1024 C  CG2 . VAL A 1 133 ? 0.381   -13.071 -3.194  1.00 25.16 ? 133 VAL A CG2 1 
ATOM   1025 N  N   . PHE A 1 134 ? 3.094   -10.397 -3.845  1.00 14.80 ? 134 PHE A N   1 
ATOM   1026 C  CA  . PHE A 1 134 ? 4.502   -10.499 -3.518  1.00 18.58 ? 134 PHE A CA  1 
ATOM   1027 C  C   . PHE A 1 134 ? 4.730   -9.914  -2.137  1.00 18.64 ? 134 PHE A C   1 
ATOM   1028 O  O   . PHE A 1 134 ? 4.264   -8.816  -1.833  1.00 17.02 ? 134 PHE A O   1 
ATOM   1029 C  CB  . PHE A 1 134 ? 5.378   -9.767  -4.532  1.00 19.44 ? 134 PHE A CB  1 
ATOM   1030 C  CG  . PHE A 1 134 ? 6.840   -9.819  -4.190  1.00 20.02 ? 134 PHE A CG  1 
ATOM   1031 C  CD1 . PHE A 1 134 ? 7.530   -11.029 -4.224  1.00 23.31 ? 134 PHE A CD1 1 
ATOM   1032 C  CD2 . PHE A 1 134 ? 7.510   -8.676  -3.770  1.00 19.13 ? 134 PHE A CD2 1 
ATOM   1033 C  CE1 . PHE A 1 134 ? 8.870   -11.101 -3.837  1.00 26.23 ? 134 PHE A CE1 1 
ATOM   1034 C  CE2 . PHE A 1 134 ? 8.846   -8.734  -3.382  1.00 22.25 ? 134 PHE A CE2 1 
ATOM   1035 C  CZ  . PHE A 1 134 ? 9.529   -9.947  -3.416  1.00 25.48 ? 134 PHE A CZ  1 
ATOM   1036 N  N   . ASN A 1 135 ? 5.426   -10.674 -1.294  1.00 18.11 ? 135 ASN A N   1 
ATOM   1037 C  CA  . ASN A 1 135 ? 5.727   -10.250 0.072   1.00 14.40 ? 135 ASN A CA  1 
ATOM   1038 C  C   . ASN A 1 135 ? 7.194   -9.819  0.084   1.00 15.65 ? 135 ASN A C   1 
ATOM   1039 O  O   . ASN A 1 135 ? 8.082   -10.670 0.047   1.00 15.10 ? 135 ASN A O   1 
ATOM   1040 C  CB  . ASN A 1 135 ? 5.525   -11.422 1.044   1.00 13.29 ? 135 ASN A CB  1 
ATOM   1041 C  CG  . ASN A 1 135 ? 5.759   -11.032 2.486   1.00 16.41 ? 135 ASN A CG  1 
ATOM   1042 O  OD1 . ASN A 1 135 ? 6.448   -10.051 2.777   1.00 16.66 ? 135 ASN A OD1 1 
ATOM   1043 N  ND2 . ASN A 1 135 ? 5.188   -11.801 3.405   1.00 17.97 ? 135 ASN A ND2 1 
ATOM   1044 N  N   . PRO A 1 136 ? 7.465   -8.494  0.118   1.00 12.76 ? 136 PRO A N   1 
ATOM   1045 C  CA  . PRO A 1 136 ? 8.852   -8.011  0.127   1.00 15.27 ? 136 PRO A CA  1 
ATOM   1046 C  C   . PRO A 1 136 ? 9.698   -8.401  1.344   1.00 14.68 ? 136 PRO A C   1 
ATOM   1047 O  O   . PRO A 1 136 ? 10.895  -8.098  1.390   1.00 16.67 ? 136 PRO A O   1 
ATOM   1048 C  CB  . PRO A 1 136 ? 8.700   -6.493  -0.020  1.00 13.35 ? 136 PRO A CB  1 
ATOM   1049 C  CG  . PRO A 1 136 ? 7.395   -6.215  0.650   1.00 15.48 ? 136 PRO A CG  1 
ATOM   1050 C  CD  . PRO A 1 136 ? 6.515   -7.367  0.168   1.00 16.79 ? 136 PRO A CD  1 
ATOM   1051 N  N   . TRP A 1 137 ? 9.088   -9.046  2.340   1.00 13.81 ? 137 TRP A N   1 
ATOM   1052 C  CA  . TRP A 1 137 ? 9.863   -9.484  3.498   1.00 14.47 ? 137 TRP A CA  1 
ATOM   1053 C  C   . TRP A 1 137 ? 10.639  -10.741 3.088   1.00 14.95 ? 137 TRP A C   1 
ATOM   1054 O  O   . TRP A 1 137 ? 11.561  -11.175 3.792   1.00 14.57 ? 137 TRP A O   1 
ATOM   1055 C  CB  . TRP A 1 137 ? 8.947   -9.770  4.702   1.00 11.89 ? 137 TRP A CB  1 
ATOM   1056 C  CG  . TRP A 1 137 ? 8.737   -8.583  5.582   1.00 17.51 ? 137 TRP A CG  1 
ATOM   1057 C  CD1 . TRP A 1 137 ? 9.326   -8.345  6.796   1.00 15.70 ? 137 TRP A CD1 1 
ATOM   1058 C  CD2 . TRP A 1 137 ? 7.889   -7.453  5.323   1.00 15.65 ? 137 TRP A CD2 1 
ATOM   1059 N  NE1 . TRP A 1 137 ? 8.899   -7.142  7.300   1.00 17.26 ? 137 TRP A NE1 1 
ATOM   1060 C  CE2 . TRP A 1 137 ? 8.024   -6.575  6.419   1.00 17.29 ? 137 TRP A CE2 1 
ATOM   1061 C  CE3 . TRP A 1 137 ? 7.039   -7.101  4.273   1.00 14.53 ? 137 TRP A CE3 1 
ATOM   1062 C  CZ2 . TRP A 1 137 ? 7.328   -5.357  6.492   1.00 20.13 ? 137 TRP A CZ2 1 
ATOM   1063 C  CZ3 . TRP A 1 137 ? 6.349   -5.895  4.346   1.00 14.23 ? 137 TRP A CZ3 1 
ATOM   1064 C  CH2 . TRP A 1 137 ? 6.501   -5.036  5.446   1.00 13.62 ? 137 TRP A CH2 1 
ATOM   1065 N  N   . HIS A 1 138 ? 10.269  -11.301 1.932   1.00 15.22 ? 138 HIS A N   1 
ATOM   1066 C  CA  . HIS A 1 138 ? 10.920  -12.495 1.352   1.00 20.64 ? 138 HIS A CA  1 
ATOM   1067 C  C   . HIS A 1 138 ? 11.747  -12.082 0.137   1.00 23.10 ? 138 HIS A C   1 
ATOM   1068 O  O   . HIS A 1 138 ? 11.620  -10.961 -0.363  1.00 22.34 ? 138 HIS A O   1 
ATOM   1069 C  CB  . HIS A 1 138 ? 9.881   -13.521 0.867   1.00 18.07 ? 138 HIS A CB  1 
ATOM   1070 C  CG  . HIS A 1 138 ? 9.214   -14.289 1.969   1.00 20.68 ? 138 HIS A CG  1 
ATOM   1071 N  ND1 . HIS A 1 138 ? 9.910   -15.105 2.833   1.00 21.99 ? 138 HIS A ND1 1 
ATOM   1072 C  CD2 . HIS A 1 138 ? 7.913   -14.370 2.331   1.00 19.70 ? 138 HIS A CD2 1 
ATOM   1073 C  CE1 . HIS A 1 138 ? 9.063   -15.657 3.690   1.00 17.95 ? 138 HIS A CE1 1 
ATOM   1074 N  NE2 . HIS A 1 138 ? 7.849   -15.230 3.406   1.00 22.37 ? 138 HIS A NE2 1 
ATOM   1075 N  N   . LEU A 1 139 ? 12.582  -12.990 -0.355  1.00 26.60 ? 139 LEU A N   1 
ATOM   1076 C  CA  . LEU A 1 139 ? 13.395  -12.692 -1.530  1.00 31.55 ? 139 LEU A CA  1 
ATOM   1077 C  C   . LEU A 1 139 ? 12.620  -13.010 -2.810  1.00 34.92 ? 139 LEU A C   1 
ATOM   1078 O  O   . LEU A 1 139 ? 11.637  -13.782 -2.723  1.00 35.54 ? 139 LEU A O   1 
ATOM   1079 C  CB  . LEU A 1 139 ? 14.697  -13.501 -1.498  1.00 33.45 ? 139 LEU A CB  1 
ATOM   1080 C  CG  . LEU A 1 139 ? 15.607  -13.260 -0.291  1.00 33.99 ? 139 LEU A CG  1 
ATOM   1081 C  CD1 . LEU A 1 139 ? 16.792  -14.210 -0.365  1.00 38.90 ? 139 LEU A CD1 1 
ATOM   1082 C  CD2 . LEU A 1 139 ? 16.075  -11.811 -0.259  1.00 36.20 ? 139 LEU A CD2 1 
ATOM   1083 O  OXT . LEU A 1 139 ? 13.004  -12.490 -3.888  1.00 38.54 ? 139 LEU A OXT 1 
ATOM   1084 N  N   . VAL B 2 1   ? 13.182  7.762   -8.439  1.00 36.47 ? 46  VAL B N   1 
ATOM   1085 C  CA  . VAL B 2 1   ? 14.176  6.703   -8.773  1.00 36.75 ? 46  VAL B CA  1 
ATOM   1086 C  C   . VAL B 2 1   ? 14.177  5.617   -7.699  1.00 34.14 ? 46  VAL B C   1 
ATOM   1087 O  O   . VAL B 2 1   ? 13.738  4.497   -7.953  1.00 34.40 ? 46  VAL B O   1 
ATOM   1088 C  CB  . VAL B 2 1   ? 15.609  7.275   -8.890  1.00 39.42 ? 46  VAL B CB  1 
ATOM   1089 C  CG1 . VAL B 2 1   ? 16.532  6.220   -9.484  1.00 41.41 ? 46  VAL B CG1 1 
ATOM   1090 C  CG2 . VAL B 2 1   ? 15.607  8.536   -9.744  1.00 41.36 ? 46  VAL B CG2 1 
ATOM   1091 N  N   . ARG B 2 2   ? 14.674  5.949   -6.506  1.00 31.56 ? 47  ARG B N   1 
ATOM   1092 C  CA  . ARG B 2 2   ? 14.716  4.991   -5.398  1.00 27.28 ? 47  ARG B CA  1 
ATOM   1093 C  C   . ARG B 2 2   ? 13.623  5.318   -4.388  1.00 25.59 ? 47  ARG B C   1 
ATOM   1094 O  O   . ARG B 2 2   ? 13.814  6.107   -3.456  1.00 22.98 ? 47  ARG B O   1 
ATOM   1095 C  CB  . ARG B 2 2   ? 16.083  5.007   -4.709  1.00 30.71 ? 47  ARG B CB  1 
ATOM   1096 C  CG  . ARG B 2 2   ? 17.191  4.376   -5.527  1.00 35.58 ? 47  ARG B CG  1 
ATOM   1097 C  CD  . ARG B 2 2   ? 18.494  4.368   -4.757  1.00 41.74 ? 47  ARG B CD  1 
ATOM   1098 N  NE  . ARG B 2 2   ? 19.566  3.731   -5.517  1.00 46.61 ? 47  ARG B NE  1 
ATOM   1099 C  CZ  . ARG B 2 2   ? 19.650  2.425   -5.752  1.00 51.08 ? 47  ARG B CZ  1 
ATOM   1100 N  NH1 . ARG B 2 2   ? 18.726  1.595   -5.283  1.00 51.08 ? 47  ARG B NH1 1 
ATOM   1101 N  NH2 . ARG B 2 2   ? 20.661  1.946   -6.470  1.00 53.99 ? 47  ARG B NH2 1 
ATOM   1102 N  N   . LEU B 2 3   ? 12.475  4.690   -4.588  1.00 20.84 ? 48  LEU B N   1 
ATOM   1103 C  CA  . LEU B 2 3   ? 11.308  4.892   -3.745  1.00 19.31 ? 48  LEU B CA  1 
ATOM   1104 C  C   . LEU B 2 3   ? 11.490  4.547   -2.257  1.00 17.00 ? 48  LEU B C   1 
ATOM   1105 O  O   . LEU B 2 3   ? 11.030  5.281   -1.375  1.00 17.48 ? 48  LEU B O   1 
ATOM   1106 C  CB  . LEU B 2 3   ? 10.151  4.080   -4.327  1.00 17.58 ? 48  LEU B CB  1 
ATOM   1107 C  CG  . LEU B 2 3   ? 8.861   4.047   -3.512  1.00 20.14 ? 48  LEU B CG  1 
ATOM   1108 C  CD1 . LEU B 2 3   ? 8.225   5.450   -3.493  1.00 21.28 ? 48  LEU B CD1 1 
ATOM   1109 C  CD2 . LEU B 2 3   ? 7.918   3.035   -4.126  1.00 18.12 ? 48  LEU B CD2 1 
ATOM   1110 N  N   . GLY B 2 4   ? 12.136  3.419   -1.980  1.00 15.35 ? 49  GLY B N   1 
ATOM   1111 C  CA  . GLY B 2 4   ? 12.339  3.021   -0.597  1.00 17.13 ? 49  GLY B CA  1 
ATOM   1112 C  C   . GLY B 2 4   ? 13.203  4.007   0.160   1.00 17.90 ? 49  GLY B C   1 
ATOM   1113 O  O   . GLY B 2 4   ? 12.878  4.400   1.284   1.00 18.42 ? 49  GLY B O   1 
ATOM   1114 N  N   . SER B 2 5   ? 14.308  4.412   -0.461  1.00 18.88 ? 50  SER B N   1 
ATOM   1115 C  CA  . SER B 2 5   ? 15.239  5.354   0.147   1.00 20.76 ? 50  SER B CA  1 
ATOM   1116 C  C   . SER B 2 5   ? 14.592  6.708   0.405   1.00 20.28 ? 50  SER B C   1 
ATOM   1117 O  O   . SER B 2 5   ? 14.852  7.350   1.421   1.00 18.83 ? 50  SER B O   1 
ATOM   1118 C  CB  . SER B 2 5   ? 16.465  5.536   -0.754  1.00 26.57 ? 50  SER B CB  1 
ATOM   1119 O  OG  . SER B 2 5   ? 17.421  6.367   -0.121  1.00 34.47 ? 50  SER B OG  1 
ATOM   1120 N  N   . MET B 2 6   ? 13.751  7.127   -0.531  1.00 19.92 ? 51  MET B N   1 
ATOM   1121 C  CA  . MET B 2 6   ? 13.028  8.388   -0.435  1.00 24.42 ? 51  MET B CA  1 
ATOM   1122 C  C   . MET B 2 6   ? 12.143  8.355   0.825   1.00 23.37 ? 51  MET B C   1 
ATOM   1123 O  O   . MET B 2 6   ? 12.128  9.305   1.606   1.00 23.88 ? 51  MET B O   1 
ATOM   1124 C  CB  . MET B 2 6   ? 12.185  8.567   -1.710  1.00 29.57 ? 51  MET B CB  1 
ATOM   1125 C  CG  . MET B 2 6   ? 11.539  9.932   -1.921  1.00 33.93 ? 51  MET B CG  1 
ATOM   1126 S  SD  . MET B 2 6   ? 10.072  10.204  -0.907  1.00 45.00 ? 51  MET B SD  1 
ATOM   1127 C  CE  . MET B 2 6   ? 9.265   8.634   -1.061  1.00 42.25 ? 51  MET B CE  1 
ATOM   1128 N  N   . LEU B 2 7   ? 11.426  7.249   1.031   1.00 21.57 ? 52  LEU B N   1 
ATOM   1129 C  CA  . LEU B 2 7   ? 10.555  7.098   2.194   1.00 18.25 ? 52  LEU B CA  1 
ATOM   1130 C  C   . LEU B 2 7   ? 11.324  6.921   3.490   1.00 19.24 ? 52  LEU B C   1 
ATOM   1131 O  O   . LEU B 2 7   ? 10.954  7.493   4.517   1.00 15.76 ? 52  LEU B O   1 
ATOM   1132 C  CB  . LEU B 2 7   ? 9.607   5.903   2.014   1.00 17.32 ? 52  LEU B CB  1 
ATOM   1133 C  CG  . LEU B 2 7   ? 8.579   5.989   0.890   1.00 20.06 ? 52  LEU B CG  1 
ATOM   1134 C  CD1 . LEU B 2 7   ? 7.940   4.607   0.645   1.00 20.00 ? 52  LEU B CD1 1 
ATOM   1135 C  CD2 . LEU B 2 7   ? 7.522   7.016   1.253   1.00 20.63 ? 52  LEU B CD2 1 
ATOM   1136 N  N   . ALA B 2 8   ? 12.388  6.119   3.460   1.00 18.29 ? 53  ALA B N   1 
ATOM   1137 C  CA  . ALA B 2 8   ? 13.170  5.907   4.667   1.00 18.85 ? 53  ALA B CA  1 
ATOM   1138 C  C   . ALA B 2 8   ? 13.716  7.236   5.161   1.00 17.85 ? 53  ALA B C   1 
ATOM   1139 O  O   . ALA B 2 8   ? 13.805  7.459   6.364   1.00 16.72 ? 53  ALA B O   1 
ATOM   1140 C  CB  . ALA B 2 8   ? 14.321  4.920   4.403   1.00 16.59 ? 53  ALA B CB  1 
ATOM   1141 N  N   . SER B 2 9   ? 14.064  8.126   4.237   1.00 18.67 ? 54  SER B N   1 
ATOM   1142 C  CA  . SER B 2 9   ? 14.603  9.424   4.634   1.00 23.41 ? 54  SER B CA  1 
ATOM   1143 C  C   . SER B 2 9   ? 13.574  10.240  5.415   1.00 23.52 ? 54  SER B C   1 
ATOM   1144 O  O   . SER B 2 9   ? 13.920  10.924  6.379   1.00 21.66 ? 54  SER B O   1 
ATOM   1145 C  CB  . SER B 2 9   ? 15.068  10.214  3.415   1.00 27.82 ? 54  SER B CB  1 
ATOM   1146 O  OG  . SER B 2 9   ? 15.828  11.338  3.830   1.00 36.75 ? 54  SER B OG  1 
ATOM   1147 N  N   . ILE B 2 10  ? 12.312  10.158  4.994   1.00 22.10 ? 55  ILE B N   1 
ATOM   1148 C  CA  . ILE B 2 10  ? 11.225  10.878  5.661   1.00 23.14 ? 55  ILE B CA  1 
ATOM   1149 C  C   . ILE B 2 10  ? 11.019  10.310  7.066   1.00 22.74 ? 55  ILE B C   1 
ATOM   1150 O  O   . ILE B 2 10  ? 10.891  11.048  8.046   1.00 23.41 ? 55  ILE B O   1 
ATOM   1151 C  CB  . ILE B 2 10  ? 9.903   10.742  4.857   1.00 27.16 ? 55  ILE B CB  1 
ATOM   1152 C  CG1 . ILE B 2 10  ? 10.071  11.360  3.468   1.00 27.85 ? 55  ILE B CG1 1 
ATOM   1153 C  CG2 . ILE B 2 10  ? 8.752   11.394  5.606   1.00 27.24 ? 55  ILE B CG2 1 
ATOM   1154 C  CD1 . ILE B 2 10  ? 10.463  12.815  3.476   1.00 31.92 ? 55  ILE B CD1 1 
ATOM   1155 N  N   . GLY B 2 11  ? 10.992  8.985   7.157   1.00 23.27 ? 56  GLY B N   1 
ATOM   1156 C  CA  . GLY B 2 11  ? 10.818  8.343   8.441   1.00 22.81 ? 56  GLY B CA  1 
ATOM   1157 C  C   . GLY B 2 11  ? 11.907  8.753   9.413   1.00 23.73 ? 56  GLY B C   1 
ATOM   1158 O  O   . GLY B 2 11  ? 11.646  8.970   10.593  1.00 23.56 ? 56  GLY B O   1 
ATOM   1159 N  N   . GLN B 2 12  ? 13.136  8.876   8.925   1.00 23.36 ? 57  GLN B N   1 
ATOM   1160 C  CA  . GLN B 2 12  ? 14.231  9.249   9.810   1.00 26.01 ? 57  GLN B CA  1 
ATOM   1161 C  C   . GLN B 2 12  ? 14.177  10.685  10.311  1.00 28.25 ? 57  GLN B C   1 
ATOM   1162 O  O   . GLN B 2 12  ? 14.465  10.943  11.480  1.00 29.04 ? 57  GLN B O   1 
ATOM   1163 C  CB  . GLN B 2 12  ? 15.572  8.982   9.129   1.00 21.77 ? 57  GLN B CB  1 
ATOM   1164 C  CG  . GLN B 2 12  ? 15.840  7.503   8.948   1.00 23.41 ? 57  GLN B CG  1 
ATOM   1165 C  CD  . GLN B 2 12  ? 15.813  6.744   10.257  1.00 21.87 ? 57  GLN B CD  1 
ATOM   1166 O  OE1 . GLN B 2 12  ? 16.541  7.079   11.189  1.00 20.14 ? 57  GLN B OE1 1 
ATOM   1167 N  NE2 . GLN B 2 12  ? 14.969  5.721   10.337  1.00 20.37 ? 57  GLN B NE2 1 
ATOM   1168 N  N   . GLU B 2 13  ? 13.801  11.623  9.451   1.00 31.67 ? 58  GLU B N   1 
ATOM   1169 C  CA  . GLU B 2 13  ? 13.751  13.014  9.885   1.00 35.03 ? 58  GLU B CA  1 
ATOM   1170 C  C   . GLU B 2 13  ? 12.655  13.300  10.907  1.00 35.59 ? 58  GLU B C   1 
ATOM   1171 O  O   . GLU B 2 13  ? 12.773  14.253  11.676  1.00 37.59 ? 58  GLU B O   1 
ATOM   1172 C  CB  . GLU B 2 13  ? 13.576  13.953  8.695   1.00 37.60 ? 58  GLU B CB  1 
ATOM   1173 C  CG  . GLU B 2 13  ? 12.269  13.797  7.949   1.00 41.03 ? 58  GLU B CG  1 
ATOM   1174 C  CD  . GLU B 2 13  ? 11.893  15.054  7.188   1.00 40.30 ? 58  GLU B CD  1 
ATOM   1175 O  OE1 . GLU B 2 13  ? 11.301  14.941  6.099   1.00 37.23 ? 58  GLU B OE1 1 
ATOM   1176 O  OE2 . GLU B 2 13  ? 12.184  16.160  7.688   1.00 41.99 ? 58  GLU B OE2 1 
ATOM   1177 N  N   . ILE B 2 14  ? 11.593  12.497  10.916  1.00 34.95 ? 59  ILE B N   1 
ATOM   1178 C  CA  . ILE B 2 14  ? 10.498  12.710  11.866  1.00 34.26 ? 59  ILE B CA  1 
ATOM   1179 C  C   . ILE B 2 14  ? 10.638  11.829  13.105  1.00 35.76 ? 59  ILE B C   1 
ATOM   1180 O  O   . ILE B 2 14  ? 9.910   12.000  14.081  1.00 35.61 ? 59  ILE B O   1 
ATOM   1181 C  CB  . ILE B 2 14  ? 9.117   12.416  11.242  1.00 33.81 ? 59  ILE B CB  1 
ATOM   1182 C  CG1 . ILE B 2 14  ? 8.984   10.921  10.948  1.00 33.09 ? 59  ILE B CG1 1 
ATOM   1183 C  CG2 . ILE B 2 14  ? 8.926   13.244  9.988   1.00 33.24 ? 59  ILE B CG2 1 
ATOM   1184 C  CD1 . ILE B 2 14  ? 7.578   10.482  10.588  1.00 28.75 ? 59  ILE B CD1 1 
ATOM   1185 N  N   . GLY B 2 15  ? 11.564  10.879  13.056  1.00 33.96 ? 60  GLY B N   1 
ATOM   1186 C  CA  . GLY B 2 15  ? 11.772  10.002  14.193  1.00 35.08 ? 60  GLY B CA  1 
ATOM   1187 C  C   . GLY B 2 15  ? 11.061  8.668   14.079  1.00 37.06 ? 60  GLY B C   1 
ATOM   1188 O  O   . GLY B 2 15  ? 11.085  7.872   15.014  1.00 37.79 ? 60  GLY B O   1 
ATOM   1189 N  N   . GLY B 2 16  ? 10.431  8.423   12.933  1.00 36.61 ? 61  GLY B N   1 
ATOM   1190 C  CA  . GLY B 2 16  ? 9.721   7.175   12.724  1.00 35.38 ? 61  GLY B CA  1 
ATOM   1191 C  C   . GLY B 2 16  ? 8.277   7.227   13.189  1.00 33.93 ? 61  GLY B C   1 
ATOM   1192 O  O   . GLY B 2 16  ? 7.959   7.922   14.153  1.00 32.18 ? 61  GLY B O   1 
ATOM   1193 N  N   . VAL B 2 17  ? 7.402   6.502   12.494  1.00 32.94 ? 62  VAL B N   1 
ATOM   1194 C  CA  . VAL B 2 17  ? 5.975   6.433   12.836  1.00 33.57 ? 62  VAL B CA  1 
ATOM   1195 C  C   . VAL B 2 17  ? 5.413   5.052   12.505  1.00 35.20 ? 62  VAL B C   1 
ATOM   1196 O  O   . VAL B 2 17  ? 6.039   4.280   11.776  1.00 31.85 ? 62  VAL B O   1 
ATOM   1197 C  CB  . VAL B 2 17  ? 5.124   7.479   12.057  1.00 34.02 ? 62  VAL B CB  1 
ATOM   1198 C  CG1 . VAL B 2 17  ? 5.407   8.879   12.574  1.00 35.55 ? 62  VAL B CG1 1 
ATOM   1199 C  CG2 . VAL B 2 17  ? 5.418   7.392   10.557  1.00 31.18 ? 62  VAL B CG2 1 
ATOM   1200 N  N   . GLU B 2 18  ? 4.226   4.753   13.032  1.00 36.21 ? 63  GLU B N   1 
ATOM   1201 C  CA  . GLU B 2 18  ? 3.583   3.465   12.772  1.00 39.74 ? 63  GLU B CA  1 
ATOM   1202 C  C   . GLU B 2 18  ? 2.298   3.628   11.963  1.00 41.25 ? 63  GLU B C   1 
ATOM   1203 O  O   . GLU B 2 18  ? 1.238   3.899   12.518  1.00 42.85 ? 63  GLU B O   1 
ATOM   1204 C  CB  . GLU B 2 18  ? 3.257   2.745   14.085  1.00 40.75 ? 63  GLU B CB  1 
ATOM   1205 C  CG  . GLU B 2 18  ? 4.448   2.453   14.988  1.00 42.33 ? 63  GLU B CG  1 
ATOM   1206 C  CD  . GLU B 2 18  ? 5.533   1.641   14.303  1.00 44.59 ? 63  GLU B CD  1 
ATOM   1207 O  OE1 . GLU B 2 18  ? 5.206   0.731   13.512  1.00 44.54 ? 63  GLU B OE1 1 
ATOM   1208 O  OE2 . GLU B 2 18  ? 6.722   1.904   14.576  1.00 45.76 ? 63  GLU B OE2 1 
ATOM   1209 N  N   . LEU B 2 19  ? 2.394   3.455   10.648  1.00 44.40 ? 64  LEU B N   1 
ATOM   1210 C  CA  . LEU B 2 19  ? 1.232   3.581   9.769   1.00 46.07 ? 64  LEU B CA  1 
ATOM   1211 C  C   . LEU B 2 19  ? 0.780   2.222   9.217   1.00 47.58 ? 64  LEU B C   1 
ATOM   1212 O  O   . LEU B 2 19  ? -0.443  2.044   9.025   1.00 46.87 ? 64  LEU B O   1 
ATOM   1213 C  CB  . LEU B 2 19  ? 1.541   4.532   8.608   1.00 45.43 ? 64  LEU B CB  1 
ATOM   1214 C  CG  . LEU B 2 19  ? 1.930   5.968   8.966   1.00 45.69 ? 64  LEU B CG  1 
ATOM   1215 C  CD1 . LEU B 2 19  ? 2.252   6.729   7.692   1.00 44.96 ? 64  LEU B CD1 1 
ATOM   1216 C  CD2 . LEU B 2 19  ? 0.803   6.654   9.734   1.00 46.96 ? 64  LEU B CD2 1 
ATOM   1217 O  OXT . LEU B 2 19  ? 1.649   1.359   8.965   1.00 47.26 ? 64  LEU B OXT 1 
HETATM 1218 C  C   . ACT C 3 .   ? 2.279   9.019   17.671  1.00 30.33 ? 140 ACT A C   1 
HETATM 1219 O  O   . ACT C 3 .   ? 2.675   10.244  17.440  1.00 25.71 ? 140 ACT A O   1 
HETATM 1220 O  OXT . ACT C 3 .   ? 1.088   8.660   17.626  1.00 30.31 ? 140 ACT A OXT 1 
HETATM 1221 C  CH3 . ACT C 3 .   ? 3.395   8.042   18.011  1.00 36.10 ? 140 ACT A CH3 1 
HETATM 1222 S  S   . SO4 D 4 .   ? 7.942   -6.295  13.192  1.00 54.59 ? 201 SO4 A S   1 
HETATM 1223 O  O1  . SO4 D 4 .   ? 7.252   -5.505  14.121  1.00 55.55 ? 201 SO4 A O1  1 
HETATM 1224 O  O2  . SO4 D 4 .   ? 7.381   -7.657  13.062  1.00 55.09 ? 201 SO4 A O2  1 
HETATM 1225 O  O3  . SO4 D 4 .   ? 9.292   -6.537  13.526  1.00 58.00 ? 201 SO4 A O3  1 
HETATM 1226 O  O4  . SO4 D 4 .   ? 7.745   -5.794  11.884  1.00 57.04 ? 201 SO4 A O4  1 
HETATM 1227 S  S   . SO4 E 4 .   ? 13.211  -16.131 1.831   1.00 48.06 ? 202 SO4 A S   1 
HETATM 1228 O  O1  . SO4 E 4 .   ? 12.804  -15.031 2.602   1.00 47.35 ? 202 SO4 A O1  1 
HETATM 1229 O  O2  . SO4 E 4 .   ? 13.262  -15.829 0.379   1.00 49.47 ? 202 SO4 A O2  1 
HETATM 1230 O  O3  . SO4 E 4 .   ? 12.346  -17.248 1.885   1.00 47.50 ? 202 SO4 A O3  1 
HETATM 1231 O  O4  . SO4 E 4 .   ? 14.570  -16.429 2.100   1.00 49.10 ? 202 SO4 A O4  1 
HETATM 1232 MG MG  . MG  F 5 .   ? -2.739  0.249   -2.774  1.00 21.85 ? 203 MG  A MG  1 
HETATM 1233 MG MG  . MG  G 5 .   ? -3.759  13.222  6.848   1.00 24.18 ? 204 MG  A MG  1 
HETATM 1234 MG MG  . MG  H 5 .   ? -8.959  1.332   -5.394  1.00 20.98 ? 205 MG  A MG  1 
HETATM 1235 O  O   . HOH I 6 .   ? 8.937   13.872  -4.116  1.00 18.42 ? 206 HOH A O   1 
HETATM 1236 O  O   . HOH I 6 .   ? -18.831 -5.272  1.418   1.00 23.88 ? 207 HOH A O   1 
HETATM 1237 O  O   . HOH I 6 .   ? 4.996   -2.371  7.920   1.00 17.40 ? 208 HOH A O   1 
HETATM 1238 O  O   . HOH I 6 .   ? 10.446  -2.588  11.110  1.00 35.72 ? 209 HOH A O   1 
HETATM 1239 O  O   . HOH I 6 .   ? -1.940  14.064  4.720   1.00 25.06 ? 210 HOH A O   1 
HETATM 1240 O  O   . HOH I 6 .   ? 8.150   1.502   -17.179 1.00 23.94 ? 211 HOH A O   1 
HETATM 1241 O  O   . HOH I 6 .   ? -0.287  15.814  -3.509  1.00 32.54 ? 212 HOH A O   1 
HETATM 1242 O  O   . HOH I 6 .   ? -1.657  6.630   13.532  1.00 23.21 ? 213 HOH A O   1 
HETATM 1243 O  O   . HOH I 6 .   ? -5.281  -3.956  3.034   1.00 33.87 ? 214 HOH A O   1 
HETATM 1244 O  O   . HOH I 6 .   ? -13.128 -11.544 -10.390 1.00 34.78 ? 215 HOH A O   1 
HETATM 1245 O  O   . HOH I 6 .   ? -4.179  13.370  15.842  1.00 17.54 ? 216 HOH A O   1 
HETATM 1246 O  O   . HOH I 6 .   ? 3.848   11.225  -12.504 1.00 38.89 ? 217 HOH A O   1 
HETATM 1247 O  O   . HOH I 6 .   ? -8.764  -10.045 5.100   1.00 33.57 ? 218 HOH A O   1 
HETATM 1248 O  O   . HOH I 6 .   ? -11.105 0.960   -12.884 1.00 33.93 ? 219 HOH A O   1 
HETATM 1249 O  O   . HOH I 6 .   ? 1.128   -14.715 -6.492  1.00 22.37 ? 220 HOH A O   1 
HETATM 1250 O  O   . HOH I 6 .   ? -5.483  10.820  17.293  1.00 47.05 ? 221 HOH A O   1 
HETATM 1251 O  O   . HOH I 6 .   ? 5.440   -7.052  -11.090 1.00 47.89 ? 222 HOH A O   1 
HETATM 1252 O  O   . HOH I 6 .   ? -3.363  -9.711  -10.623 1.00 41.92 ? 223 HOH A O   1 
HETATM 1253 O  O   . HOH I 6 .   ? 11.726  7.597   -13.745 1.00 37.58 ? 224 HOH A O   1 
HETATM 1254 O  O   . HOH I 6 .   ? 12.724  -10.475 6.011   1.00 28.81 ? 225 HOH A O   1 
HETATM 1255 O  O   . HOH I 6 .   ? 17.616  -2.201  -4.527  1.00 26.48 ? 226 HOH A O   1 
HETATM 1256 O  O   . HOH I 6 .   ? 11.954  4.577   -10.781 1.00 34.62 ? 227 HOH A O   1 
HETATM 1257 O  O   . HOH I 6 .   ? 6.272   11.322  19.687  1.00 34.65 ? 228 HOH A O   1 
HETATM 1258 O  O   . HOH I 6 .   ? -8.169  8.093   -7.764  1.00 22.09 ? 229 HOH A O   1 
HETATM 1259 O  O   . HOH I 6 .   ? 4.090   -4.707  9.091   1.00 27.05 ? 230 HOH A O   1 
HETATM 1260 O  O   . HOH I 6 .   ? -6.739  14.079  4.228   1.00 26.40 ? 231 HOH A O   1 
HETATM 1261 O  O   . HOH I 6 .   ? -6.446  14.219  6.965   1.00 29.84 ? 232 HOH A O   1 
HETATM 1262 O  O   . HOH I 6 .   ? -4.386  9.236   -10.060 1.00 22.65 ? 233 HOH A O   1 
HETATM 1263 O  O   . HOH I 6 .   ? -5.293  10.114  -13.129 1.00 39.92 ? 234 HOH A O   1 
HETATM 1264 O  O   . HOH I 6 .   ? 8.471   -14.582 -2.555  1.00 30.81 ? 235 HOH A O   1 
HETATM 1265 O  O   . HOH I 6 .   ? 6.374   -13.335 -1.765  1.00 34.78 ? 236 HOH A O   1 
HETATM 1266 O  O   . HOH I 6 .   ? 12.351  -8.481  -1.065  1.00 20.02 ? 237 HOH A O   1 
HETATM 1267 O  O   . HOH I 6 .   ? -11.902 -15.236 -4.716  1.00 26.75 ? 238 HOH A O   1 
HETATM 1268 O  O   . HOH I 6 .   ? 0.165   17.498  -5.725  1.00 34.04 ? 239 HOH A O   1 
HETATM 1269 O  O   . HOH I 6 .   ? -6.713  13.741  -7.701  1.00 22.62 ? 240 HOH A O   1 
HETATM 1270 O  O   . HOH I 6 .   ? 15.201  -6.345  -4.043  1.00 25.14 ? 241 HOH A O   1 
HETATM 1271 O  O   . HOH I 6 .   ? 2.093   -13.321 4.383   1.00 30.75 ? 242 HOH A O   1 
HETATM 1272 O  O   . HOH I 6 .   ? -15.205 -1.726  3.737   1.00 64.77 ? 243 HOH A O   1 
HETATM 1273 O  O   . HOH I 6 .   ? 1.779   19.176  -4.256  1.00 28.32 ? 244 HOH A O   1 
HETATM 1274 O  O   . HOH I 6 .   ? 4.755   18.972  -4.221  1.00 27.28 ? 245 HOH A O   1 
HETATM 1275 O  O   . HOH I 6 .   ? 9.241   -2.174  -11.385 1.00 24.59 ? 246 HOH A O   1 
HETATM 1276 O  O   . HOH I 6 .   ? -4.407  -10.806 3.546   1.00 42.09 ? 247 HOH A O   1 
HETATM 1277 O  O   . HOH I 6 .   ? -16.148 -8.352  -13.502 1.00 34.18 ? 248 HOH A O   1 
HETATM 1278 O  O   . HOH I 6 .   ? -15.670 -5.384  -13.788 1.00 21.77 ? 249 HOH A O   1 
HETATM 1279 O  O   . HOH I 6 .   ? -9.688  1.770   -10.763 1.00 22.12 ? 250 HOH A O   1 
HETATM 1280 O  O   . HOH I 6 .   ? -2.997  15.227  8.734   1.00 32.23 ? 251 HOH A O   1 
HETATM 1281 O  O   . HOH I 6 .   ? -1.859  18.870  -6.240  1.00 26.13 ? 252 HOH A O   1 
HETATM 1282 O  O   . HOH I 6 .   ? 18.532  0.156   -1.435  1.00 31.39 ? 253 HOH A O   1 
HETATM 1283 O  O   . HOH I 6 .   ? -5.060  15.494  2.863   1.00 31.92 ? 254 HOH A O   1 
HETATM 1284 O  O   . HOH I 6 .   ? 9.529   -5.490  9.579   1.00 37.24 ? 255 HOH A O   1 
HETATM 1285 O  O   . HOH I 6 .   ? 6.625   -8.439  -8.583  1.00 37.57 ? 256 HOH A O   1 
HETATM 1286 O  O   . HOH I 6 .   ? -4.914  -0.533  -16.146 1.00 43.29 ? 257 HOH A O   1 
HETATM 1287 O  O   . HOH I 6 .   ? 12.588  -5.997  -8.235  1.00 31.42 ? 258 HOH A O   1 
HETATM 1288 O  O   . HOH I 6 .   ? 5.584   -5.851  -14.958 1.00 34.87 ? 259 HOH A O   1 
HETATM 1289 O  O   . HOH I 6 .   ? 1.044   19.927  2.366   1.00 40.93 ? 260 HOH A O   1 
HETATM 1290 O  O   . HOH I 6 .   ? -12.342 8.446   -10.463 1.00 30.48 ? 261 HOH A O   1 
HETATM 1291 O  O   . HOH I 6 .   ? -9.570  -3.706  -17.954 1.00 36.20 ? 262 HOH A O   1 
HETATM 1292 O  O   . HOH I 6 .   ? 15.372  -10.681 -4.324  1.00 47.44 ? 263 HOH A O   1 
HETATM 1293 O  O   . HOH I 6 .   ? -5.609  15.323  13.014  1.00 32.64 ? 264 HOH A O   1 
HETATM 1294 O  O   . HOH I 6 .   ? 15.103  -6.979  -1.227  1.00 26.71 ? 265 HOH A O   1 
HETATM 1295 O  O   . HOH I 6 .   ? -5.042  16.299  10.494  1.00 28.16 ? 266 HOH A O   1 
HETATM 1296 O  O   . HOH I 6 .   ? 17.420  -5.239  -3.725  1.00 44.44 ? 267 HOH A O   1 
HETATM 1297 O  O   . HOH I 6 .   ? 5.576   9.566   -11.265 1.00 36.90 ? 268 HOH A O   1 
HETATM 1298 O  O   . HOH I 6 .   ? 4.965   -12.251 6.211   1.00 35.70 ? 269 HOH A O   1 
HETATM 1299 O  O   . HOH I 6 .   ? 6.471   -10.920 7.946   1.00 45.63 ? 270 HOH A O   1 
HETATM 1300 O  O   . HOH I 6 .   ? -11.524 -15.231 -7.524  1.00 44.28 ? 271 HOH A O   1 
HETATM 1301 O  O   . HOH I 6 .   ? 3.037   5.120   -15.651 1.00 22.09 ? 272 HOH A O   1 
HETATM 1302 O  O   . HOH I 6 .   ? -15.046 -12.991 1.310   1.00 33.46 ? 273 HOH A O   1 
HETATM 1303 O  O   . HOH I 6 .   ? 1.406   20.276  8.069   1.00 27.42 ? 274 HOH A O   1 
HETATM 1304 O  O   . HOH I 6 .   ? -3.242  4.681   -14.208 1.00 33.03 ? 275 HOH A O   1 
HETATM 1305 O  O   . HOH I 6 .   ? -9.468  8.882   -10.060 1.00 25.00 ? 276 HOH A O   1 
HETATM 1306 O  O   . HOH I 6 .   ? 4.887   -6.364  12.938  1.00 44.02 ? 277 HOH A O   1 
HETATM 1307 O  O   . HOH I 6 .   ? -0.966  -0.952  -16.272 1.00 45.32 ? 278 HOH A O   1 
HETATM 1308 O  O   . HOH I 6 .   ? -5.867  11.100  -8.287  1.00 29.59 ? 279 HOH A O   1 
HETATM 1309 O  O   . HOH I 6 .   ? -5.231  15.878  16.925  1.00 37.60 ? 280 HOH A O   1 
HETATM 1310 O  O   . HOH I 6 .   ? 10.875  -7.100  10.635  1.00 36.66 ? 281 HOH A O   1 
HETATM 1311 O  O   . HOH I 6 .   ? 3.448   -11.123 -9.770  1.00 29.53 ? 282 HOH A O   1 
HETATM 1312 O  O   . HOH I 6 .   ? -14.092 -14.646 3.267   1.00 38.30 ? 283 HOH A O   1 
HETATM 1313 O  O   . HOH I 6 .   ? 1.443   20.780  4.919   1.00 43.33 ? 284 HOH A O   1 
HETATM 1314 O  O   . HOH I 6 .   ? -14.750 -12.789 6.060   1.00 38.73 ? 285 HOH A O   1 
HETATM 1315 O  O   . HOH I 6 .   ? 1.922   -8.778  10.101  1.00 48.29 ? 286 HOH A O   1 
HETATM 1316 O  O   . HOH I 6 .   ? -1.644  -3.261  4.453   1.00 30.61 ? 287 HOH A O   1 
HETATM 1317 O  O   . HOH J 6 .   ? 4.883   3.534   9.522   1.00 20.23 ? 65  HOH B O   1 
HETATM 1318 O  O   . HOH J 6 .   ? 12.318  2.725   -6.602  1.00 21.10 ? 66  HOH B O   1 
HETATM 1319 O  O   . HOH J 6 .   ? 17.505  9.719   12.054  1.00 23.18 ? 67  HOH B O   1 
HETATM 1320 O  O   . HOH J 6 .   ? 15.117  2.470   -8.721  1.00 29.90 ? 68  HOH B O   1 
HETATM 1321 O  O   . HOH J 6 .   ? 3.593   -1.012  11.568  1.00 39.03 ? 69  HOH B O   1 
HETATM 1322 O  O   . HOH J 6 .   ? 18.264  -0.971  -6.634  1.00 49.12 ? 70  HOH B O   1 
HETATM 1323 O  O   . HOH J 6 .   ? 13.067  5.312   8.593   1.00 33.72 ? 71  HOH B O   1 
# 
